data_3Q9J
# 
_entry.id   3Q9J 
# 
_audit_conform.dict_name       mmcif_pdbx.dic 
_audit_conform.dict_version    5.381 
_audit_conform.dict_location   http://mmcif.pdb.org/dictionaries/ascii/mmcif_pdbx.dic 
# 
loop_
_database_2.database_id 
_database_2.database_code 
_database_2.pdbx_database_accession 
_database_2.pdbx_DOI 
PDB   3Q9J         pdb_00003q9j 10.2210/pdb3q9j/pdb 
RCSB  RCSB063364   ?            ?                   
WWPDB D_1000063364 ?            ?                   
# 
loop_
_pdbx_database_related.db_name 
_pdbx_database_related.db_id 
_pdbx_database_related.details 
_pdbx_database_related.content_type 
PDB 3Q9I 'A different segment of amyloid beta (LVFFA) displayed on a similar macrocycle framework' unspecified 
PDB 3Q9H 'A different segment of amyloid beta (LVFFA) displayed on a similar macrocycle framework' unspecified 
PDB 3Q9G 'A segment of tau (VQIVY) displayed on a similar macrocycle framework'                    unspecified 
# 
_pdbx_database_status.entry_id                        3Q9J 
_pdbx_database_status.status_code                     REL 
_pdbx_database_status.deposit_site                    RCSB 
_pdbx_database_status.process_site                    RCSB 
_pdbx_database_status.recvd_initial_deposition_date   2011-01-07 
_pdbx_database_status.status_code_sf                  REL 
_pdbx_database_status.status_code_mr                  ? 
_pdbx_database_status.SG_entry                        ? 
_pdbx_database_status.status_code_cs                  ? 
_pdbx_database_status.pdb_format_compatible           Y 
_pdbx_database_status.status_code_nmr_data            ? 
_pdbx_database_status.methods_development_category    ? 
# 
loop_
_audit_author.name 
_audit_author.pdbx_ordinal 
'Liu, C.'       1 
'Sawaya, M.R.'  2 
'Eisenberg, D.' 3 
'Nowick, J.S.'  4 
'Cheng, P.'     5 
'Zheng, J.'     6 
# 
_citation.id                        primary 
_citation.title                     
'Characteristics of Amyloid-Related Oligomers Revealed by Crystal Structures of Macrocyclic beta-Sheet Mimics.' 
_citation.journal_abbrev            J.Am.Chem.Soc. 
_citation.journal_volume            133 
_citation.page_first                6736 
_citation.page_last                 6744 
_citation.year                      2011 
_citation.journal_id_ASTM           JACSAT 
_citation.country                   US 
_citation.journal_id_ISSN           0002-7863 
_citation.journal_id_CSD            0004 
_citation.book_publisher            ? 
_citation.pdbx_database_id_PubMed   21473620 
_citation.pdbx_database_id_DOI      10.1021/ja200222n 
# 
loop_
_citation_author.citation_id 
_citation_author.name 
_citation_author.ordinal 
_citation_author.identifier_ORCID 
primary 'Liu, C.'       1 ? 
primary 'Sawaya, M.R.'  2 ? 
primary 'Cheng, P.N.'   3 ? 
primary 'Zheng, J.'     4 ? 
primary 'Nowick, J.S.'  5 ? 
primary 'Eisenberg, D.' 6 ? 
# 
_cell.length_a           41.780 
_cell.length_b           41.780 
_cell.length_c           63.060 
_cell.angle_alpha        90.000 
_cell.angle_beta         90.000 
_cell.angle_gamma        120.000 
_cell.entry_id           3Q9J 
_cell.pdbx_unique_axis   ? 
_cell.Z_PDB              24 
_cell.length_a_esd       ? 
_cell.length_b_esd       ? 
_cell.length_c_esd       ? 
_cell.angle_alpha_esd    ? 
_cell.angle_beta_esd     ? 
_cell.angle_gamma_esd    ? 
# 
_symmetry.space_group_name_H-M             'P 31' 
_symmetry.entry_id                         3Q9J 
_symmetry.Int_Tables_number                144 
_symmetry.pdbx_full_space_group_name_H-M   ? 
_symmetry.cell_setting                     ? 
_symmetry.space_group_name_Hall            ? 
# 
loop_
_entity.id 
_entity.type 
_entity.src_method 
_entity.pdbx_description 
_entity.formula_weight 
_entity.pdbx_number_of_molecules 
_entity.pdbx_ec 
_entity.pdbx_mutation 
_entity.pdbx_fragment 
_entity.details 
1 polymer     syn 'Cyclic pseudo-peptide AIIFL(ORN)(HAO)YK(ORN)' 1331.581 8  ? G4F ? 
;AIIFL segment derived from Alzheimer's Amyloid-Beta displayed on 42-membered macrocycle scaffold
;
2 non-polymer syn 'ZINC ION'                                     65.409   8  ? ?   ? ? 
3 non-polymer syn GLYCEROL                                       92.094   3  ? ?   ? ? 
4 non-polymer syn 'CHLORIDE ION'                                 35.453   4  ? ?   ? ? 
5 water       nat water                                          18.015   18 ? ?   ? ? 
# 
_entity_poly.entity_id                      1 
_entity_poly.type                           'polypeptide(L)' 
_entity_poly.nstd_linkage                   no 
_entity_poly.nstd_monomer                   yes 
_entity_poly.pdbx_seq_one_letter_code       'AIIFL(ORN)(HAO)YK(ORN)' 
_entity_poly.pdbx_seq_one_letter_code_can   AIIFLAXYKA 
_entity_poly.pdbx_strand_id                 A,B,C,D,E,F,G,H 
_entity_poly.pdbx_target_identifier         ? 
# 
loop_
_entity_poly_seq.entity_id 
_entity_poly_seq.num 
_entity_poly_seq.mon_id 
_entity_poly_seq.hetero 
1 1  ALA n 
1 2  ILE n 
1 3  ILE n 
1 4  PHE n 
1 5  LEU n 
1 6  ORN n 
1 7  HAO n 
1 8  TYR n 
1 9  LYS n 
1 10 ORN n 
# 
_struct_ref.id                         1 
_struct_ref.db_name                    PDB 
_struct_ref.db_code                    3Q9J 
_struct_ref.pdbx_db_accession          3Q9J 
_struct_ref.entity_id                  1 
_struct_ref.pdbx_align_begin           1 
_struct_ref.pdbx_seq_one_letter_code   AIIFLAXYKA 
_struct_ref.pdbx_db_isoform            ? 
# 
loop_
_struct_ref_seq.align_id 
_struct_ref_seq.ref_id 
_struct_ref_seq.pdbx_PDB_id_code 
_struct_ref_seq.pdbx_strand_id 
_struct_ref_seq.seq_align_beg 
_struct_ref_seq.pdbx_seq_align_beg_ins_code 
_struct_ref_seq.seq_align_end 
_struct_ref_seq.pdbx_seq_align_end_ins_code 
_struct_ref_seq.pdbx_db_accession 
_struct_ref_seq.db_align_beg 
_struct_ref_seq.pdbx_db_align_beg_ins_code 
_struct_ref_seq.db_align_end 
_struct_ref_seq.pdbx_db_align_end_ins_code 
_struct_ref_seq.pdbx_auth_seq_align_beg 
_struct_ref_seq.pdbx_auth_seq_align_end 
1 1 3Q9J A 1 ? 10 ? 3Q9J 1 ? 10 ? 1 10 
2 1 3Q9J B 1 ? 10 ? 3Q9J 1 ? 10 ? 1 10 
3 1 3Q9J C 1 ? 10 ? 3Q9J 1 ? 10 ? 1 10 
4 1 3Q9J D 1 ? 10 ? 3Q9J 1 ? 10 ? 1 10 
5 1 3Q9J E 1 ? 10 ? 3Q9J 1 ? 10 ? 1 10 
6 1 3Q9J F 1 ? 10 ? 3Q9J 1 ? 10 ? 1 10 
7 1 3Q9J G 1 ? 10 ? 3Q9J 1 ? 10 ? 1 10 
8 1 3Q9J H 1 ? 10 ? 3Q9J 1 ? 10 ? 1 10 
# 
loop_
_chem_comp.id 
_chem_comp.type 
_chem_comp.mon_nstd_flag 
_chem_comp.name 
_chem_comp.pdbx_synonyms 
_chem_comp.formula 
_chem_comp.formula_weight 
ALA 'L-peptide linking' y ALANINE                                                          ?                               
'C3 H7 N O2'     89.093  
CL  non-polymer         . 'CHLORIDE ION'                                                   ?                               'Cl -1' 
35.453  
GOL non-polymer         . GLYCEROL                                                         'GLYCERIN; PROPANE-1,2,3-TRIOL' 
'C3 H8 O3'       92.094  
HAO peptide-like        . '{[3-(hydrazinocarbonyl)-4-methoxyphenyl]amino}(oxo)acetic acid' ?                               
'C10 H11 N3 O5'  253.211 
HOH non-polymer         . WATER                                                            ?                               'H2 O' 
18.015  
ILE 'L-peptide linking' y ISOLEUCINE                                                       ?                               
'C6 H13 N O2'    131.173 
LEU 'L-peptide linking' y LEUCINE                                                          ?                               
'C6 H13 N O2'    131.173 
LYS 'L-peptide linking' y LYSINE                                                           ?                               
'C6 H15 N2 O2 1' 147.195 
ORN 'L-peptide linking' n L-ornithine                                                      ?                               
'C5 H12 N2 O2'   132.161 
PHE 'L-peptide linking' y PHENYLALANINE                                                    ?                               
'C9 H11 N O2'    165.189 
TYR 'L-peptide linking' y TYROSINE                                                         ?                               
'C9 H11 N O3'    181.189 
ZN  non-polymer         . 'ZINC ION'                                                       ?                               'Zn 2' 
65.409  
# 
_exptl.crystals_number   1 
_exptl.entry_id          3Q9J 
_exptl.method            'X-RAY DIFFRACTION' 
# 
_exptl_crystal.id                    1 
_exptl_crystal.density_Matthews      2.98 
_exptl_crystal.density_meas          ? 
_exptl_crystal.density_percent_sol   58.76 
_exptl_crystal.description           ? 
_exptl_crystal.F_000                 ? 
_exptl_crystal.preparation           ? 
# 
_exptl_crystal_grow.crystal_id      1 
_exptl_crystal_grow.method          'VAPOR DIFFUSION, SITTING DROP' 
_exptl_crystal_grow.pH              6.0 
_exptl_crystal_grow.temp            298 
_exptl_crystal_grow.pdbx_details    
'0.00015 M zinc acetate, 0.1M MES pH 6.2, 12.5% PEG 8000, vapor diffusion, sitting drop, temperature 298K' 
_exptl_crystal_grow.temp_details    ? 
_exptl_crystal_grow.pdbx_pH_range   ? 
# 
_diffrn.id                     1 
_diffrn.ambient_temp           100 
_diffrn.ambient_temp_details   ? 
_diffrn.crystal_id             1 
# 
_diffrn_detector.diffrn_id              1 
_diffrn_detector.detector               CCD 
_diffrn_detector.type                   'ADSC QUANTUM 315' 
_diffrn_detector.pdbx_collection_date   2010-04-25 
_diffrn_detector.details                ? 
# 
_diffrn_radiation.diffrn_id                        1 
_diffrn_radiation.pdbx_diffrn_protocol             'SINGLE WAVELENGTH' 
_diffrn_radiation.monochromator                    ? 
_diffrn_radiation.wavelength_id                    1 
_diffrn_radiation.pdbx_monochromatic_or_laue_m_l   M 
_diffrn_radiation.pdbx_scattering_type             x-ray 
# 
loop_
_diffrn_radiation_wavelength.id 
_diffrn_radiation_wavelength.wavelength 
_diffrn_radiation_wavelength.wt 
1 0.9197 1.0 
2 0.9129 1.0 
# 
_diffrn_source.diffrn_id                   1 
_diffrn_source.source                      SYNCHROTRON 
_diffrn_source.type                        'APS BEAMLINE 24-ID-C' 
_diffrn_source.pdbx_wavelength_list        '0.9197, 0.9129' 
_diffrn_source.pdbx_wavelength             ? 
_diffrn_source.pdbx_synchrotron_site       APS 
_diffrn_source.pdbx_synchrotron_beamline   24-ID-C 
# 
_reflns.entry_id                     3Q9J 
_reflns.d_resolution_high            2.550 
_reflns.number_obs                   3979 
_reflns.pdbx_Rmerge_I_obs            0.039 
_reflns.pdbx_netI_over_sigmaI        14.570 
_reflns.percent_possible_obs         98.100 
_reflns.B_iso_Wilson_estimate        71.594 
_reflns.observed_criterion_sigma_I   -3.000 
_reflns.observed_criterion_sigma_F   ? 
_reflns.d_resolution_low             20.0 
_reflns.number_all                   ? 
_reflns.pdbx_Rsym_value              ? 
_reflns.pdbx_redundancy              ? 
_reflns.R_free_details               ? 
_reflns.limit_h_max                  ? 
_reflns.limit_h_min                  ? 
_reflns.limit_k_max                  ? 
_reflns.limit_k_min                  ? 
_reflns.limit_l_max                  ? 
_reflns.limit_l_min                  ? 
_reflns.observed_criterion_F_max     ? 
_reflns.observed_criterion_F_min     ? 
_reflns.pdbx_chi_squared             ? 
_reflns.pdbx_scaling_rejects         ? 
_reflns.pdbx_ordinal                 1 
_reflns.pdbx_diffrn_id               1 
# 
loop_
_reflns_shell.d_res_high 
_reflns_shell.d_res_low 
_reflns_shell.number_measured_obs 
_reflns_shell.number_measured_all 
_reflns_shell.number_unique_obs 
_reflns_shell.Rmerge_I_obs 
_reflns_shell.meanI_over_sigI_obs 
_reflns_shell.pdbx_Rsym_value 
_reflns_shell.pdbx_chi_squared 
_reflns_shell.pdbx_redundancy 
_reflns_shell.percent_possible_obs 
_reflns_shell.number_unique_all 
_reflns_shell.percent_possible_all 
_reflns_shell.pdbx_ordinal 
_reflns_shell.pdbx_diffrn_id 
2.550  2.620  1423 ? 616 0.509 1.6  ? ? ? ? ? 100.000 1  1 
2.620  2.690  1195 ? 547 0.657 1.6  ? ? ? ? ? 99.500  2  1 
2.690  2.770  1359 ? 594 0.620 2.0  ? ? ? ? ? 99.000  3  1 
2.770  2.850  1130 ? 502 0.299 2.8  ? ? ? ? ? 100.000 4  1 
2.850  2.940  1190 ? 528 0.169 5.0  ? ? ? ? ? 100.000 5  1 
2.940  3.050  1178 ? 522 0.131 6.6  ? ? ? ? ? 100.000 6  1 
3.050  3.160  1209 ? 536 0.097 8.6  ? ? ? ? ? 100.000 7  1 
3.160  3.290  1023 ? 450 0.096 8.2  ? ? ? ? ? 100.000 8  1 
3.290  3.440  1036 ? 466 0.086 10.2 ? ? ? ? ? 98.700  9  1 
3.440  3.610  884  ? 404 0.040 19.9 ? ? ? ? ? 99.000  10 1 
3.610  3.800  1016 ? 445 0.034 22.5 ? ? ? ? ? 99.800  11 1 
3.800  4.030  776  ? 367 0.028 24.4 ? ? ? ? ? 99.200  12 1 
4.030  4.310  789  ? 349 0.023 31.8 ? ? ? ? ? 99.100  13 1 
4.310  4.660  795  ? 356 0.024 33.4 ? ? ? ? ? 98.300  14 1 
4.660  5.100  631  ? 293 0.022 31.0 ? ? ? ? ? 93.900  15 1 
5.100  5.700  560  ? 256 0.022 28.9 ? ? ? ? ? 94.800  16 1 
5.700  6.580  558  ? 247 0.020 33.4 ? ? ? ? ? 94.300  17 1 
6.580  8.060  485  ? 216 0.019 40.7 ? ? ? ? ? 95.600  18 1 
8.060  11.410 278  ? 128 0.017 40.9 ? ? ? ? ? 85.300  19 1 
11.410 ?      120  ? 56  0.018 43.3 ? ? ? ? ? 59.600  20 1 
# 
_refine.entry_id                                 3Q9J 
_refine.ls_d_res_high                            2.5500 
_refine.ls_d_res_low                             18.1800 
_refine.pdbx_ls_sigma_F                          0.000 
_refine.pdbx_data_cutoff_high_absF               ? 
_refine.pdbx_data_cutoff_low_absF                ? 
_refine.ls_percent_reflns_obs                    ? 
_refine.ls_number_reflns_obs                     3980 
_refine.ls_number_reflns_all                     ? 
_refine.pdbx_ls_cross_valid_method               THROUGHOUT 
_refine.pdbx_R_Free_selection_details            RANDOM 
_refine.details                                  ? 
_refine.ls_R_factor_all                          ? 
_refine.ls_R_factor_obs                          0.1805 
_refine.ls_R_factor_R_work                       0.1756 
_refine.ls_wR_factor_R_work                      ? 
_refine.ls_R_factor_R_free                       0.2226 
_refine.ls_wR_factor_R_free                      ? 
_refine.ls_percent_reflns_R_free                 10.0000 
_refine.ls_number_reflns_R_free                  398 
_refine.ls_R_factor_R_free_error                 ? 
_refine.B_iso_mean                               73.1327 
_refine.solvent_model_param_bsol                 ? 
_refine.solvent_model_param_ksol                 ? 
_refine.pdbx_isotropic_thermal_model             ? 
_refine.aniso_B[1][1]                            -9.4762 
_refine.aniso_B[2][2]                            -9.4762 
_refine.aniso_B[3][3]                            18.9523 
_refine.aniso_B[1][2]                            0.0000 
_refine.aniso_B[1][3]                            0.0000 
_refine.aniso_B[2][3]                            0.0000 
_refine.correlation_coeff_Fo_to_Fc               0.9314 
_refine.correlation_coeff_Fo_to_Fc_free          0.9280 
_refine.overall_SU_R_Cruickshank_DPI             ? 
_refine.overall_SU_R_free                        ? 
_refine.pdbx_overall_ESU_R_Free                  ? 
_refine.overall_SU_ML                            ? 
_refine.overall_SU_B                             ? 
_refine.solvent_model_details                    ? 
_refine.pdbx_solvent_vdw_probe_radii             ? 
_refine.pdbx_solvent_ion_probe_radii             ? 
_refine.pdbx_solvent_shrinkage_radii             ? 
_refine.ls_number_parameters                     ? 
_refine.ls_number_restraints                     ? 
_refine.pdbx_starting_model                      ? 
_refine.pdbx_method_to_determine_struct          MAD 
_refine.pdbx_stereochemistry_target_values       ? 
_refine.pdbx_stereochem_target_val_spec_case     ? 
_refine.overall_FOM_work_R_set                   ? 
_refine.B_iso_max                                289.960 
_refine.B_iso_min                                30.590 
_refine.occupancy_max                            1.000 
_refine.occupancy_min                            0.500 
_refine.pdbx_ls_sigma_I                          ? 
_refine.ls_redundancy_reflns_obs                 ? 
_refine.ls_R_factor_R_free_error_details         ? 
_refine.pdbx_data_cutoff_high_rms_absF           ? 
_refine.overall_FOM_free_R_set                   ? 
_refine.pdbx_overall_phase_error                 ? 
_refine.pdbx_refine_id                           'X-RAY DIFFRACTION' 
_refine.pdbx_overall_ESU_R                       ? 
_refine.pdbx_diffrn_id                           1 
_refine.pdbx_TLS_residual_ADP_flag               ? 
_refine.pdbx_overall_SU_R_free_Cruickshank_DPI   ? 
_refine.pdbx_overall_SU_R_Blow_DPI               ? 
_refine.pdbx_overall_SU_R_free_Blow_DPI          ? 
# 
_refine_analyze.entry_id                        3Q9J 
_refine_analyze.Luzzati_coordinate_error_obs    0.437 
_refine_analyze.Luzzati_sigma_a_obs             ? 
_refine_analyze.Luzzati_d_res_low_obs           ? 
_refine_analyze.Luzzati_coordinate_error_free   ? 
_refine_analyze.Luzzati_sigma_a_free            ? 
_refine_analyze.Luzzati_d_res_low_free          ? 
_refine_analyze.number_disordered_residues      ? 
_refine_analyze.occupancy_sum_non_hydrogen      ? 
_refine_analyze.occupancy_sum_hydrogen          ? 
_refine_analyze.pdbx_Luzzati_d_res_high_obs     ? 
_refine_analyze.pdbx_refine_id                  'X-RAY DIFFRACTION' 
# 
_refine_hist.pdbx_refine_id                   'X-RAY DIFFRACTION' 
_refine_hist.cycle_id                         LAST 
_refine_hist.pdbx_number_atoms_protein        752 
_refine_hist.pdbx_number_atoms_nucleic_acid   0 
_refine_hist.pdbx_number_atoms_ligand         30 
_refine_hist.number_atoms_solvent             18 
_refine_hist.number_atoms_total               800 
_refine_hist.d_res_high                       2.5500 
_refine_hist.d_res_low                        18.1800 
# 
loop_
_refine_ls_restr.type 
_refine_ls_restr.number 
_refine_ls_restr.dev_ideal 
_refine_ls_restr.dev_ideal_target 
_refine_ls_restr.weight 
_refine_ls_restr.pdbx_refine_id 
_refine_ls_restr.pdbx_restraint_function 
t_dihedral_angle_d        190  ?      ? 2.000  'X-RAY DIFFRACTION' ? 
t_trig_c_planes           40   ?      ? 2.000  'X-RAY DIFFRACTION' ? 
t_gen_planes              200  ?      ? 5.000  'X-RAY DIFFRACTION' ? 
t_it                      623  ?      ? 20.000 'X-RAY DIFFRACTION' ? 
t_nbd                     1    ?      ? 5.000  'X-RAY DIFFRACTION' ? 
t_improper_torsion        ?    ?      ? ?      'X-RAY DIFFRACTION' ? 
t_pseud_angle             ?    ?      ? ?      'X-RAY DIFFRACTION' ? 
t_chiral_improper_torsion 80   ?      ? 5.000  'X-RAY DIFFRACTION' ? 
t_sum_occupancies         ?    ?      ? ?      'X-RAY DIFFRACTION' ? 
t_utility_distance        ?    ?      ? ?      'X-RAY DIFFRACTION' ? 
t_utility_angle           ?    ?      ? ?      'X-RAY DIFFRACTION' ? 
t_utility_torsion         ?    ?      ? ?      'X-RAY DIFFRACTION' ? 
t_ideal_dist_contact      947  ?      ? 4.000  'X-RAY DIFFRACTION' ? 
t_bond_d                  871  0.010  ? 2.000  'X-RAY DIFFRACTION' ? 
t_angle_deg               1175 1.120  ? 2.000  'X-RAY DIFFRACTION' ? 
t_omega_torsion           ?    4.150  ? ?      'X-RAY DIFFRACTION' ? 
t_other_torsion           ?    20.730 ? ?      'X-RAY DIFFRACTION' ? 
# 
_refine_ls_shell.d_res_high                       2.5500 
_refine_ls_shell.d_res_low                        2.8500 
_refine_ls_shell.pdbx_total_number_of_bins_used   5 
_refine_ls_shell.percent_reflns_obs               ? 
_refine_ls_shell.number_reflns_R_work             1021 
_refine_ls_shell.R_factor_all                     0.1980 
_refine_ls_shell.R_factor_R_work                  0.1889 
_refine_ls_shell.R_factor_R_free                  0.2844 
_refine_ls_shell.percent_reflns_R_free            9.9600 
_refine_ls_shell.number_reflns_R_free             113 
_refine_ls_shell.R_factor_R_free_error            ? 
_refine_ls_shell.number_reflns_all                1134 
_refine_ls_shell.number_reflns_obs                ? 
_refine_ls_shell.redundancy_reflns_obs            ? 
_refine_ls_shell.pdbx_refine_id                   'X-RAY DIFFRACTION' 
# 
_struct.entry_id                  3Q9J 
_struct.title                     
;AIIFL segment derived from Alzheimer's Amyloid-Beta displayed on 42-membered macrocycle scaffold
;
_struct.pdbx_model_details        ? 
_struct.pdbx_CASP_flag            ? 
_struct.pdbx_model_type_details   ? 
# 
_struct_keywords.entry_id        3Q9J 
_struct_keywords.text            
'beta sheet tetramer, macrocyclic peptide, beta-sheet mimic, amyloid-like oligomer, PROTEIN FIBRIL' 
_struct_keywords.pdbx_keywords   'PROTEIN FIBRIL' 
# 
loop_
_struct_asym.id 
_struct_asym.pdbx_blank_PDB_chainid_flag 
_struct_asym.pdbx_modified 
_struct_asym.entity_id 
_struct_asym.details 
A  N N 1 ? 
B  N N 1 ? 
C  N N 1 ? 
D  N N 1 ? 
E  N N 1 ? 
F  N N 1 ? 
G  N N 1 ? 
H  N N 1 ? 
I  N N 2 ? 
J  N N 2 ? 
K  N N 3 ? 
L  N N 2 ? 
M  N N 2 ? 
N  N N 4 ? 
O  N N 4 ? 
P  N N 4 ? 
Q  N N 2 ? 
R  N N 2 ? 
S  N N 4 ? 
T  N N 2 ? 
U  N N 2 ? 
V  N N 3 ? 
W  N N 3 ? 
X  N N 5 ? 
Y  N N 5 ? 
Z  N N 5 ? 
AA N N 5 ? 
BA N N 5 ? 
# 
_struct_biol.id        1 
_struct_biol.details   ? 
# 
loop_
_struct_conn.id 
_struct_conn.conn_type_id 
_struct_conn.pdbx_leaving_atom_flag 
_struct_conn.pdbx_PDB_id 
_struct_conn.ptnr1_label_asym_id 
_struct_conn.ptnr1_label_comp_id 
_struct_conn.ptnr1_label_seq_id 
_struct_conn.ptnr1_label_atom_id 
_struct_conn.pdbx_ptnr1_label_alt_id 
_struct_conn.pdbx_ptnr1_PDB_ins_code 
_struct_conn.pdbx_ptnr1_standard_comp_id 
_struct_conn.ptnr1_symmetry 
_struct_conn.ptnr2_label_asym_id 
_struct_conn.ptnr2_label_comp_id 
_struct_conn.ptnr2_label_seq_id 
_struct_conn.ptnr2_label_atom_id 
_struct_conn.pdbx_ptnr2_label_alt_id 
_struct_conn.pdbx_ptnr2_PDB_ins_code 
_struct_conn.ptnr1_auth_asym_id 
_struct_conn.ptnr1_auth_comp_id 
_struct_conn.ptnr1_auth_seq_id 
_struct_conn.ptnr2_auth_asym_id 
_struct_conn.ptnr2_auth_comp_id 
_struct_conn.ptnr2_auth_seq_id 
_struct_conn.ptnr2_symmetry 
_struct_conn.pdbx_ptnr3_label_atom_id 
_struct_conn.pdbx_ptnr3_label_seq_id 
_struct_conn.pdbx_ptnr3_label_comp_id 
_struct_conn.pdbx_ptnr3_label_asym_id 
_struct_conn.pdbx_ptnr3_label_alt_id 
_struct_conn.pdbx_ptnr3_PDB_ins_code 
_struct_conn.details 
_struct_conn.pdbx_dist_value 
_struct_conn.pdbx_value_order 
_struct_conn.pdbx_role 
covale1  covale both ? A ALA 1  N  ? ? ? 1_555 A  ORN 10 C  ? ? A ALA 1  A ORN 10 1_555 ? ? ? ? ? ? ? 1.242 ? ? 
covale2  covale both ? A LEU 5  C  ? ? ? 1_555 A  ORN 6  NE ? ? A LEU 5  A ORN 6  1_555 ? ? ? ? ? ? ? 1.291 ? ? 
covale3  covale both ? A ORN 6  C  ? ? ? 1_555 A  HAO 7  N  ? ? A ORN 6  A HAO 7  1_555 ? ? ? ? ? ? ? 1.344 ? ? 
covale4  covale both ? A HAO 7  C  ? ? ? 1_555 A  TYR 8  N  ? ? A HAO 7  A TYR 8  1_555 ? ? ? ? ? ? ? 1.345 ? ? 
covale5  covale both ? A LYS 9  C  ? ? ? 1_555 A  ORN 10 NE ? ? A LYS 9  A ORN 10 1_555 ? ? ? ? ? ? ? 1.395 ? ? 
covale6  covale both ? B ALA 1  N  ? ? ? 1_555 B  ORN 10 C  ? ? B ALA 1  B ORN 10 1_555 ? ? ? ? ? ? ? 1.223 ? ? 
covale7  covale both ? B LEU 5  C  ? ? ? 1_555 B  ORN 6  NE ? ? B LEU 5  B ORN 6  1_555 ? ? ? ? ? ? ? 1.310 ? ? 
covale8  covale both ? B ORN 6  C  ? ? ? 1_555 B  HAO 7  N  ? ? B ORN 6  B HAO 7  1_555 ? ? ? ? ? ? ? 1.323 ? ? 
covale9  covale both ? B HAO 7  C  ? ? ? 1_555 B  TYR 8  N  ? ? B HAO 7  B TYR 8  1_555 ? ? ? ? ? ? ? 1.335 ? ? 
covale10 covale both ? B LYS 9  C  ? ? ? 1_555 B  ORN 10 NE ? ? B LYS 9  B ORN 10 1_555 ? ? ? ? ? ? ? 1.398 ? ? 
covale11 covale both ? C ALA 1  N  ? ? ? 1_555 C  ORN 10 C  ? ? C ALA 1  C ORN 10 1_555 ? ? ? ? ? ? ? 1.245 ? ? 
covale12 covale both ? C LEU 5  C  ? ? ? 1_555 C  ORN 6  NE ? ? C LEU 5  C ORN 6  1_555 ? ? ? ? ? ? ? 1.332 ? ? 
covale13 covale both ? C ORN 6  C  ? ? ? 1_555 C  HAO 7  N  ? ? C ORN 6  C HAO 7  1_555 ? ? ? ? ? ? ? 1.329 ? ? 
covale14 covale both ? C HAO 7  C  ? ? ? 1_555 C  TYR 8  N  ? ? C HAO 7  C TYR 8  1_555 ? ? ? ? ? ? ? 1.346 ? ? 
covale15 covale both ? C LYS 9  C  ? ? ? 1_555 C  ORN 10 NE ? ? C LYS 9  C ORN 10 1_555 ? ? ? ? ? ? ? 1.413 ? ? 
covale16 covale both ? D ALA 1  N  ? ? ? 1_555 D  ORN 10 C  ? ? D ALA 1  D ORN 10 1_555 ? ? ? ? ? ? ? 1.230 ? ? 
covale17 covale both ? D LEU 5  C  ? ? ? 1_555 D  ORN 6  NE ? ? D LEU 5  D ORN 6  1_555 ? ? ? ? ? ? ? 1.335 ? ? 
covale18 covale both ? D ORN 6  C  ? ? ? 1_555 D  HAO 7  N  ? ? D ORN 6  D HAO 7  1_555 ? ? ? ? ? ? ? 1.309 ? ? 
covale19 covale both ? D HAO 7  C  ? ? ? 1_555 D  TYR 8  N  ? ? D HAO 7  D TYR 8  1_555 ? ? ? ? ? ? ? 1.349 ? ? 
covale20 covale both ? D LYS 9  C  ? ? ? 1_555 D  ORN 10 NE ? ? D LYS 9  D ORN 10 1_555 ? ? ? ? ? ? ? 1.419 ? ? 
covale21 covale both ? E ALA 1  N  ? ? ? 1_555 E  ORN 10 C  ? ? E ALA 1  E ORN 10 1_555 ? ? ? ? ? ? ? 1.244 ? ? 
covale22 covale both ? E LEU 5  C  ? ? ? 1_555 E  ORN 6  NE ? ? E LEU 5  E ORN 6  1_555 ? ? ? ? ? ? ? 1.347 ? ? 
covale23 covale both ? E ORN 6  C  ? ? ? 1_555 E  HAO 7  N  ? ? E ORN 6  E HAO 7  1_555 ? ? ? ? ? ? ? 1.320 ? ? 
covale24 covale both ? E HAO 7  C  ? ? ? 1_555 E  TYR 8  N  ? ? E HAO 7  E TYR 8  1_555 ? ? ? ? ? ? ? 1.351 ? ? 
covale25 covale both ? E LYS 9  C  ? ? ? 1_555 E  ORN 10 NE ? ? E LYS 9  E ORN 10 1_555 ? ? ? ? ? ? ? 1.413 ? ? 
covale26 covale both ? F ALA 1  N  ? ? ? 1_555 F  ORN 10 C  ? ? F ALA 1  F ORN 10 1_555 ? ? ? ? ? ? ? 1.236 ? ? 
covale27 covale both ? F LEU 5  C  ? ? ? 1_555 F  ORN 6  NE ? ? F LEU 5  F ORN 6  1_555 ? ? ? ? ? ? ? 1.344 ? ? 
covale28 covale both ? F ORN 6  C  ? ? ? 1_555 F  HAO 7  N  ? ? F ORN 6  F HAO 7  1_555 ? ? ? ? ? ? ? 1.308 ? ? 
covale29 covale both ? F HAO 7  C  ? ? ? 1_555 F  TYR 8  N  ? ? F HAO 7  F TYR 8  1_555 ? ? ? ? ? ? ? 1.353 ? ? 
covale30 covale both ? F LYS 9  C  ? ? ? 1_555 F  ORN 10 NE ? ? F LYS 9  F ORN 10 1_555 ? ? ? ? ? ? ? 1.414 ? ? 
covale31 covale both ? G ALA 1  N  ? ? ? 1_555 G  ORN 10 C  ? ? G ALA 1  G ORN 10 1_555 ? ? ? ? ? ? ? 1.233 ? ? 
covale32 covale both ? G LEU 5  C  ? ? ? 1_555 G  ORN 6  NE ? ? G LEU 5  G ORN 6  1_555 ? ? ? ? ? ? ? 1.298 ? ? 
covale33 covale both ? G ORN 6  C  ? ? ? 1_555 G  HAO 7  N  ? ? G ORN 6  G HAO 7  1_555 ? ? ? ? ? ? ? 1.342 ? ? 
covale34 covale both ? G HAO 7  C  ? ? ? 1_555 G  TYR 8  N  ? ? G HAO 7  G TYR 8  1_555 ? ? ? ? ? ? ? 1.320 ? ? 
covale35 covale both ? G LYS 9  C  ? ? ? 1_555 G  ORN 10 NE ? ? G LYS 9  G ORN 10 1_555 ? ? ? ? ? ? ? 1.395 ? ? 
covale36 covale both ? H ALA 1  N  ? ? ? 1_555 H  ORN 10 C  ? ? H ALA 1  H ORN 10 1_555 ? ? ? ? ? ? ? 1.227 ? ? 
covale37 covale both ? H LEU 5  C  ? ? ? 1_555 H  ORN 6  NE ? ? H LEU 5  H ORN 6  1_555 ? ? ? ? ? ? ? 1.304 ? ? 
covale38 covale both ? H ORN 6  C  ? ? ? 1_555 H  HAO 7  N  ? ? H ORN 6  H HAO 7  1_555 ? ? ? ? ? ? ? 1.341 ? ? 
covale39 covale both ? H HAO 7  C  ? ? ? 1_555 H  TYR 8  N  ? ? H HAO 7  H TYR 8  1_555 ? ? ? ? ? ? ? 1.340 ? ? 
covale40 covale both ? H LYS 9  C  ? ? ? 1_555 H  ORN 10 NE ? ? H LYS 9  H ORN 10 1_555 ? ? ? ? ? ? ? 1.414 ? ? 
metalc1  metalc ?    ? A ORN 6  N  ? ? ? 1_555 J  ZN  .  ZN ? ? A ORN 6  A ZN  18 1_555 ? ? ? ? ? ? ? 1.993 ? ? 
metalc2  metalc ?    ? A ORN 6  O  ? ? ? 1_555 J  ZN  .  ZN ? ? A ORN 6  A ZN  18 1_555 ? ? ? ? ? ? ? 2.031 ? ? 
metalc3  metalc ?    ? A ORN 10 O  ? ? ? 1_555 I  ZN  .  ZN ? ? A ORN 10 A ZN  12 1_555 ? ? ? ? ? ? ? 1.941 ? ? 
metalc4  metalc ?    ? A ORN 10 N  ? ? ? 1_555 I  ZN  .  ZN ? ? A ORN 10 A ZN  12 1_555 ? ? ? ? ? ? ? 2.492 ? ? 
metalc5  metalc ?    ? I ZN  .  ZN ? ? ? 1_555 D  ORN 10 O  ? ? A ZN  12 D ORN 10 1_555 ? ? ? ? ? ? ? 1.885 ? ? 
metalc6  metalc ?    ? I ZN  .  ZN ? ? ? 1_555 D  ORN 10 N  ? ? A ZN  12 D ORN 10 1_555 ? ? ? ? ? ? ? 2.257 ? ? 
metalc7  metalc ?    ? J ZN  .  ZN ? ? ? 1_555 H  ORN 6  O  ? ? A ZN  18 H ORN 6  1_555 ? ? ? ? ? ? ? 1.979 ? ? 
metalc8  metalc ?    ? J ZN  .  ZN ? ? ? 1_555 H  ORN 6  N  ? ? A ZN  18 H ORN 6  1_555 ? ? ? ? ? ? ? 2.267 ? ? 
metalc9  metalc ?    ? J ZN  .  ZN ? ? ? 1_555 BA HOH .  O  ? ? A ZN  18 H HOH 13 1_555 ? ? ? ? ? ? ? 2.614 ? ? 
metalc10 metalc ?    ? J ZN  .  ZN ? ? ? 1_555 BA HOH .  O  ? ? A ZN  18 H HOH 22 1_555 ? ? ? ? ? ? ? 2.106 ? ? 
metalc11 metalc ?    ? B ORN 6  O  ? ? ? 1_555 M  ZN  .  ZN ? ? B ORN 6  B ZN  14 1_555 ? ? ? ? ? ? ? 1.983 ? ? 
metalc12 metalc ?    ? B ORN 6  N  ? ? ? 1_555 M  ZN  .  ZN ? ? B ORN 6  B ZN  14 1_555 ? ? ? ? ? ? ? 2.185 ? ? 
metalc13 metalc ?    ? B ORN 10 O  ? ? ? 1_555 L  ZN  .  ZN ? ? B ORN 10 B ZN  13 1_555 ? ? ? ? ? ? ? 2.034 ? ? 
metalc14 metalc ?    ? B ORN 10 N  ? ? ? 1_555 L  ZN  .  ZN ? ? B ORN 10 B ZN  13 1_555 ? ? ? ? ? ? ? 2.430 ? ? 
metalc15 metalc ?    ? Y HOH .  O  ? ? ? 1_555 M  ZN  .  ZN ? ? B HOH 12 B ZN  14 1_555 ? ? ? ? ? ? ? 2.552 ? ? 
metalc16 metalc ?    ? L ZN  .  ZN ? ? ? 1_555 C  ORN 10 O  ? ? B ZN  13 C ORN 10 1_555 ? ? ? ? ? ? ? 1.972 ? ? 
metalc17 metalc ?    ? L ZN  .  ZN ? ? ? 1_555 C  ORN 10 N  ? ? B ZN  13 C ORN 10 1_555 ? ? ? ? ? ? ? 2.650 ? ? 
metalc18 metalc ?    ? M ZN  .  ZN ? ? ? 1_555 G  ORN 6  O  ? ? B ZN  14 G ORN 6  1_555 ? ? ? ? ? ? ? 2.047 ? ? 
metalc19 metalc ?    ? M ZN  .  ZN ? ? ? 1_555 G  ORN 6  N  ? ? B ZN  14 G ORN 6  1_555 ? ? ? ? ? ? ? 2.149 ? ? 
metalc20 metalc ?    ? M ZN  .  ZN ? ? ? 1_555 AA HOH .  O  ? ? B ZN  14 G HOH 23 1_555 ? ? ? ? ? ? ? 2.545 ? ? 
metalc21 metalc ?    ? E ORN 6  N  ? ? ? 1_555 Q  ZN  .  ZN ? ? E ORN 6  E ZN  15 1_555 ? ? ? ? ? ? ? 2.192 ? ? 
metalc22 metalc ?    ? E ORN 6  O  ? ? ? 1_555 Q  ZN  .  ZN ? ? E ORN 6  E ZN  15 1_555 ? ? ? ? ? ? ? 2.220 ? ? 
metalc23 metalc ?    ? E ORN 10 O  ? ? ? 1_555 R  ZN  .  ZN ? ? E ORN 10 E ZN  19 1_555 ? ? ? ? ? ? ? 1.972 ? ? 
metalc24 metalc ?    ? E ORN 10 N  ? ? ? 1_555 R  ZN  .  ZN ? ? E ORN 10 E ZN  19 1_555 ? ? ? ? ? ? ? 2.314 ? ? 
metalc25 metalc ?    ? R ZN  .  ZN ? ? ? 1_555 H  ORN 10 O  ? ? E ZN  19 H ORN 10 1_555 ? ? ? ? ? ? ? 1.987 ? ? 
metalc26 metalc ?    ? R ZN  .  ZN ? ? ? 1_555 H  ORN 10 N  ? ? E ZN  19 H ORN 10 1_555 ? ? ? ? ? ? ? 2.501 ? ? 
metalc27 metalc ?    ? F ORN 6  N  ? ? ? 1_555 T  ZN  .  ZN ? ? F ORN 6  F ZN  16 1_555 ? ? ? ? ? ? ? 2.106 ? ? 
metalc28 metalc ?    ? F ORN 6  O  ? ? ? 1_555 T  ZN  .  ZN ? ? F ORN 6  F ZN  16 1_555 ? ? ? ? ? ? ? 2.225 ? ? 
metalc29 metalc ?    ? F ORN 10 O  ? ? ? 1_555 U  ZN  .  ZN ? ? F ORN 10 F ZN  17 1_555 ? ? ? ? ? ? ? 1.982 ? ? 
metalc30 metalc ?    ? F ORN 10 N  ? ? ? 1_555 U  ZN  .  ZN ? ? F ORN 10 F ZN  17 1_555 ? ? ? ? ? ? ? 2.526 ? ? 
metalc31 metalc ?    ? Z HOH .  O  ? ? ? 1_555 T  ZN  .  ZN ? ? F HOH 14 F ZN  16 1_555 ? ? ? ? ? ? ? 1.905 ? ? 
metalc32 metalc ?    ? U ZN  .  ZN ? ? ? 1_555 G  ORN 10 O  ? ? F ZN  17 G ORN 10 1_555 ? ? ? ? ? ? ? 2.008 ? ? 
metalc33 metalc ?    ? U ZN  .  ZN ? ? ? 1_555 G  ORN 10 N  ? ? F ZN  17 G ORN 10 1_555 ? ? ? ? ? ? ? 2.418 ? ? 
# 
loop_
_struct_conn_type.id 
_struct_conn_type.criteria 
_struct_conn_type.reference 
covale ? ? 
metalc ? ? 
# 
loop_
_struct_site.id 
_struct_site.pdbx_evidence_code 
_struct_site.pdbx_auth_asym_id 
_struct_site.pdbx_auth_comp_id 
_struct_site.pdbx_auth_seq_id 
_struct_site.pdbx_auth_ins_code 
_struct_site.pdbx_num_residues 
_struct_site.details 
AC1 Software E CL  11 ? 1 'BINDING SITE FOR RESIDUE CL E 11'  
AC2 Software D CL  11 ? 1 'BINDING SITE FOR RESIDUE CL D 11'  
AC3 Software C CL  11 ? 1 'BINDING SITE FOR RESIDUE CL C 11'  
AC4 Software F CL  11 ? 1 'BINDING SITE FOR RESIDUE CL F 11'  
AC5 Software G GOL 11 ? 5 'BINDING SITE FOR RESIDUE GOL G 11' 
AC6 Software H GOL 11 ? 2 'BINDING SITE FOR RESIDUE GOL H 11' 
AC7 Software B GOL 11 ? 3 'BINDING SITE FOR RESIDUE GOL B 11' 
AC8 Software A ZN  12 ? 2 'BINDING SITE FOR RESIDUE ZN A 12'  
AC9 Software B ZN  13 ? 2 'BINDING SITE FOR RESIDUE ZN B 13'  
BC1 Software B ZN  14 ? 4 'BINDING SITE FOR RESIDUE ZN B 14'  
BC2 Software E ZN  15 ? 2 'BINDING SITE FOR RESIDUE ZN E 15'  
BC3 Software F ZN  16 ? 3 'BINDING SITE FOR RESIDUE ZN F 16'  
BC4 Software F ZN  17 ? 2 'BINDING SITE FOR RESIDUE ZN F 17'  
BC5 Software A ZN  18 ? 4 'BINDING SITE FOR RESIDUE ZN A 18'  
BC6 Software E ZN  19 ? 2 'BINDING SITE FOR RESIDUE ZN E 19'  
# 
loop_
_struct_site_gen.id 
_struct_site_gen.site_id 
_struct_site_gen.pdbx_num_res 
_struct_site_gen.label_comp_id 
_struct_site_gen.label_asym_id 
_struct_site_gen.label_seq_id 
_struct_site_gen.pdbx_auth_ins_code 
_struct_site_gen.auth_comp_id 
_struct_site_gen.auth_asym_id 
_struct_site_gen.auth_seq_id 
_struct_site_gen.label_atom_id 
_struct_site_gen.label_alt_id 
_struct_site_gen.symmetry 
_struct_site_gen.details 
1  AC1 1 LYS E  9  ? LYS E 9  . ? 1_555 ? 
2  AC2 1 LYS D  9  ? LYS D 9  . ? 1_555 ? 
3  AC3 1 LYS C  9  ? LYS C 9  . ? 1_555 ? 
4  AC4 1 LYS F  9  ? LYS F 9  . ? 1_555 ? 
5  AC5 5 HAO G  7  ? HAO G 7  . ? 1_555 ? 
6  AC5 5 LYS G  9  ? LYS G 9  . ? 1_555 ? 
7  AC5 5 HOH AA .  ? HOH G 12 . ? 1_555 ? 
8  AC5 5 HOH AA .  ? HOH G 13 . ? 1_555 ? 
9  AC5 5 HOH AA .  ? HOH G 14 . ? 1_555 ? 
10 AC6 2 HAO B  7  ? HAO B 7  . ? 1_555 ? 
11 AC6 2 TYR B  8  ? TYR B 8  . ? 1_555 ? 
12 AC7 3 LYS B  9  ? LYS B 9  . ? 1_555 ? 
13 AC7 3 LYS D  9  ? LYS D 9  . ? 1_555 ? 
14 AC7 3 HOH AA .  ? HOH G 15 . ? 3_554 ? 
15 AC8 2 ORN A  10 ? ORN A 10 . ? 1_555 ? 
16 AC8 2 ORN D  10 ? ORN D 10 . ? 1_555 ? 
17 AC9 2 ORN B  10 ? ORN B 10 . ? 1_555 ? 
18 AC9 2 ORN C  10 ? ORN C 10 . ? 1_555 ? 
19 BC1 4 ORN B  6  ? ORN B 6  . ? 1_555 ? 
20 BC1 4 HOH Y  .  ? HOH B 12 . ? 1_555 ? 
21 BC1 4 ORN G  6  ? ORN G 6  . ? 1_555 ? 
22 BC1 4 HOH AA .  ? HOH G 23 . ? 1_555 ? 
23 BC2 2 ORN C  6  ? ORN C 6  . ? 1_445 ? 
24 BC2 2 ORN E  6  ? ORN E 6  . ? 1_555 ? 
25 BC3 3 ORN D  6  ? ORN D 6  . ? 1_445 ? 
26 BC3 3 ORN F  6  ? ORN F 6  . ? 1_555 ? 
27 BC3 3 HOH Z  .  ? HOH F 14 . ? 1_555 ? 
28 BC4 2 ORN F  10 ? ORN F 10 . ? 1_555 ? 
29 BC4 2 ORN G  10 ? ORN G 10 . ? 1_555 ? 
30 BC5 4 ORN A  6  ? ORN A 6  . ? 1_555 ? 
31 BC5 4 ORN H  6  ? ORN H 6  . ? 1_555 ? 
32 BC5 4 HOH BA .  ? HOH H 13 . ? 1_555 ? 
33 BC5 4 HOH BA .  ? HOH H 22 . ? 1_555 ? 
34 BC6 2 ORN E  10 ? ORN E 10 . ? 1_555 ? 
35 BC6 2 ORN H  10 ? ORN H 10 . ? 1_555 ? 
# 
_atom_sites.entry_id                    3Q9J 
_atom_sites.fract_transf_matrix[1][1]   -0.00867282 
_atom_sites.fract_transf_matrix[1][2]   -0.02624165 
_atom_sites.fract_transf_matrix[1][3]   0.00008484 
_atom_sites.fract_transf_matrix[2][1]   -0.02695291 
_atom_sites.fract_transf_matrix[2][2]   -0.00565398 
_atom_sites.fract_transf_matrix[2][3]   -0.00233075 
_atom_sites.fract_transf_matrix[3][1]   0.00147770 
_atom_sites.fract_transf_matrix[3][2]   -0.00053940 
_atom_sites.fract_transf_matrix[3][3]   -0.01577978 
_atom_sites.fract_transf_vector[1]      0.000119 
_atom_sites.fract_transf_vector[2]      -0.000015 
_atom_sites.fract_transf_vector[3]      0.157796 
# 
loop_
_atom_type.symbol 
C  
CL 
N  
O  
ZN 
# 
loop_
_atom_site.group_PDB 
_atom_site.id 
_atom_site.type_symbol 
_atom_site.label_atom_id 
_atom_site.label_alt_id 
_atom_site.label_comp_id 
_atom_site.label_asym_id 
_atom_site.label_entity_id 
_atom_site.label_seq_id 
_atom_site.pdbx_PDB_ins_code 
_atom_site.Cartn_x 
_atom_site.Cartn_y 
_atom_site.Cartn_z 
_atom_site.occupancy 
_atom_site.B_iso_or_equiv 
_atom_site.pdbx_formal_charge 
_atom_site.auth_seq_id 
_atom_site.auth_comp_id 
_atom_site.auth_asym_id 
_atom_site.auth_atom_id 
_atom_site.pdbx_PDB_model_num 
ATOM   1   N  N   . ALA A  1 1  ? -9.614  -2.581  -8.912  1.00 70.80  ? 1  ALA A N   1 
ATOM   2   C  CA  . ALA A  1 1  ? -8.978  -1.762  -7.884  1.00 66.99  ? 1  ALA A CA  1 
ATOM   3   C  C   . ALA A  1 1  ? -7.496  -2.032  -7.751  1.00 63.00  ? 1  ALA A C   1 
ATOM   4   O  O   . ALA A  1 1  ? -6.997  -3.086  -8.168  1.00 60.63  ? 1  ALA A O   1 
ATOM   5   C  CB  . ALA A  1 1  ? -9.671  -1.981  -6.545  1.00 66.68  ? 1  ALA A CB  1 
ATOM   6   N  N   . ILE A  1 2  ? -6.803  -1.056  -7.165  1.00 57.12  ? 2  ILE A N   1 
ATOM   7   C  CA  . ILE A  1 2  ? -5.403  -1.152  -6.814  1.00 56.26  ? 2  ILE A CA  1 
ATOM   8   C  C   . ILE A  1 2  ? -5.344  -1.675  -5.354  1.00 61.13  ? 2  ILE A C   1 
ATOM   9   O  O   . ILE A  1 2  ? -6.013  -1.148  -4.447  1.00 62.76  ? 2  ILE A O   1 
ATOM   10  C  CB  . ILE A  1 2  ? -4.706  0.187   -7.035  1.00 59.46  ? 2  ILE A CB  1 
ATOM   11  C  CG1 . ILE A  1 2  ? -4.444  0.369   -8.566  1.00 61.70  ? 2  ILE A CG1 1 
ATOM   12  C  CG2 . ILE A  1 2  ? -3.421  0.262   -6.192  1.00 59.80  ? 2  ILE A CG2 1 
ATOM   13  C  CD1 . ILE A  1 2  ? -3.792  1.540   -8.968  1.00 58.13  ? 2  ILE A CD1 1 
ATOM   14  N  N   . ILE A  1 3  ? -4.604  -2.762  -5.165  1.00 53.76  ? 3  ILE A N   1 
ATOM   15  C  CA  . ILE A  1 3  ? -4.491  -3.448  -3.894  1.00 50.66  ? 3  ILE A CA  1 
ATOM   16  C  C   . ILE A  1 3  ? -3.055  -3.780  -3.511  1.00 52.77  ? 3  ILE A C   1 
ATOM   17  O  O   . ILE A  1 3  ? -2.250  -4.189  -4.355  1.00 54.41  ? 3  ILE A O   1 
ATOM   18  C  CB  . ILE A  1 3  ? -5.394  -4.723  -3.903  1.00 54.86  ? 3  ILE A CB  1 
ATOM   19  C  CG1 . ILE A  1 3  ? -5.314  -5.496  -2.566  1.00 53.97  ? 3  ILE A CG1 1 
ATOM   20  C  CG2 . ILE A  1 3  ? -5.138  -5.638  -5.140  1.00 57.31  ? 3  ILE A CG2 1 
ATOM   21  C  CD1 . ILE A  1 3  ? -6.520  -6.162  -2.143  1.00 67.02  ? 3  ILE A CD1 1 
ATOM   22  N  N   . PHE A  1 4  ? -2.762  -3.606  -2.213  1.00 46.13  ? 4  PHE A N   1 
ATOM   23  C  CA  A PHE A  1 4  ? -1.482  -3.941  -1.607  0.50 46.04  ? 4  PHE A CA  1 
ATOM   24  C  CA  B PHE A  1 4  ? -1.481  -3.943  -1.604  0.50 46.39  ? 4  PHE A CA  1 
ATOM   25  C  C   . PHE A  1 4  ? -1.775  -4.838  -0.416  1.00 50.66  ? 4  PHE A C   1 
ATOM   26  O  O   . PHE A  1 4  ? -2.476  -4.431  0.511   1.00 49.65  ? 4  PHE A O   1 
ATOM   27  C  CB  A PHE A  1 4  ? -0.683  -2.678  -1.203  0.50 46.59  ? 4  PHE A CB  1 
ATOM   28  C  CB  B PHE A  1 4  ? -0.693  -2.674  -1.204  0.50 47.27  ? 4  PHE A CB  1 
ATOM   29  C  CG  A PHE A  1 4  ? 0.614   -3.002  -0.500  0.50 48.03  ? 4  PHE A CG  1 
ATOM   30  C  CG  B PHE A  1 4  ? -0.326  -1.817  -2.387  0.50 47.97  ? 4  PHE A CG  1 
ATOM   31  C  CD1 A PHE A  1 4  ? 1.721   -3.426  -1.214  0.50 51.56  ? 4  PHE A CD1 1 
ATOM   32  C  CD1 B PHE A  1 4  ? 0.683   -2.200  -3.252  0.50 51.93  ? 4  PHE A CD1 1 
ATOM   33  C  CD2 A PHE A  1 4  ? 0.705   -2.955  0.885   0.50 49.53  ? 4  PHE A CD2 1 
ATOM   34  C  CD2 B PHE A  1 4  ? -1.017  -0.645  -2.662  0.50 50.29  ? 4  PHE A CD2 1 
ATOM   35  C  CE1 A PHE A  1 4  ? 2.914   -3.745  -0.559  0.50 53.74  ? 4  PHE A CE1 1 
ATOM   36  C  CE1 B PHE A  1 4  ? 1.003   -1.421  -4.377  0.50 53.55  ? 4  PHE A CE1 1 
ATOM   37  C  CE2 A PHE A  1 4  ? 1.889   -3.300  1.540   0.50 53.43  ? 4  PHE A CE2 1 
ATOM   38  C  CE2 B PHE A  1 4  ? -0.689  0.140   -3.780  0.50 53.13  ? 4  PHE A CE2 1 
ATOM   39  C  CZ  A PHE A  1 4  ? 2.991   -3.669  0.815   0.50 52.77  ? 4  PHE A CZ  1 
ATOM   40  C  CZ  B PHE A  1 4  ? 0.317   -0.256  -4.631  0.50 51.81  ? 4  PHE A CZ  1 
ATOM   41  N  N   . LEU A  1 5  ? -1.301  -6.065  -0.473  1.00 51.10  ? 5  LEU A N   1 
ATOM   42  C  CA  . LEU A  1 5  ? -1.570  -7.048  0.577   1.00 52.86  ? 5  LEU A CA  1 
ATOM   43  C  C   . LEU A  1 5  ? -0.286  -7.723  1.069   1.00 58.61  ? 5  LEU A C   1 
ATOM   44  O  O   . LEU A  1 5  ? 0.530   -8.161  0.260   1.00 59.43  ? 5  LEU A O   1 
ATOM   45  C  CB  . LEU A  1 5  ? -2.567  -8.069  -0.003  1.00 52.68  ? 5  LEU A CB  1 
ATOM   46  C  CG  . LEU A  1 5  ? -3.145  -9.140  0.921   1.00 57.66  ? 5  LEU A CG  1 
ATOM   47  C  CD1 . LEU A  1 5  ? -4.152  -8.554  1.886   1.00 55.11  ? 5  LEU A CD1 1 
ATOM   48  C  CD2 . LEU A  1 5  ? -3.784  -10.248 0.083   1.00 57.66  ? 5  LEU A CD2 1 
HETATM 49  N  N   . ORN A  1 6  ? 4.802   -8.230  1.723   1.00 54.52  ? 6  ORN A N   1 
HETATM 50  C  CA  . ORN A  1 6  ? 3.582   -7.866  1.026   1.00 47.97  ? 6  ORN A CA  1 
HETATM 51  C  CB  . ORN A  1 6  ? 2.748   -6.906  1.884   1.00 44.52  ? 6  ORN A CB  1 
HETATM 52  C  CG  . ORN A  1 6  ? 2.262   -7.464  3.207   1.00 65.85  ? 6  ORN A CG  1 
HETATM 53  C  CD  . ORN A  1 6  ? 1.065   -8.399  3.115   1.00 36.09  ? 6  ORN A CD  1 
HETATM 54  N  NE  . ORN A  1 6  ? -0.043  -7.825  2.332   1.00 55.77  ? 6  ORN A NE  1 
HETATM 55  C  C   . ORN A  1 6  ? 3.917   -7.178  -0.296  1.00 46.03  ? 6  ORN A C   1 
HETATM 56  O  O   . ORN A  1 6  ? 5.035   -6.685  -0.499  1.00 71.75  ? 6  ORN A O   1 
HETATM 57  N  N   . HAO A  1 7  ? 2.862   -7.134  -1.128  1.00 45.61  ? 7  HAO A N   1 
HETATM 58  N  N9  . HAO A  1 7  ? 2.851   -6.586  -2.234  1.00 52.45  ? 7  HAO A N9  1 
HETATM 59  C  C10 . HAO A  1 7  ? 1.698   -6.360  -2.860  1.00 71.98  ? 7  HAO A C10 1 
HETATM 60  O  O11 . HAO A  1 7  ? 0.587   -6.639  -2.402  1.00 48.14  ? 7  HAO A O11 1 
HETATM 61  C  CA  . HAO A  1 7  ? 1.797   -5.635  -4.195  1.00 44.86  ? 7  HAO A CA  1 
HETATM 62  C  C13 . HAO A  1 7  ? 0.595   -5.347  -4.855  1.00 39.05  ? 7  HAO A C13 1 
HETATM 63  C  C14 . HAO A  1 7  ? 3.014   -5.146  -4.697  1.00 80.90  ? 7  HAO A C14 1 
HETATM 64  C  C15 . HAO A  1 7  ? 5.323   -4.885  -4.759  1.00 52.50  ? 7  HAO A C15 1 
HETATM 65  O  O15 . HAO A  1 7  ? 4.184   -5.402  -4.026  1.00 55.61  ? 7  HAO A O15 1 
HETATM 66  C  C17 . HAO A  1 7  ? 2.993   -4.332  -5.857  1.00 34.28  ? 7  HAO A C17 1 
HETATM 67  C  C18 . HAO A  1 7  ? 1.793   -4.124  -6.566  1.00 49.63  ? 7  HAO A C18 1 
HETATM 68  C  C19 . HAO A  1 7  ? 0.589   -4.631  -6.059  1.00 40.03  ? 7  HAO A C19 1 
HETATM 69  N  N20 . HAO A  1 7  ? -0.606  -4.390  -6.610  1.00 60.90  ? 7  HAO A N20 1 
HETATM 70  C  C21 . HAO A  1 7  ? -0.893  -4.322  -7.911  1.00 58.16  ? 7  HAO A C21 1 
HETATM 71  O  O22 . HAO A  1 7  ? -0.070  -4.442  -8.821  1.00 69.89  ? 7  HAO A O22 1 
HETATM 72  C  C   . HAO A  1 7  ? -2.362  -4.074  -8.280  1.00 57.56  ? 7  HAO A C   1 
HETATM 73  O  O   . HAO A  1 7  ? -3.196  -3.932  -7.385  1.00 60.21  ? 7  HAO A O   1 
ATOM   74  N  N   . TYR A  1 8  ? -2.734  -3.989  -9.570  1.00 66.17  ? 8  TYR A N   1 
ATOM   75  C  CA  . TYR A  1 8  ? -4.048  -3.737  -10.144 1.00 67.47  ? 8  TYR A CA  1 
ATOM   76  C  C   . TYR A  1 8  ? -4.703  -5.056  -10.438 1.00 73.60  ? 8  TYR A C   1 
ATOM   77  O  O   . TYR A  1 8  ? -4.135  -5.862  -11.166 1.00 75.90  ? 8  TYR A O   1 
ATOM   78  C  CB  . TYR A  1 8  ? -3.934  -2.890  -11.420 1.00 71.08  ? 8  TYR A CB  1 
ATOM   79  C  CG  . TYR A  1 8  ? -5.258  -2.434  -11.990 1.00 76.05  ? 8  TYR A CG  1 
ATOM   80  C  CD1 . TYR A  1 8  ? -5.868  -1.262  -11.540 1.00 77.34  ? 8  TYR A CD1 1 
ATOM   81  C  CD2 . TYR A  1 8  ? -5.892  -3.159  -13.000 1.00 81.09  ? 8  TYR A CD2 1 
ATOM   82  C  CE1 . TYR A  1 8  ? -7.077  -0.825  -12.075 1.00 81.82  ? 8  TYR A CE1 1 
ATOM   83  C  CE2 . TYR A  1 8  ? -7.109  -2.737  -13.539 1.00 85.20  ? 8  TYR A CE2 1 
ATOM   84  C  CZ  . TYR A  1 8  ? -7.684  -1.554  -13.089 1.00 95.99  ? 8  TYR A CZ  1 
ATOM   85  O  OH  . TYR A  1 8  ? -8.883  -1.124  -13.615 1.00 102.90 ? 8  TYR A OH  1 
ATOM   86  N  N   . LYS A  1 9  ? -5.885  -5.289  -9.847  1.00 69.04  ? 9  LYS A N   1 
ATOM   87  C  CA  . LYS A  1 9  ? -6.687  -6.491  -10.066 1.00 73.06  ? 9  LYS A CA  1 
ATOM   88  C  C   . LYS A  1 9  ? -8.106  -6.081  -10.414 1.00 94.87  ? 9  LYS A C   1 
ATOM   89  O  O   . LYS A  1 9  ? -8.766  -5.458  -9.598  1.00 73.88  ? 9  LYS A O   1 
ATOM   90  C  CB  . LYS A  1 9  ? -6.638  -7.419  -8.844  1.00 72.81  ? 9  LYS A CB  1 
ATOM   91  C  CG  . LYS A  1 9  ? -5.317  -8.202  -8.751  1.00 90.07  ? 9  LYS A CG  1 
ATOM   92  C  CD  . LYS A  1 9  ? -5.480  -9.482  -7.900  1.00 100.05 ? 9  LYS A CD  1 
ATOM   93  C  CE  . LYS A  1 9  ? -4.765  -10.733 -8.420  1.00 100.50 ? 9  LYS A CE  1 
ATOM   94  N  NZ  . LYS A  1 9  ? -5.683  -11.767 -9.014  1.00 93.96  ? 9  LYS A NZ  1 
HETATM 95  N  N   . ORN A  1 10 ? -12.264 -2.991  -11.217 1.00 50.21  ? 10 ORN A N   1 
HETATM 96  C  CA  . ORN A  1 10 ? -10.988 -3.304  -10.584 1.00 87.52  ? 10 ORN A CA  1 
HETATM 97  C  CB  . ORN A  1 10 ? -9.934  -3.427  -11.675 1.00 50.12  ? 10 ORN A CB  1 
HETATM 98  C  CG  . ORN A  1 10 ? -10.202 -4.542  -12.661 1.00 67.98  ? 10 ORN A CG  1 
HETATM 99  C  CD  . ORN A  1 10 ? -10.119 -5.934  -12.065 1.00 56.51  ? 10 ORN A CD  1 
HETATM 100 N  NE  . ORN A  1 10 ? -8.765  -6.292  -11.626 1.00 101.42 ? 10 ORN A NE  1 
HETATM 101 C  C   . ORN A  1 10 ? -10.591 -2.214  -9.585  1.00 56.74  ? 10 ORN A C   1 
HETATM 102 O  O   . ORN A  1 10 ? -11.195 -1.137  -9.541  1.00 168.36 ? 10 ORN A O   1 
ATOM   103 N  N   . ALA B  1 1  ? -4.329  -9.706  8.035   1.00 69.92  ? 1  ALA B N   1 
ATOM   104 C  CA  . ALA B  1 1  ? -3.366  -9.128  7.114   1.00 66.99  ? 1  ALA B CA  1 
ATOM   105 C  C   . ALA B  1 1  ? -3.432  -7.614  7.080   1.00 68.89  ? 1  ALA B C   1 
ATOM   106 O  O   . ALA B  1 1  ? -4.448  -7.008  7.446   1.00 68.00  ? 1  ALA B O   1 
ATOM   107 C  CB  . ALA B  1 1  ? -3.586  -9.682  5.704   1.00 65.03  ? 1  ALA B CB  1 
ATOM   108 N  N   . ILE B  1 2  ? -2.323  -7.013  6.627   1.00 62.50  ? 2  ILE B N   1 
ATOM   109 C  CA  . ILE B  1 2  ? -2.217  -5.594  6.357   1.00 58.44  ? 2  ILE B CA  1 
ATOM   110 C  C   . ILE B  1 2  ? -2.613  -5.392  4.869   1.00 57.03  ? 2  ILE B C   1 
ATOM   111 O  O   . ILE B  1 2  ? -2.112  -6.083  3.963   1.00 55.07  ? 2  ILE B O   1 
ATOM   112 C  CB  . ILE B  1 2  ? -0.838  -5.078  6.728   1.00 61.09  ? 2  ILE B CB  1 
ATOM   113 C  CG1 . ILE B  1 2  ? -0.767  -4.944  8.289   1.00 64.23  ? 2  ILE B CG1 1 
ATOM   114 C  CG2 . ILE B  1 2  ? -0.543  -3.761  5.996   1.00 58.85  ? 2  ILE B CG2 1 
ATOM   115 C  CD1 . ILE B  1 2  ? 0.471   -4.555  8.857   1.00 65.84  ? 2  ILE B CD1 1 
ATOM   116 N  N   . ILE B  1 3  ? -3.580  -4.508  4.655   1.00 49.94  ? 3  ILE B N   1 
ATOM   117 C  CA  . ILE B  1 3  ? -4.153  -4.243  3.354   1.00 47.36  ? 3  ILE B CA  1 
ATOM   118 C  C   . ILE B  1 3  ? -4.291  -2.768  3.041   1.00 50.98  ? 3  ILE B C   1 
ATOM   119 O  O   . ILE B  1 3  ? -4.676  -1.972  3.896   1.00 53.40  ? 3  ILE B O   1 
ATOM   120 C  CB  . ILE B  1 3  ? -5.521  -4.995  3.216   1.00 51.63  ? 3  ILE B CB  1 
ATOM   121 C  CG1 . ILE B  1 3  ? -6.170  -4.772  1.840   1.00 51.67  ? 3  ILE B CG1 1 
ATOM   122 C  CG2 . ILE B  1 3  ? -6.494  -4.696  4.381   1.00 53.97  ? 3  ILE B CG2 1 
ATOM   123 C  CD1 . ILE B  1 3  ? -6.954  -5.866  1.328   1.00 59.81  ? 3  ILE B CD1 1 
ATOM   124 N  N   . PHE B  1 4  ? -3.983  -2.420  1.787   1.00 45.91  ? 4  PHE B N   1 
ATOM   125 C  CA  A PHE B  1 4  ? -4.149  -1.079  1.237   0.50 44.73  ? 4  PHE B CA  1 
ATOM   126 C  CA  B PHE B  1 4  ? -4.151  -1.080  1.234   0.50 45.41  ? 4  PHE B CA  1 
ATOM   127 C  C   . PHE B  1 4  ? -4.972  -1.223  -0.049  1.00 49.98  ? 4  PHE B C   1 
ATOM   128 O  O   . PHE B  1 4  ? -4.558  -1.905  -0.985  1.00 50.41  ? 4  PHE B O   1 
ATOM   129 C  CB  A PHE B  1 4  ? -2.800  -0.393  0.984   0.50 44.70  ? 4  PHE B CB  1 
ATOM   130 C  CB  B PHE B  1 4  ? -2.795  -0.406  0.986   0.50 46.03  ? 4  PHE B CB  1 
ATOM   131 C  CG  A PHE B  1 4  ? -2.948  0.971   0.346   0.50 45.67  ? 4  PHE B CG  1 
ATOM   132 C  CG  B PHE B  1 4  ? -2.008  -0.201  2.253   0.50 47.53  ? 4  PHE B CG  1 
ATOM   133 C  CD1 A PHE B  1 4  ? -3.324  2.070   1.100   0.50 49.26  ? 4  PHE B CD1 1 
ATOM   134 C  CD1 B PHE B  1 4  ? -2.354  0.802   3.148   0.50 52.78  ? 4  PHE B CD1 1 
ATOM   135 C  CD2 A PHE B  1 4  ? -2.768  1.142   -1.021  0.50 46.16  ? 4  PHE B CD2 1 
ATOM   136 C  CD2 B PHE B  1 4  ? -0.941  -1.030  2.573   0.50 49.02  ? 4  PHE B CD2 1 
ATOM   137 C  CE1 A PHE B  1 4  ? -3.474  3.322   0.507   0.50 51.23  ? 4  PHE B CE1 1 
ATOM   138 C  CE1 B PHE B  1 4  ? -1.658  0.960   4.355   0.50 54.49  ? 4  PHE B CE1 1 
ATOM   139 C  CE2 A PHE B  1 4  ? -2.946  2.389   -1.616  0.50 50.32  ? 4  PHE B CE2 1 
ATOM   140 C  CE2 B PHE B  1 4  ? -0.231  -0.860  3.770   0.50 53.18  ? 4  PHE B CE2 1 
ATOM   141 C  CZ  A PHE B  1 4  ? -3.272  3.475   -0.846  0.50 50.33  ? 4  PHE B CZ  1 
ATOM   142 C  CZ  B PHE B  1 4  ? -0.597  0.133   4.655   0.50 52.82  ? 4  PHE B CZ  1 
ATOM   143 N  N   . LEU B  1 5  ? -6.147  -0.633  -0.070  1.00 48.26  ? 5  LEU B N   1 
ATOM   144 C  CA  . LEU B  1 5  ? -7.047  -0.742  -1.213  1.00 49.01  ? 5  LEU B CA  1 
ATOM   145 C  C   . LEU B  1 5  ? -7.554  0.630   -1.659  1.00 53.98  ? 5  LEU B C   1 
ATOM   146 O  O   . LEU B  1 5  ? -8.001  1.430   -0.830  1.00 55.24  ? 5  LEU B O   1 
ATOM   147 C  CB  . LEU B  1 5  ? -8.217  -1.667  -0.775  1.00 49.15  ? 5  LEU B CB  1 
ATOM   148 C  CG  . LEU B  1 5  ? -9.258  -2.060  -1.779  1.00 55.76  ? 5  LEU B CG  1 
ATOM   149 C  CD1 . LEU B  1 5  ? -8.692  -3.020  -2.862  1.00 55.87  ? 5  LEU B CD1 1 
ATOM   150 C  CD2 . LEU B  1 5  ? -10.475 -2.635  -1.048  1.00 57.75  ? 5  LEU B CD2 1 
HETATM 151 N  N   . ORN B  1 6  ? -7.587  5.766   -1.989  1.00 50.34  ? 6  ORN B N   1 
HETATM 152 C  CA  . ORN B  1 6  ? -7.382  4.469   -1.348  1.00 55.85  ? 6  ORN B CA  1 
HETATM 153 C  CB  . ORN B  1 6  ? -6.413  3.616   -2.187  1.00 50.57  ? 6  ORN B CB  1 
HETATM 154 C  CG  . ORN B  1 6  ? -6.890  3.290   -3.586  1.00 45.38  ? 6  ORN B CG  1 
HETATM 155 C  CD  . ORN B  1 6  ? -7.945  2.148   -3.664  1.00 30.59  ? 6  ORN B CD  1 
HETATM 156 N  NE  . ORN B  1 6  ? -7.517  0.942   -2.930  1.00 44.08  ? 6  ORN B NE  1 
HETATM 157 C  C   . ORN B  1 6  ? -6.787  4.660   0.046   1.00 57.79  ? 6  ORN B C   1 
HETATM 158 O  O   . ORN B  1 6  ? -6.201  5.721   0.365   1.00 51.18  ? 6  ORN B O   1 
HETATM 159 N  N   . HAO B  1 7  ? -6.897  3.565   0.781   1.00 54.41  ? 7  HAO B N   1 
HETATM 160 N  N9  . HAO B  1 7  ? -6.454  3.431   1.934   1.00 55.01  ? 7  HAO B N9  1 
HETATM 161 C  C10 . HAO B  1 7  ? -6.380  2.225   2.500   1.00 67.72  ? 7  HAO B C10 1 
HETATM 162 O  O11 . HAO B  1 7  ? -6.716  1.172   1.947   1.00 68.37  ? 7  HAO B O11 1 
HETATM 163 C  CA  . HAO B  1 7  ? -5.766  2.179   3.893   1.00 44.43  ? 7  HAO B CA  1 
HETATM 164 C  C13 . HAO B  1 7  ? -5.621  0.926   4.499   1.00 64.40  ? 7  HAO B C13 1 
HETATM 165 C  C14 . HAO B  1 7  ? -5.234  3.312   4.504   1.00 60.66  ? 7  HAO B C14 1 
HETATM 166 C  C15 . HAO B  1 7  ? -4.682  5.572   4.712   1.00 43.70  ? 7  HAO B C15 1 
HETATM 167 O  O15 . HAO B  1 7  ? -5.356  4.537   3.898   1.00 46.64  ? 7  HAO B O15 1 
HETATM 168 C  C17 . HAO B  1 7  ? -4.563  3.162   5.735   1.00 38.35  ? 7  HAO B C17 1 
HETATM 169 C  C18 . HAO B  1 7  ? -4.454  1.914   6.354   1.00 55.71  ? 7  HAO B C18 1 
HETATM 170 C  C19 . HAO B  1 7  ? -4.989  0.791   5.742   1.00 54.15  ? 7  HAO B C19 1 
HETATM 171 N  N20 . HAO B  1 7  ? -4.870  -0.436  6.247   1.00 43.53  ? 7  HAO B N20 1 
HETATM 172 C  C21 . HAO B  1 7  ? -4.937  -0.808  7.525   1.00 43.54  ? 7  HAO B C21 1 
HETATM 173 O  O22 . HAO B  1 7  ? -5.082  -0.036  8.473   1.00 62.98  ? 7  HAO B O22 1 
HETATM 174 C  C   . HAO B  1 7  ? -4.883  -2.318  7.816   1.00 63.11  ? 7  HAO B C   1 
HETATM 175 O  O   . HAO B  1 7  ? -4.779  -3.110  6.879   1.00 60.76  ? 7  HAO B O   1 
ATOM   176 N  N   . TYR B  1 8  ? -4.955  -2.772  9.070   1.00 67.13  ? 8  TYR B N   1 
ATOM   177 C  CA  . TYR B  1 8  ? -4.907  -4.139  9.569   1.00 68.88  ? 8  TYR B CA  1 
ATOM   178 C  C   . TYR B  1 8  ? -6.318  -4.643  9.716   1.00 74.47  ? 8  TYR B C   1 
ATOM   179 O  O   . TYR B  1 8  ? -7.119  -4.032  10.412  1.00 77.76  ? 8  TYR B O   1 
ATOM   180 C  CB  . TYR B  1 8  ? -4.150  -4.209  10.914  1.00 73.82  ? 8  TYR B CB  1 
ATOM   181 C  CG  . TYR B  1 8  ? -3.911  -5.616  11.424  1.00 80.01  ? 8  TYR B CG  1 
ATOM   182 C  CD1 . TYR B  1 8  ? -2.794  -6.345  11.018  1.00 82.60  ? 8  TYR B CD1 1 
ATOM   183 C  CD2 . TYR B  1 8  ? -4.786  -6.211  12.327  1.00 84.44  ? 8  TYR B CD2 1 
ATOM   184 C  CE1 . TYR B  1 8  ? -2.556  -7.634  11.496  1.00 86.98  ? 8  TYR B CE1 1 
ATOM   185 C  CE2 . TYR B  1 8  ? -4.570  -7.510  12.794  1.00 89.05  ? 8  TYR B CE2 1 
ATOM   186 C  CZ  . TYR B  1 8  ? -3.440  -8.211  12.391  1.00 101.16 ? 8  TYR B CZ  1 
ATOM   187 O  OH  . TYR B  1 8  ? -3.203  -9.492  12.853  1.00 109.89 ? 8  TYR B OH  1 
ATOM   188 N  N   . LYS B  1 9  ? -6.639  -5.737  9.031   1.00 70.19  ? 9  LYS B N   1 
ATOM   189 C  CA  . LYS B  1 9  ? -7.953  -6.389  9.102   1.00 81.37  ? 9  LYS B CA  1 
ATOM   190 C  C   . LYS B  1 9  ? -7.747  -7.861  9.373   1.00 94.86  ? 9  LYS B C   1 
ATOM   191 O  O   . LYS B  1 9  ? -7.144  -8.535  8.556   1.00 72.84  ? 9  LYS B O   1 
ATOM   192 C  CB  . LYS B  1 9  ? -8.767  -6.166  7.814   1.00 80.69  ? 9  LYS B CB  1 
ATOM   193 C  CG  . LYS B  1 9  ? -9.352  -4.753  7.717   1.00 104.33 ? 9  LYS B CG  1 
ATOM   194 C  CD  . LYS B  1 9  ? -10.559 -4.709  6.760   1.00 116.98 ? 9  LYS B CD  1 
ATOM   195 C  CE  . LYS B  1 9  ? -11.623 -3.688  7.118   1.00 126.10 ? 9  LYS B CE  1 
ATOM   196 N  NZ  . LYS B  1 9  ? -12.879 -4.308  7.651   1.00 130.56 ? 9  LYS B NZ  1 
HETATM 197 N  N   . ORN B  1 10 ? -5.356  -12.437 9.983   1.00 80.74  ? 10 ORN B N   1 
HETATM 198 C  CA  . ORN B  1 10 ? -5.391  -11.065 9.506   1.00 78.48  ? 10 ORN B CA  1 
HETATM 199 C  CB  . ORN B  1 10 ? -5.452  -10.099 10.691  1.00 106.37 ? 10 ORN B CB  1 
HETATM 200 C  CG  . ORN B  1 10 ? -6.666  -10.273 11.576  1.00 52.49  ? 10 ORN B CG  1 
HETATM 201 C  CD  . ORN B  1 10 ? -7.990  -9.969  10.885  1.00 62.28  ? 10 ORN B CD  1 
HETATM 202 N  NE  . ORN B  1 10 ? -8.139  -8.558  10.520  1.00 102.27 ? 10 ORN B NE  1 
HETATM 203 C  C   . ORN B  1 10 ? -4.173  -10.758 8.639   1.00 71.16  ? 10 ORN B C   1 
HETATM 204 O  O   . ORN B  1 10 ? -3.217  -11.526 8.592   1.00 72.84  ? 10 ORN B O   1 
ATOM   205 N  N   . ALA C  1 1  ? -4.351  -13.905 5.507   1.00 88.86  ? 1  ALA C N   1 
ATOM   206 C  CA  . ALA C  1 1  ? -5.789  -13.740 5.416   1.00 87.24  ? 1  ALA C CA  1 
ATOM   207 C  C   . ALA C  1 1  ? -6.355  -14.396 4.181   1.00 92.08  ? 1  ALA C C   1 
ATOM   208 O  O   . ALA C  1 1  ? -5.643  -14.677 3.208   1.00 93.30  ? 1  ALA C O   1 
ATOM   209 C  CB  . ALA C  1 1  ? -6.162  -12.265 5.427   1.00 86.46  ? 1  ALA C CB  1 
ATOM   210 N  N   . ILE C  1 2  ? -7.664  -14.649 4.245   1.00 85.80  ? 2  ILE C N   1 
ATOM   211 C  CA  . ILE C  1 2  ? -8.448  -15.158 3.152   1.00 83.57  ? 2  ILE C CA  1 
ATOM   212 C  C   . ILE C  1 2  ? -8.995  -13.927 2.423   1.00 80.42  ? 2  ILE C C   1 
ATOM   213 O  O   . ILE C  1 2  ? -9.558  -13.008 3.037   1.00 76.99  ? 2  ILE C O   1 
ATOM   214 C  CB  . ILE C  1 2  ? -9.507  -16.158 3.665   1.00 87.86  ? 2  ILE C CB  1 
ATOM   215 C  CG1 . ILE C  1 2  ? -8.827  -17.529 3.919   1.00 90.16  ? 2  ILE C CG1 1 
ATOM   216 C  CG2 . ILE C  1 2  ? -10.630 -16.289 2.687   1.00 86.93  ? 2  ILE C CG2 1 
ATOM   217 C  CD1 . ILE C  1 2  ? -9.561  -18.497 4.687   1.00 96.99  ? 2  ILE C CD1 1 
ATOM   218 N  N   . ILE C  1 3  ? -8.743  -13.892 1.117   1.00 74.94  ? 3  ILE C N   1 
ATOM   219 C  CA  . ILE C  1 3  ? -9.117  -12.780 0.262   1.00 71.62  ? 3  ILE C CA  1 
ATOM   220 C  C   . ILE C  1 3  ? -9.813  -13.222 -1.012  1.00 73.36  ? 3  ILE C C   1 
ATOM   221 O  O   . ILE C  1 3  ? -9.386  -14.180 -1.656  1.00 73.93  ? 3  ILE C O   1 
ATOM   222 C  CB  . ILE C  1 3  ? -7.880  -11.855 -0.029  1.00 73.20  ? 3  ILE C CB  1 
ATOM   223 C  CG1 . ILE C  1 3  ? -8.223  -10.677 -0.994  1.00 71.55  ? 3  ILE C CG1 1 
ATOM   224 C  CG2 . ILE C  1 3  ? -6.662  -12.645 -0.531  1.00 73.07  ? 3  ILE C CG2 1 
ATOM   225 C  CD1 . ILE C  1 3  ? -7.663  -9.396  -0.637  1.00 74.42  ? 3  ILE C CD1 1 
ATOM   226 N  N   . PHE C  1 4  ? -10.879 -12.498 -1.356  1.00 66.94  ? 4  PHE C N   1 
ATOM   227 C  CA  A PHE C  1 4  ? -11.636 -12.666 -2.591  0.50 64.85  ? 4  PHE C CA  1 
ATOM   228 C  CA  B PHE C  1 4  ? -11.632 -12.668 -2.590  0.50 65.49  ? 4  PHE C CA  1 
ATOM   229 C  C   . PHE C  1 4  ? -11.771 -11.271 -3.186  1.00 67.76  ? 4  PHE C C   1 
ATOM   230 O  O   . PHE C  1 4  ? -12.297 -10.363 -2.541  1.00 68.16  ? 4  PHE C O   1 
ATOM   231 C  CB  A PHE C  1 4  ? -13.008 -13.345 -2.358  0.50 65.67  ? 4  PHE C CB  1 
ATOM   232 C  CB  B PHE C  1 4  ? -13.004 -13.340 -2.367  0.50 66.89  ? 4  PHE C CB  1 
ATOM   233 C  CG  A PHE C  1 4  ? -12.887 -14.753 -1.833  0.50 67.55  ? 4  PHE C CG  1 
ATOM   234 C  CG  B PHE C  1 4  ? -13.808 -13.460 -3.641  0.50 67.10  ? 4  PHE C CG  1 
ATOM   235 C  CD1 A PHE C  1 4  ? -12.425 -15.781 -2.649  0.50 70.26  ? 4  PHE C CD1 1 
ATOM   236 C  CD1 B PHE C  1 4  ? -13.537 -14.465 -4.567  0.50 70.63  ? 4  PHE C CD1 1 
ATOM   237 C  CD2 A PHE C  1 4  ? -13.197 -15.046 -0.510  0.50 70.19  ? 4  PHE C CD2 1 
ATOM   238 C  CD2 B PHE C  1 4  ? -14.818 -12.554 -3.930  0.50 67.08  ? 4  PHE C CD2 1 
ATOM   239 C  CE1 A PHE C  1 4  ? -12.282 -17.077 -2.151  0.50 71.98  ? 4  PHE C CE1 1 
ATOM   240 C  CE1 B PHE C  1 4  ? -14.289 -14.582 -5.739  0.50 70.04  ? 4  PHE C CE1 1 
ATOM   241 C  CE2 A PHE C  1 4  ? -13.070 -16.351 -0.021  0.50 73.43  ? 4  PHE C CE2 1 
ATOM   242 C  CE2 B PHE C  1 4  ? -15.551 -12.658 -5.113  0.50 68.33  ? 4  PHE C CE2 1 
ATOM   243 C  CZ  A PHE C  1 4  ? -12.602 -17.354 -0.840  0.50 71.48  ? 4  PHE C CZ  1 
ATOM   244 C  CZ  B PHE C  1 4  ? -15.298 -13.685 -5.997  0.50 66.77  ? 4  PHE C CZ  1 
ATOM   245 N  N   . LEU C  1 5  ? -11.248 -11.077 -4.372  1.00 62.52  ? 5  LEU C N   1 
ATOM   246 C  CA  . LEU C  1 5  ? -11.303 -9.781  -5.028  1.00 59.93  ? 5  LEU C CA  1 
ATOM   247 C  C   . LEU C  1 5  ? -11.803 -9.910  -6.473  1.00 62.45  ? 5  LEU C C   1 
ATOM   248 O  O   . LEU C  1 5  ? -11.295 -10.743 -7.216  1.00 61.98  ? 5  LEU C O   1 
ATOM   249 C  CB  . LEU C  1 5  ? -9.898  -9.121  -4.966  1.00 59.33  ? 5  LEU C CB  1 
ATOM   250 C  CG  . LEU C  1 5  ? -9.779  -7.656  -5.413  1.00 60.89  ? 5  LEU C CG  1 
ATOM   251 C  CD1 . LEU C  1 5  ? -10.484 -6.718  -4.475  1.00 59.61  ? 5  LEU C CD1 1 
ATOM   252 C  CD2 . LEU C  1 5  ? -8.359  -7.233  -5.409  1.00 65.51  ? 5  LEU C CD2 1 
HETATM 253 N  N   . ORN C  1 6  ? -14.008 -12.225 -10.524 1.00 115.71 ? 6  ORN C N   1 
HETATM 254 C  CA  . ORN C  1 6  ? -13.227 -12.137 -9.294  1.00 52.13  ? 6  ORN C CA  1 
HETATM 255 C  CB  . ORN C  1 6  ? -14.070 -11.485 -8.192  1.00 65.05  ? 6  ORN C CB  1 
HETATM 256 C  CG  . ORN C  1 6  ? -14.510 -10.059 -8.455  1.00 75.90  ? 6  ORN C CG  1 
HETATM 257 C  CD  . ORN C  1 6  ? -13.439 -9.005  -8.219  1.00 59.29  ? 6  ORN C CD  1 
HETATM 258 N  NE  . ORN C  1 6  ? -12.788 -9.126  -6.910  1.00 63.87  ? 6  ORN C NE  1 
HETATM 259 C  C   . ORN C  1 6  ? -12.808 -13.534 -8.832  1.00 82.26  ? 6  ORN C C   1 
HETATM 260 O  O   . ORN C  1 6  ? -13.384 -14.544 -9.250  1.00 100.72 ? 6  ORN C O   1 
HETATM 261 N  N   . HAO C  1 7  ? -11.830 -13.494 -7.933  1.00 79.04  ? 7  HAO C N   1 
HETATM 262 N  N9  . HAO C  1 7  ? -11.355 -14.480 -7.367  1.00 54.16  ? 7  HAO C N9  1 
HETATM 263 C  C10 . HAO C  1 7  ? -10.601 -14.352 -6.265  1.00 83.06  ? 7  HAO C C10 1 
HETATM 264 O  O11 . HAO C  1 7  ? -10.308 -13.279 -5.746  1.00 63.70  ? 7  HAO C O11 1 
HETATM 265 C  CA  . HAO C  1 7  ? -10.148 -15.655 -5.594  1.00 43.20  ? 7  HAO C CA  1 
HETATM 266 C  C13 . HAO C  1 7  ? -9.425  -15.601 -4.402  1.00 107.80 ? 7  HAO C C13 1 
HETATM 267 C  C14 . HAO C  1 7  ? -10.550 -16.896 -6.089  1.00 149.72 ? 7  HAO C C14 1 
HETATM 268 C  C15 . HAO C  1 7  ? -11.037 -18.327 -7.890  1.00 82.29  ? 7  HAO C C15 1 
HETATM 269 O  O15 . HAO C  1 7  ? -11.231 -17.015 -7.254  1.00 79.96  ? 7  HAO C O15 1 
HETATM 270 C  C17 . HAO C  1 7  ? -10.177 -18.047 -5.418  1.00 55.18  ? 7  HAO C C17 1 
HETATM 271 C  C18 . HAO C  1 7  ? -9.490  -17.995 -4.215  1.00 66.35  ? 7  HAO C C18 1 
HETATM 272 C  C19 . HAO C  1 7  ? -9.077  -16.765 -3.713  1.00 109.71 ? 7  HAO C C19 1 
HETATM 273 N  N20 . HAO C  1 7  ? -8.425  -16.651 -2.555  1.00 80.66  ? 7  HAO C N20 1 
HETATM 274 C  C21 . HAO C  1 7  ? -7.606  -17.536 -1.970  1.00 125.59 ? 7  HAO C C21 1 
HETATM 275 O  O22 . HAO C  1 7  ? -7.301  -18.638 -2.432  1.00 92.17  ? 7  HAO C O22 1 
HETATM 276 C  C   . HAO C  1 7  ? -6.996  -17.111 -0.630  1.00 78.19  ? 7  HAO C C   1 
HETATM 277 O  O   . HAO C  1 7  ? -7.294  -16.016 -0.151  1.00 87.65  ? 7  HAO C O   1 
ATOM   278 N  N   . TYR C  1 8  ? -6.127  -17.919 0.004   1.00 84.60  ? 8  TYR C N   1 
ATOM   279 C  CA  . TYR C  1 8  ? -5.375  -17.683 1.232   1.00 85.08  ? 8  TYR C CA  1 
ATOM   280 C  C   . TYR C  1 8  ? -4.015  -17.125 0.833   1.00 90.75  ? 8  TYR C C   1 
ATOM   281 O  O   . TYR C  1 8  ? -3.285  -17.765 0.073   1.00 91.79  ? 8  TYR C O   1 
ATOM   282 C  CB  . TYR C  1 8  ? -5.215  -18.972 2.040   1.00 87.82  ? 8  TYR C CB  1 
ATOM   283 C  CG  . TYR C  1 8  ? -4.557  -18.776 3.390   1.00 90.61  ? 8  TYR C CG  1 
ATOM   284 C  CD1 . TYR C  1 8  ? -5.311  -18.445 4.514   1.00 92.19  ? 8  TYR C CD1 1 
ATOM   285 C  CD2 . TYR C  1 8  ? -3.184  -18.958 3.556   1.00 92.24  ? 8  TYR C CD2 1 
ATOM   286 C  CE1 . TYR C  1 8  ? -4.715  -18.286 5.770   1.00 92.09  ? 8  TYR C CE1 1 
ATOM   287 C  CE2 . TYR C  1 8  ? -2.577  -18.797 4.804   1.00 93.23  ? 8  TYR C CE2 1 
ATOM   288 C  CZ  . TYR C  1 8  ? -3.351  -18.477 5.913   1.00 96.28  ? 8  TYR C CZ  1 
ATOM   289 O  OH  . TYR C  1 8  ? -2.778  -18.326 7.154   1.00 93.18  ? 8  TYR C OH  1 
ATOM   290 N  N   . LYS C  1 9  ? -3.695  -15.917 1.313   1.00 87.23  ? 9  LYS C N   1 
ATOM   291 C  CA  . LYS C  1 9  ? -2.417  -15.254 1.057   1.00 89.03  ? 9  LYS C CA  1 
ATOM   292 C  C   . LYS C  1 9  ? -1.837  -14.817 2.393   1.00 112.88 ? 9  LYS C C   1 
ATOM   293 O  O   . LYS C  1 9  ? -2.442  -14.001 3.077   1.00 77.45  ? 9  LYS C O   1 
ATOM   294 C  CB  . LYS C  1 9  ? -2.573  -14.075 0.085   1.00 89.38  ? 9  LYS C CB  1 
ATOM   295 C  CG  . LYS C  1 9  ? -2.757  -14.519 -1.360  1.00 110.94 ? 9  LYS C CG  1 
ATOM   296 C  CD  . LYS C  1 9  ? -2.439  -13.420 -2.361  1.00 121.03 ? 9  LYS C CD  1 
ATOM   297 C  CE  . LYS C  1 9  ? -3.260  -13.591 -3.616  1.00 126.72 ? 9  LYS C CE  1 
ATOM   298 N  NZ  . LYS C  1 9  ? -3.886  -12.310 -4.016  1.00 131.48 ? 9  LYS C NZ  1 
HETATM 299 N  N   . ORN C  1 10 ? -1.446  -13.810 7.451   1.00 66.20  ? 10 ORN C N   1 
HETATM 300 C  CA  . ORN C  1 10 ? -2.249  -14.131 6.291   1.00 267.53 ? 10 ORN C CA  1 
HETATM 301 C  CB  . ORN C  1 10 ? -1.957  -15.550 5.798   1.00 73.31  ? 10 ORN C CB  1 
HETATM 302 C  CG  . ORN C  1 10 ? -0.518  -15.797 5.410   1.00 80.55  ? 10 ORN C CG  1 
HETATM 303 C  CD  . ORN C  1 10 ? -0.022  -14.944 4.247   1.00 72.43  ? 10 ORN C CD  1 
HETATM 304 N  NE  . ORN C  1 10 ? -0.646  -15.308 2.975   1.00 111.40 ? 10 ORN C NE  1 
HETATM 305 C  C   . ORN C  1 10 ? -3.734  -13.968 6.587   1.00 93.60  ? 10 ORN C C   1 
HETATM 306 O  O   . ORN C  1 10 ? -4.158  -13.899 7.740   1.00 79.92  ? 10 ORN C O   1 
ATOM   307 N  N   . ALA D  1 1  ? -13.816 -2.408  -6.717  1.00 81.01  ? 1  ALA D N   1 
ATOM   308 C  CA  . ALA D  1 1  ? -13.852 -3.858  -6.718  1.00 80.87  ? 1  ALA D CA  1 
ATOM   309 C  C   . ALA D  1 1  ? -14.639 -4.407  -5.547  1.00 85.82  ? 1  ALA D C   1 
ATOM   310 O  O   . ALA D  1 1  ? -14.888 -3.723  -4.544  1.00 86.57  ? 1  ALA D O   1 
ATOM   311 C  CB  . ALA D  1 1  ? -12.439 -4.430  -6.698  1.00 80.45  ? 1  ALA D CB  1 
ATOM   312 N  N   . ILE D  1 2  ? -15.040 -5.666  -5.706  1.00 80.68  ? 2  ILE D N   1 
ATOM   313 C  CA  . ILE D  1 2  ? -15.720 -6.436  -4.698  1.00 78.31  ? 2  ILE D CA  1 
ATOM   314 C  C   . ILE D  1 2  ? -14.617 -7.174  -3.941  1.00 74.73  ? 2  ILE D C   1 
ATOM   315 O  O   . ILE D  1 2  ? -13.741 -7.816  -4.537  1.00 71.53  ? 2  ILE D O   1 
ATOM   316 C  CB  . ILE D  1 2  ? -16.807 -7.331  -5.333  1.00 83.09  ? 2  ILE D CB  1 
ATOM   317 C  CG1 . ILE D  1 2  ? -18.054 -6.462  -5.636  1.00 86.33  ? 2  ILE D CG1 1 
ATOM   318 C  CG2 . ILE D  1 2  ? -17.143 -8.486  -4.436  1.00 80.94  ? 2  ILE D CG2 1 
ATOM   319 C  CD1 . ILE D  1 2  ? -19.081 -7.050  -6.471  1.00 96.99  ? 2  ILE D CD1 1 
ATOM   320 N  N   . ILE D  1 3  ? -14.639 -7.009  -2.617  1.00 68.24  ? 3  ILE D N   1 
ATOM   321 C  CA  . ILE D  1 3  ? -13.655 -7.586  -1.729  1.00 64.96  ? 3  ILE D CA  1 
ATOM   322 C  C   . ILE D  1 3  ? -14.269 -8.300  -0.537  1.00 68.23  ? 3  ILE D C   1 
ATOM   323 O  O   . ILE D  1 3  ? -15.201 -7.792  0.078   1.00 67.88  ? 3  ILE D O   1 
ATOM   324 C  CB  . ILE D  1 3  ? -12.598 -6.498  -1.299  1.00 66.10  ? 3  ILE D CB  1 
ATOM   325 C  CG1 . ILE D  1 3  ? -11.538 -7.046  -0.306  1.00 64.06  ? 3  ILE D CG1 1 
ATOM   326 C  CG2 . ILE D  1 3  ? -13.252 -5.221  -0.773  1.00 67.57  ? 3  ILE D CG2 1 
ATOM   327 C  CD1 . ILE D  1 3  ? -10.173 -6.662  -0.596  1.00 70.38  ? 3  ILE D CD1 1 
ATOM   328 N  N   . PHE D  1 4  ? -13.711 -9.469  -0.228  1.00 65.31  ? 4  PHE D N   1 
ATOM   329 C  CA  A PHE D  1 4  ? -14.045 -10.263 0.950   0.50 64.92  ? 4  PHE D CA  1 
ATOM   330 C  CA  B PHE D  1 4  ? -14.046 -10.258 0.949   0.50 66.15  ? 4  PHE D CA  1 
ATOM   331 C  C   . PHE D  1 4  ? -12.717 -10.590 1.631   1.00 69.09  ? 4  PHE D C   1 
ATOM   332 O  O   . PHE D  1 4  ? -11.829 -11.181 1.019   1.00 67.42  ? 4  PHE D O   1 
ATOM   333 C  CB  A PHE D  1 4  ? -14.856 -11.531 0.590   0.50 66.20  ? 4  PHE D CB  1 
ATOM   334 C  CB  B PHE D  1 4  ? -14.849 -11.525 0.601   0.50 68.64  ? 4  PHE D CB  1 
ATOM   335 C  CG  A PHE D  1 4  ? -16.203 -11.215 -0.017  0.50 67.40  ? 4  PHE D CG  1 
ATOM   336 C  CG  B PHE D  1 4  ? -15.147 -12.377 1.810   0.50 70.97  ? 4  PHE D CG  1 
ATOM   337 C  CD1 A PHE D  1 4  ? -17.227 -10.677 0.759   0.50 70.02  ? 4  PHE D CD1 1 
ATOM   338 C  CD1 B PHE D  1 4  ? -16.181 -12.044 2.684   0.50 75.27  ? 4  PHE D CD1 1 
ATOM   339 C  CD2 A PHE D  1 4  ? -16.434 -11.406 -1.374  0.50 68.43  ? 4  PHE D CD2 1 
ATOM   340 C  CD2 B PHE D  1 4  ? -14.389 -13.505 2.087   0.50 73.12  ? 4  PHE D CD2 1 
ATOM   341 C  CE1 A PHE D  1 4  ? -18.454 -10.337 0.185   0.50 70.62  ? 4  PHE D CE1 1 
ATOM   342 C  CE1 B PHE D  1 4  ? -16.470 -12.844 3.790   0.50 76.52  ? 4  PHE D CE1 1 
ATOM   343 C  CE2 A PHE D  1 4  ? -17.672 -11.085 -1.936  0.50 71.20  ? 4  PHE D CE2 1 
ATOM   344 C  CE2 B PHE D  1 4  ? -14.661 -14.288 3.212   0.50 76.36  ? 4  PHE D CE2 1 
ATOM   345 C  CZ  A PHE D  1 4  ? -18.670 -10.549 -1.153  0.50 69.20  ? 4  PHE D CZ  1 
ATOM   346 C  CZ  B PHE D  1 4  ? -15.712 -13.964 4.041   0.50 75.26  ? 4  PHE D CZ  1 
ATOM   347 N  N   . LEU D  1 5  ? -12.556 -10.158 2.853   1.00 67.33  ? 5  LEU D N   1 
ATOM   348 C  CA  . LEU D  1 5  ? -11.325 -10.393 3.595   1.00 67.01  ? 5  LEU D CA  1 
ATOM   349 C  C   . LEU D  1 5  ? -11.617 -10.961 4.991   1.00 70.41  ? 5  LEU D C   1 
ATOM   350 O  O   . LEU D  1 5  ? -12.444 -10.401 5.707   1.00 69.87  ? 5  LEU D O   1 
ATOM   351 C  CB  . LEU D  1 5  ? -10.534 -9.057  3.681   1.00 66.31  ? 5  LEU D CB  1 
ATOM   352 C  CG  . LEU D  1 5  ? -9.112  -9.097  4.228   1.00 69.94  ? 5  LEU D CG  1 
ATOM   353 C  CD1 . LEU D  1 5  ? -8.153  -9.831  3.298   1.00 68.85  ? 5  LEU D CD1 1 
ATOM   354 C  CD2 . LEU D  1 5  ? -8.574  -7.723  4.337   1.00 74.61  ? 5  LEU D CD2 1 
HETATM 355 N  N   . ORN D  1 6  ? -14.482 -13.177 8.690   1.00 61.22  ? 6  ORN D N   1 
HETATM 356 C  CA  . ORN D  1 6  ? -14.180 -12.284 7.568   1.00 65.54  ? 6  ORN D CA  1 
HETATM 357 C  CB  . ORN D  1 6  ? -13.548 -13.114 6.447   1.00 78.69  ? 6  ORN D CB  1 
HETATM 358 C  CG  . ORN D  1 6  ? -12.213 -13.745 6.778   1.00 57.71  ? 6  ORN D CG  1 
HETATM 359 C  CD  . ORN D  1 6  ? -11.022 -12.803 6.662   1.00 55.46  ? 6  ORN D CD  1 
HETATM 360 N  NE  . ORN D  1 6  ? -10.977 -12.060 5.396   1.00 70.12  ? 6  ORN D NE  1 
HETATM 361 C  C   . ORN D  1 6  ? -15.481 -11.666 7.047   1.00 61.86  ? 6  ORN D C   1 
HETATM 362 O  O   . ORN D  1 6  ? -16.579 -12.127 7.368   1.00 92.83  ? 6  ORN D O   1 
HETATM 363 N  N   . HAO D  1 7  ? -15.292 -10.681 6.206   1.00 66.16  ? 7  HAO D N   1 
HETATM 364 N  N9  . HAO D  1 7  ? -16.169 -10.054 5.605   1.00 59.22  ? 7  HAO D N9  1 
HETATM 365 C  C10 . HAO D  1 7  ? -15.871 -9.249  4.573   1.00 82.29  ? 7  HAO D C10 1 
HETATM 366 O  O11 . HAO D  1 7  ? -14.733 -9.052  4.157   1.00 65.65  ? 7  HAO D O11 1 
HETATM 367 C  CA  . HAO D  1 7  ? -17.064 -8.612  3.844   1.00 87.76  ? 7  HAO D CA  1 
HETATM 368 C  C13 . HAO D  1 7  ? -16.826 -7.828  2.717   1.00 93.79  ? 7  HAO D C13 1 
HETATM 369 C  C14 . HAO D  1 7  ? -18.373 -8.881  4.233   1.00 69.61  ? 7  HAO D C14 1 
HETATM 370 C  C15 . HAO D  1 7  ? -20.020 -9.456  5.779   1.00 65.81  ? 7  HAO D C15 1 
HETATM 371 O  O15 . HAO D  1 7  ? -18.658 -9.655  5.319   1.00 116.94 ? 7  HAO D O15 1 
HETATM 372 C  C17 . HAO D  1 7  ? -19.412 -8.336  3.494   1.00 87.44  ? 7  HAO D C17 1 
HETATM 373 C  C18 . HAO D  1 7  ? -19.178 -7.571  2.367   1.00 69.80  ? 7  HAO D C18 1 
HETATM 374 C  C19 . HAO D  1 7  ? -17.874 -7.285  1.983   1.00 106.52 ? 7  HAO D C19 1 
HETATM 375 N  N20 . HAO D  1 7  ? -17.590 -6.577  0.887   1.00 89.99  ? 7  HAO D N20 1 
HETATM 376 C  C21 . HAO D  1 7  ? -18.311 -5.600  0.324   1.00 96.52  ? 7  HAO D C21 1 
HETATM 377 O  O22 . HAO D  1 7  ? -19.369 -5.152  0.775   1.00 121.32 ? 7  HAO D O22 1 
HETATM 378 C  C   . HAO D  1 7  ? -17.730 -4.980  -0.954  1.00 88.13  ? 7  HAO D C   1 
HETATM 379 O  O   . HAO D  1 7  ? -16.645 -5.379  -1.385  1.00 101.79 ? 7  HAO D O   1 
ATOM   380 N  N   . TYR D  1 8  ? -18.377 -3.969  -1.571  1.00 90.06  ? 8  TYR D N   1 
ATOM   381 C  CA  . TYR D  1 8  ? -17.970 -3.188  -2.728  1.00 90.66  ? 8  TYR D CA  1 
ATOM   382 C  C   . TYR D  1 8  ? -17.265 -1.934  -2.207  1.00 95.65  ? 8  TYR D C   1 
ATOM   383 O  O   . TYR D  1 8  ? -17.850 -1.169  -1.436  1.00 97.07  ? 8  TYR D O   1 
ATOM   384 C  CB  . TYR D  1 8  ? -19.173 -2.816  -3.601  1.00 93.43  ? 8  TYR D CB  1 
ATOM   385 C  CG  . TYR D  1 8  ? -18.807 -2.108  -4.890  1.00 97.46  ? 8  TYR D CG  1 
ATOM   386 C  CD1 . TYR D  1 8  ? -18.496 -2.828  -6.040  1.00 99.14  ? 8  TYR D CD1 1 
ATOM   387 C  CD2 . TYR D  1 8  ? -18.800 -0.715  -4.970  1.00 100.53 ? 8  TYR D CD2 1 
ATOM   388 C  CE1 . TYR D  1 8  ? -18.177 -2.180  -7.237  1.00 100.50 ? 8  TYR D CE1 1 
ATOM   389 C  CE2 . TYR D  1 8  ? -18.473 -0.057  -6.159  1.00 102.96 ? 8  TYR D CE2 1 
ATOM   390 C  CZ  . TYR D  1 8  ? -18.180 -0.796  -7.295  1.00 108.53 ? 8  TYR D CZ  1 
ATOM   391 O  OH  . TYR D  1 8  ? -17.868 -0.162  -8.473  1.00 110.67 ? 8  TYR D OH  1 
ATOM   392 N  N   . LYS D  1 9  ? -15.998 -1.747  -2.600  1.00 91.01  ? 9  LYS D N   1 
ATOM   393 C  CA  . LYS D  1 9  ? -15.199 -0.586  -2.219  1.00 92.66  ? 9  LYS D CA  1 
ATOM   394 C  C   . LYS D  1 9  ? -14.596 -0.002  -3.483  1.00 108.98 ? 9  LYS D C   1 
ATOM   395 O  O   . LYS D  1 9  ? -13.814 -0.675  -4.146  1.00 83.99  ? 9  LYS D O   1 
ATOM   396 C  CB  . LYS D  1 9  ? -14.120 -0.949  -1.184  1.00 93.20  ? 9  LYS D CB  1 
ATOM   397 C  CG  . LYS D  1 9  ? -14.680 -1.160  0.219   1.00 110.13 ? 9  LYS D CG  1 
ATOM   398 C  CD  . LYS D  1 9  ? -13.628 -1.057  1.301   1.00 120.19 ? 9  LYS D CD  1 
ATOM   399 C  CE  . LYS D  1 9  ? -13.955 -1.984  2.443   1.00 123.11 ? 9  LYS D CE  1 
ATOM   400 N  NZ  . LYS D  1 9  ? -12.727 -2.649  2.931   1.00 125.89 ? 9  LYS D NZ  1 
HETATM 401 N  N   . ORN D  1 10 ? -13.219 0.577   -8.441  1.00 65.17  ? 10 ORN D N   1 
HETATM 402 C  CA  . ORN D  1 10 ? -13.713 -0.256  -7.356  1.00 205.94 ? 10 ORN D CA  1 
HETATM 403 C  CB  . ORN D  1 10 ? -15.102 0.195   -6.905  1.00 76.91  ? 10 ORN D CB  1 
HETATM 404 C  CG  . ORN D  1 10 ? -15.186 1.625   -6.447  1.00 71.00  ? 10 ORN D CG  1 
HETATM 405 C  CD  . ORN D  1 10 ? -14.373 1.927   -5.208  1.00 86.02  ? 10 ORN D CD  1 
HETATM 406 N  NE  . ORN D  1 10 ? -14.899 1.282   -4.006  1.00 104.14 ? 10 ORN D NE  1 
HETATM 407 C  C   . ORN D  1 10 ? -13.740 -1.732  -7.742  1.00 72.97  ? 10 ORN D C   1 
HETATM 408 O  O   . ORN D  1 10 ? -13.678 -2.094  -8.923  1.00 82.89  ? 10 ORN D O   1 
ATOM   409 N  N   . ALA E  1 1  ? 3.400   14.221  5.368   1.00 79.20  ? 1  ALA E N   1 
ATOM   410 C  CA  . ALA E  1 1  ? 4.827   14.054  5.536   1.00 77.66  ? 1  ALA E CA  1 
ATOM   411 C  C   . ALA E  1 1  ? 5.605   14.613  4.372   1.00 82.72  ? 1  ALA E C   1 
ATOM   412 O  O   . ALA E  1 1  ? 5.079   14.822  3.275   1.00 83.02  ? 1  ALA E O   1 
ATOM   413 C  CB  . ALA E  1 1  ? 5.175   12.579  5.717   1.00 77.16  ? 1  ALA E CB  1 
ATOM   414 N  N   . ILE E  1 2  ? 6.882   14.870  4.644   1.00 79.12  ? 2  ILE E N   1 
ATOM   415 C  CA  . ILE E  1 2  ? 7.851   15.324  3.677   1.00 77.38  ? 2  ILE E CA  1 
ATOM   416 C  C   . ILE E  1 2  ? 8.518   14.056  3.146   1.00 76.71  ? 2  ILE E C   1 
ATOM   417 O  O   . ILE E  1 2  ? 8.945   13.179  3.914   1.00 74.42  ? 2  ILE E O   1 
ATOM   418 C  CB  . ILE E  1 2  ? 8.800   16.366  4.307   1.00 81.44  ? 2  ILE E CB  1 
ATOM   419 C  CG1 . ILE E  1 2  ? 8.088   17.735  4.343   1.00 85.02  ? 2  ILE E CG1 1 
ATOM   420 C  CG2 . ILE E  1 2  ? 10.086  16.448  3.534   1.00 79.99  ? 2  ILE E CG2 1 
ATOM   421 C  CD1 . ILE E  1 2  ? 8.695   18.781  5.129   1.00 96.86  ? 2  ILE E CD1 1 
ATOM   422 N  N   . ILE E  1 3  ? 8.513   13.935  1.822   1.00 71.42  ? 3  ILE E N   1 
ATOM   423 C  CA  . ILE E  1 3  ? 9.029   12.769  1.133   1.00 69.23  ? 3  ILE E CA  1 
ATOM   424 C  C   . ILE E  1 3  ? 9.940   13.127  -0.029  1.00 72.00  ? 3  ILE E C   1 
ATOM   425 O  O   . ILE E  1 3  ? 9.630   14.031  -0.808  1.00 73.24  ? 3  ILE E O   1 
ATOM   426 C  CB  . ILE E  1 3  ? 7.862   11.793  0.703   1.00 71.37  ? 3  ILE E CB  1 
ATOM   427 C  CG1 . ILE E  1 3  ? 8.386   10.556  -0.092  1.00 69.89  ? 3  ILE E CG1 1 
ATOM   428 C  CG2 . ILE E  1 3  ? 6.739   12.532  -0.061  1.00 72.65  ? 3  ILE E CG2 1 
ATOM   429 C  CD1 . ILE E  1 3  ? 7.744   9.315   0.207   1.00 84.36  ? 3  ILE E CD1 1 
ATOM   430 N  N   . PHE E  1 4  ? 11.052  12.395  -0.124  1.00 65.42  ? 4  PHE E N   1 
ATOM   431 C  CA  A PHE E  1 4  ? 12.007  12.491  -1.216  0.50 65.31  ? 4  PHE E CA  1 
ATOM   432 C  CA  B PHE E  1 4  ? 12.008  12.488  -1.217  0.50 64.96  ? 4  PHE E CA  1 
ATOM   433 C  C   . PHE E  1 4  ? 12.241  11.058  -1.695  1.00 67.00  ? 4  PHE E C   1 
ATOM   434 O  O   . PHE E  1 4  ? 12.647  10.200  -0.916  1.00 66.96  ? 4  PHE E O   1 
ATOM   435 C  CB  A PHE E  1 4  ? 13.319  13.189  -0.799  0.50 66.94  ? 4  PHE E CB  1 
ATOM   436 C  CB  B PHE E  1 4  ? 13.315  13.191  -0.793  0.50 66.25  ? 4  PHE E CB  1 
ATOM   437 C  CG  A PHE E  1 4  ? 14.340  13.245  -1.912  0.50 69.40  ? 4  PHE E CG  1 
ATOM   438 C  CG  B PHE E  1 4  ? 13.098  14.627  -0.378  0.50 68.70  ? 4  PHE E CG  1 
ATOM   439 C  CD1 A PHE E  1 4  ? 14.213  14.164  -2.954  0.50 74.72  ? 4  PHE E CD1 1 
ATOM   440 C  CD1 B PHE E  1 4  ? 12.842  15.614  -1.327  0.50 72.59  ? 4  PHE E CD1 1 
ATOM   441 C  CD2 A PHE E  1 4  ? 15.404  12.359  -1.942  0.50 70.47  ? 4  PHE E CD2 1 
ATOM   442 C  CD2 B PHE E  1 4  ? 13.128  14.993  0.965   0.50 70.04  ? 4  PHE E CD2 1 
ATOM   443 C  CE1 A PHE E  1 4  ? 15.159  14.218  -3.982  0.50 76.82  ? 4  PHE E CE1 1 
ATOM   444 C  CE1 B PHE E  1 4  ? 12.613  16.936  -0.938  0.50 74.11  ? 4  PHE E CE1 1 
ATOM   445 C  CE2 A PHE E  1 4  ? 16.337  12.401  -2.980  0.50 74.50  ? 4  PHE E CE2 1 
ATOM   446 C  CE2 B PHE E  1 4  ? 12.924  16.322  1.346   0.50 72.99  ? 4  PHE E CE2 1 
ATOM   447 C  CZ  A PHE E  1 4  ? 16.221  13.344  -3.978  0.50 74.96  ? 4  PHE E CZ  1 
ATOM   448 C  CZ  B PHE E  1 4  ? 12.657  17.282  0.395   0.50 72.35  ? 4  PHE E CZ  1 
ATOM   449 N  N   . LEU E  1 5  ? 11.927  10.786  -2.935  1.00 61.35  ? 5  LEU E N   1 
ATOM   450 C  CA  . LEU E  1 5  ? 12.089  9.451   -3.494  1.00 59.61  ? 5  LEU E CA  1 
ATOM   451 C  C   . LEU E  1 5  ? 12.830  9.492   -4.833  1.00 65.39  ? 5  LEU E C   1 
ATOM   452 O  O   . LEU E  1 5  ? 12.459  10.272  -5.703  1.00 66.48  ? 5  LEU E O   1 
ATOM   453 C  CB  . LEU E  1 5  ? 10.702  8.786   -3.645  1.00 58.00  ? 5  LEU E CB  1 
ATOM   454 C  CG  . LEU E  1 5  ? 10.670  7.282   -3.972  1.00 60.90  ? 5  LEU E CG  1 
ATOM   455 C  CD1 . LEU E  1 5  ? 11.199  6.429   -2.853  1.00 58.84  ? 5  LEU E CD1 1 
ATOM   456 C  CD2 . LEU E  1 5  ? 9.248   6.818   -4.195  1.00 65.98  ? 5  LEU E CD2 1 
HETATM 457 N  N   . ORN E  1 6  ? 15.698  11.520  -8.601  1.00 126.72 ? 6  ORN E N   1 
HETATM 458 C  CA  . ORN E  1 6  ? 14.738  11.527  -7.500  1.00 60.55  ? 6  ORN E CA  1 
HETATM 459 C  CB  . ORN E  1 6  ? 15.375  10.952  -6.231  1.00 58.34  ? 6  ORN E CB  1 
HETATM 460 C  CG  . ORN E  1 6  ? 15.848  9.513   -6.329  1.00 100.99 ? 6  ORN E CG  1 
HETATM 461 C  CD  . ORN E  1 6  ? 14.761  8.465   -6.186  1.00 59.87  ? 6  ORN E CD  1 
HETATM 462 N  NE  . ORN E  1 6  ? 13.886  8.680   -5.031  1.00 66.59  ? 6  ORN E NE  1 
HETATM 463 C  C   . ORN E  1 6  ? 14.266  12.953  -7.207  1.00 81.62  ? 6  ORN E C   1 
HETATM 464 O  O   . ORN E  1 6  ? 14.911  13.933  -7.596  1.00 86.25  ? 6  ORN E O   1 
HETATM 465 N  N   . HAO E  1 7  ? 13.164  12.977  -6.482  1.00 76.47  ? 7  HAO E N   1 
HETATM 466 N  N9  . HAO E  1 7  ? 12.603  13.996  -6.079  1.00 44.30  ? 7  HAO E N9  1 
HETATM 467 C  C10 . HAO E  1 7  ? 11.659  13.935  -5.121  1.00 95.54  ? 7  HAO E C10 1 
HETATM 468 O  O11 . HAO E  1 7  ? 11.270  12.896  -4.593  1.00 57.47  ? 7  HAO E O11 1 
HETATM 469 C  CA  . HAO E  1 7  ? 11.104  15.273  -4.625  1.00 51.37  ? 7  HAO E CA  1 
HETATM 470 C  C13 . HAO E  1 7  ? 10.180  15.285  -3.582  1.00 78.17  ? 7  HAO E C13 1 
HETATM 471 C  C14 . HAO E  1 7  ? 11.585  16.482  -5.131  1.00 89.79  ? 7  HAO E C14 1 
HETATM 472 C  C15 . HAO E  1 7  ? 12.629  17.850  -6.701  1.00 67.04  ? 7  HAO E C15 1 
HETATM 473 O  O15 . HAO E  1 7  ? 12.439  16.511  -6.188  1.00 74.10  ? 7  HAO E O15 1 
HETATM 474 C  C17 . HAO E  1 7  ? 11.097  17.672  -4.604  1.00 64.20  ? 7  HAO E C17 1 
HETATM 475 C  C18 . HAO E  1 7  ? 10.202  17.687  -3.543  1.00 61.19  ? 7  HAO E C18 1 
HETATM 476 C  C19 . HAO E  1 7  ? 9.707   16.484  -3.046  1.00 89.31  ? 7  HAO E C19 1 
HETATM 477 N  N20 . HAO E  1 7  ? 8.857   16.432  -2.020  1.00 80.18  ? 7  HAO E N20 1 
HETATM 478 C  C21 . HAO E  1 7  ? 7.930   17.329  -1.671  1.00 130.11 ? 7  HAO E C21 1 
HETATM 479 O  O22 . HAO E  1 7  ? 7.695   18.374  -2.283  1.00 84.57  ? 7  HAO E O22 1 
HETATM 480 C  C   . HAO E  1 7  ? 7.096   16.987  -0.427  1.00 89.98  ? 7  HAO E C   1 
HETATM 481 O  O   . HAO E  1 7  ? 7.297   15.927  0.168   1.00 89.46  ? 7  HAO E O   1 
ATOM   482 N  N   . TYR E  1 8  ? 6.123   17.832  -0.021  1.00 90.73  ? 8  TYR E N   1 
ATOM   483 C  CA  . TYR E  1 8  ? 5.173   17.674  1.068   1.00 90.97  ? 8  TYR E CA  1 
ATOM   484 C  C   . TYR E  1 8  ? 3.891   17.067  0.478   1.00 95.99  ? 8  TYR E C   1 
ATOM   485 O  O   . TYR E  1 8  ? 3.299   17.636  -0.442  1.00 96.86  ? 8  TYR E O   1 
ATOM   486 C  CB  . TYR E  1 8  ? 4.881   19.016  1.735   1.00 93.87  ? 8  TYR E CB  1 
ATOM   487 C  CG  . TYR E  1 8  ? 3.995   18.915  2.961   1.00 96.54  ? 8  TYR E CG  1 
ATOM   488 C  CD1 . TYR E  1 8  ? 4.537   18.671  4.219   1.00 97.21  ? 8  TYR E CD1 1 
ATOM   489 C  CD2 . TYR E  1 8  ? 2.616   19.098  2.868   1.00 99.63  ? 8  TYR E CD2 1 
ATOM   490 C  CE1 . TYR E  1 8  ? 3.732   18.607  5.355   1.00 97.69  ? 8  TYR E CE1 1 
ATOM   491 C  CE2 . TYR E  1 8  ? 1.800   19.032  3.999   1.00 102.47 ? 8  TYR E CE2 1 
ATOM   492 C  CZ  . TYR E  1 8  ? 2.366   18.802  5.241   1.00 106.15 ? 8  TYR E CZ  1 
ATOM   493 O  OH  . TYR E  1 8  ? 1.573   18.732  6.358   1.00 108.07 ? 8  TYR E OH  1 
ATOM   494 N  N   . LYS E  1 9  ? 3.493   15.897  0.985   1.00 91.57  ? 9  LYS E N   1 
ATOM   495 C  CA  . LYS E  1 9  ? 2.279   15.209  0.562   1.00 96.53  ? 9  LYS E CA  1 
ATOM   496 C  C   . LYS E  1 9  ? 1.474   14.867  1.806   1.00 114.13 ? 9  LYS E C   1 
ATOM   497 O  O   . LYS E  1 9  ? 1.946   14.102  2.637   1.00 85.35  ? 9  LYS E O   1 
ATOM   498 C  CB  . LYS E  1 9  ? 2.600   13.959  -0.272  1.00 96.85  ? 9  LYS E CB  1 
ATOM   499 C  CG  . LYS E  1 9  ? 3.041   14.292  -1.698  1.00 117.16 ? 9  LYS E CG  1 
ATOM   500 C  CD  . LYS E  1 9  ? 2.861   13.123  -2.651  1.00 127.34 ? 9  LYS E CD  1 
ATOM   501 C  CE  . LYS E  1 9  ? 3.921   13.130  -3.715  1.00 129.54 ? 9  LYS E CE  1 
ATOM   502 N  NZ  . LYS E  1 9  ? 4.411   11.753  -3.944  1.00 132.60 ? 9  LYS E NZ  1 
HETATM 503 N  N   . ORN E  1 10 ? 0.200   14.274  6.804   1.00 75.45  ? 10 ORN E N   1 
HETATM 504 C  CA  . ORN E  1 10 ? 1.195   14.491  5.769   1.00 90.03  ? 10 ORN E CA  1 
HETATM 505 C  CB  . ORN E  1 10 ? 1.005   15.854  5.103   1.00 102.23 ? 10 ORN E CB  1 
HETATM 506 C  CG  . ORN E  1 10 ? -0.343  16.058  4.461   1.00 57.86  ? 10 ORN E CG  1 
HETATM 507 C  CD  . ORN E  1 10 ? -0.635  15.121  3.302   1.00 78.91  ? 10 ORN E CD  1 
HETATM 508 N  NE  . ORN E  1 10 ? 0.204   15.388  2.138   1.00 112.09 ? 10 ORN E NE  1 
HETATM 509 C  C   . ORN E  1 10 ? 2.616   14.374  6.322   1.00 83.82  ? 10 ORN E C   1 
HETATM 510 O  O   . ORN E  1 10 ? 2.847   14.425  7.535   1.00 75.78  ? 10 ORN E O   1 
ATOM   511 N  N   . ALA F  1 1  ? 14.849  2.037   -4.102  1.00 87.41  ? 1  ALA F N   1 
ATOM   512 C  CA  . ALA F  1 1  ? 14.876  3.480   -4.207  1.00 85.90  ? 1  ALA F CA  1 
ATOM   513 C  C   . ALA F  1 1  ? 15.463  4.121   -2.965  1.00 89.33  ? 1  ALA F C   1 
ATOM   514 O  O   . ALA F  1 1  ? 15.536  3.514   -1.886  1.00 88.81  ? 1  ALA F O   1 
ATOM   515 C  CB  . ALA F  1 1  ? 13.478  4.028   -4.460  1.00 84.77  ? 1  ALA F CB  1 
ATOM   516 N  N   . ILE F  1 2  ? 15.893  5.370   -3.150  1.00 83.77  ? 2  ILE F N   1 
ATOM   517 C  CA  . ILE F  1 2  ? 16.386  6.220   -2.101  1.00 80.87  ? 2  ILE F CA  1 
ATOM   518 C  C   . ILE F  1 2  ? 15.169  6.997   -1.613  1.00 77.46  ? 2  ILE F C   1 
ATOM   519 O  O   . ILE F  1 2  ? 14.420  7.585   -2.408  1.00 75.11  ? 2  ILE F O   1 
ATOM   520 C  CB  . ILE F  1 2  ? 17.570  7.083   -2.601  1.00 85.46  ? 2  ILE F CB  1 
ATOM   521 C  CG1 . ILE F  1 2  ? 18.848  6.212   -2.616  1.00 88.47  ? 2  ILE F CG1 1 
ATOM   522 C  CG2 . ILE F  1 2  ? 17.745  8.296   -1.733  1.00 82.36  ? 2  ILE F CG2 1 
ATOM   523 C  CD1 . ILE F  1 2  ? 20.005  6.747   -3.289  1.00 98.73  ? 2  ILE F CD1 1 
ATOM   524 N  N   . ILE F  1 3  ? 14.950  6.925   -0.298  1.00 70.52  ? 3  ILE F N   1 
ATOM   525 C  CA  . ILE F  1 3  ? 13.813  7.543   0.340   1.00 67.51  ? 3  ILE F CA  1 
ATOM   526 C  C   . ILE F  1 3  ? 14.187  8.336   1.569   1.00 70.65  ? 3  ILE F C   1 
ATOM   527 O  O   . ILE F  1 3  ? 14.981  7.873   2.391   1.00 72.18  ? 3  ILE F O   1 
ATOM   528 C  CB  . ILE F  1 3  ? 12.691  6.473   0.638   1.00 69.15  ? 3  ILE F CB  1 
ATOM   529 C  CG1 . ILE F  1 3  ? 11.459  7.084   1.361   1.00 67.17  ? 3  ILE F CG1 1 
ATOM   530 C  CG2 . ILE F  1 3  ? 13.237  5.229   1.381   1.00 70.92  ? 3  ILE F CG2 1 
ATOM   531 C  CD1 . ILE F  1 3  ? 10.180  6.639   0.867   1.00 73.39  ? 3  ILE F CD1 1 
ATOM   532 N  N   . PHE F  1 4  ? 13.586  9.523   1.681   1.00 65.55  ? 4  PHE F N   1 
ATOM   533 C  CA  A PHE F  1 4  ? 13.701  10.394  2.843   0.50 65.33  ? 4  PHE F CA  1 
ATOM   534 C  CA  B PHE F  1 4  ? 13.698  10.396  2.843   0.50 65.67  ? 4  PHE F CA  1 
ATOM   535 C  C   . PHE F  1 4  ? 12.270  10.762  3.245   1.00 68.70  ? 4  PHE F C   1 
ATOM   536 O  O   . PHE F  1 4  ? 11.522  11.317  2.446   1.00 66.81  ? 4  PHE F O   1 
ATOM   537 C  CB  A PHE F  1 4  ? 14.565  11.639  2.561   0.50 67.34  ? 4  PHE F CB  1 
ATOM   538 C  CB  B PHE F  1 4  ? 14.571  11.637  2.554   0.50 68.02  ? 4  PHE F CB  1 
ATOM   539 C  CG  A PHE F  1 4  ? 14.649  12.581  3.736   0.50 68.26  ? 4  PHE F CG  1 
ATOM   540 C  CG  B PHE F  1 4  ? 16.000  11.281  2.223   0.50 70.25  ? 4  PHE F CG  1 
ATOM   541 C  CD1 A PHE F  1 4  ? 15.471  12.295  4.826   0.50 71.78  ? 4  PHE F CD1 1 
ATOM   542 C  CD1 B PHE F  1 4  ? 16.879  10.858  3.215   0.50 73.55  ? 4  PHE F CD1 1 
ATOM   543 C  CD2 A PHE F  1 4  ? 13.878  13.733  3.776   0.50 69.02  ? 4  PHE F CD2 1 
ATOM   544 C  CD2 B PHE F  1 4  ? 16.461  11.336  0.913   0.50 73.11  ? 4  PHE F CD2 1 
ATOM   545 C  CE1 A PHE F  1 4  ? 15.552  13.171  5.910   0.50 72.83  ? 4  PHE F CE1 1 
ATOM   546 C  CE1 B PHE F  1 4  ? 18.190  10.490  2.899   0.50 75.00  ? 4  PHE F CE1 1 
ATOM   547 C  CE2 A PHE F  1 4  ? 13.938  14.593  4.872   0.50 71.96  ? 4  PHE F CE2 1 
ATOM   548 C  CE2 B PHE F  1 4  ? 17.785  10.996  0.607   0.50 76.66  ? 4  PHE F CE2 1 
ATOM   549 C  CZ  A PHE F  1 4  ? 14.793  14.321  5.918   0.50 71.04  ? 4  PHE F CZ  1 
ATOM   550 C  CZ  B PHE F  1 4  ? 18.636  10.566  1.600   0.50 74.53  ? 4  PHE F CZ  1 
ATOM   551 N  N   . LEU F  1 5  ? 11.876  10.393  4.439   1.00 67.64  ? 5  LEU F N   1 
ATOM   552 C  CA  . LEU F  1 5  ? 10.528  10.657  4.922   1.00 67.36  ? 5  LEU F CA  1 
ATOM   553 C  C   . LEU F  1 5  ? 10.551  11.301  6.312   1.00 70.50  ? 5  LEU F C   1 
ATOM   554 O  O   . LEU F  1 5  ? 11.231  10.800  7.199   1.00 69.67  ? 5  LEU F O   1 
ATOM   555 C  CB  . LEU F  1 5  ? 9.737   9.330   4.926   1.00 66.95  ? 5  LEU F CB  1 
ATOM   556 C  CG  . LEU F  1 5  ? 8.232   9.374   5.210   1.00 70.39  ? 5  LEU F CG  1 
ATOM   557 C  CD1 . LEU F  1 5  ? 7.468   10.012  4.075   1.00 69.72  ? 5  LEU F CD1 1 
ATOM   558 C  CD2 . LEU F  1 5  ? 7.704   7.999   5.345   1.00 73.47  ? 5  LEU F CD2 1 
HETATM 559 N  N   . ORN F  1 6  ? 12.608  13.729  10.372  1.00 66.98  ? 6  ORN F N   1 
HETATM 560 C  CA  . ORN F  1 6  ? 12.587  12.836  9.212   1.00 68.25  ? 6  ORN F CA  1 
HETATM 561 C  CB  . ORN F  1 6  ? 12.169  13.611  7.950   1.00 70.13  ? 6  ORN F CB  1 
HETATM 562 C  CG  . ORN F  1 6  ? 10.774  14.214  7.993   1.00 72.67  ? 6  ORN F CG  1 
HETATM 563 C  CD  . ORN F  1 6  ? 9.637   13.230  7.734   1.00 51.89  ? 6  ORN F CD  1 
HETATM 564 N  NE  . ORN F  1 6  ? 9.829   12.414  6.528   1.00 71.79  ? 6  ORN F NE  1 
HETATM 565 C  C   . ORN F  1 6  ? 13.968  12.231  8.982   1.00 78.83  ? 6  ORN F C   1 
HETATM 566 O  O   . ORN F  1 6  ? 14.980  12.746  9.468   1.00 91.38  ? 6  ORN F O   1 
HETATM 567 N  N   . HAO F  1 7  ? 13.937  11.191  8.189   1.00 77.89  ? 7  HAO F N   1 
HETATM 568 N  N9  . HAO F  1 7  ? 14.915  10.546  7.807   1.00 62.95  ? 7  HAO F N9  1 
HETATM 569 C  C10 . HAO F  1 7  ? 14.815  9.659   6.802   1.00 67.24  ? 7  HAO F C10 1 
HETATM 570 O  O11 . HAO F  1 7  ? 13.775  9.414   6.192   1.00 77.42  ? 7  HAO F O11 1 
HETATM 571 C  CA  . HAO F  1 7  ? 16.119  8.983   6.363   1.00 88.52  ? 7  HAO F CA  1 
HETATM 572 C  C13 . HAO F  1 7  ? 16.100  8.125   5.264   1.00 89.86  ? 7  HAO F C13 1 
HETATM 573 C  C14 . HAO F  1 7  ? 17.327  9.277   6.988   1.00 59.79  ? 7  HAO F C14 1 
HETATM 574 C  C15 . HAO F  1 7  ? 18.702  10.116  8.675   1.00 67.82  ? 7  HAO F C15 1 
HETATM 575 O  O15 . HAO F  1 7  ? 17.393  10.116  8.062   1.00 125.20 ? 7  HAO F O15 1 
HETATM 576 C  C17 . HAO F  1 7  ? 18.489  8.685   6.508   1.00 80.39  ? 7  HAO F C17 1 
HETATM 577 C  C18 . HAO F  1 7  ? 18.484  7.872   5.386   1.00 87.47  ? 7  HAO F C18 1 
HETATM 578 C  C19 . HAO F  1 7  ? 17.272  7.548   4.782   1.00 107.57 ? 7  HAO F C19 1 
HETATM 579 N  N20 . HAO F  1 7  ? 17.206  6.771   3.702   1.00 79.91  ? 7  HAO F N20 1 
HETATM 580 C  C21 . HAO F  1 7  ? 18.022  5.772   3.350   1.00 117.60 ? 7  HAO F C21 1 
HETATM 581 O  O22 . HAO F  1 7  ? 18.976  5.367   4.018   1.00 118.78 ? 7  HAO F O22 1 
HETATM 582 C  C   . HAO F  1 7  ? 17.687  5.062   2.033   1.00 96.25  ? 7  HAO F C   1 
HETATM 583 O  O   . HAO F  1 7  ? 16.693  5.410   1.390   1.00 101.91 ? 7  HAO F O   1 
ATOM   584 N  N   . TYR F  1 8  ? 18.441  4.020   1.612   1.00 92.68  ? 8  TYR F N   1 
ATOM   585 C  CA  . TYR F  1 8  ? 18.251  3.148   0.461   1.00 92.29  ? 8  TYR F CA  1 
ATOM   586 C  C   . TYR F  1 8  ? 17.478  1.924   0.941   1.00 96.95  ? 8  TYR F C   1 
ATOM   587 O  O   . TYR F  1 8  ? 17.930  1.221   1.848   1.00 98.12  ? 8  TYR F O   1 
ATOM   588 C  CB  . TYR F  1 8  ? 19.590  2.734   -0.153  1.00 94.95  ? 8  TYR F CB  1 
ATOM   589 C  CG  . TYR F  1 8  ? 19.455  1.935   -1.435  1.00 97.35  ? 8  TYR F CG  1 
ATOM   590 C  CD1 . TYR F  1 8  ? 19.344  2.571   -2.669  1.00 98.74  ? 8  TYR F CD1 1 
ATOM   591 C  CD2 . TYR F  1 8  ? 19.471  0.541   -1.419  1.00 99.99  ? 8  TYR F CD2 1 
ATOM   592 C  CE1 . TYR F  1 8  ? 19.243  1.841   -3.856  1.00 100.01 ? 8  TYR F CE1 1 
ATOM   593 C  CE2 . TYR F  1 8  ? 19.358  -0.198  -2.601  1.00 102.24 ? 8  TYR F CE2 1 
ATOM   594 C  CZ  . TYR F  1 8  ? 19.262  0.459   -3.818  1.00 105.99 ? 8  TYR F CZ  1 
ATOM   595 O  OH  . TYR F  1 8  ? 19.158  -0.246  -4.990  1.00 107.45 ? 8  TYR F OH  1 
ATOM   596 N  N   . LYS F  1 9  ? 16.295  1.693   0.358   1.00 92.77  ? 9  LYS F N   1 
ATOM   597 C  CA  . LYS F  1 9  ? 15.448  0.548   0.674   1.00 95.31  ? 9  LYS F CA  1 
ATOM   598 C  C   . LYS F  1 9  ? 15.076  -0.136  -0.630  1.00 104.28 ? 9  LYS F C   1 
ATOM   599 O  O   . LYS F  1 9  ? 14.417  0.475   -1.465  1.00 72.65  ? 9  LYS F O   1 
ATOM   600 C  CB  . LYS F  1 9  ? 14.206  0.967   1.478   1.00 95.54  ? 9  LYS F CB  1 
ATOM   601 C  CG  . LYS F  1 9  ? 14.519  1.276   2.938   1.00 116.35 ? 9  LYS F CG  1 
ATOM   602 C  CD  . LYS F  1 9  ? 13.304  1.222   3.836   1.00 127.56 ? 9  LYS F CD  1 
ATOM   603 C  CE  . LYS F  1 9  ? 13.441  2.211   4.957   1.00 135.94 ? 9  LYS F CE  1 
ATOM   604 N  NZ  . LYS F  1 9  ? 12.165  2.926   5.156   1.00 144.52 ? 9  LYS F NZ  1 
HETATM 605 N  N   . ORN F  1 10 ? 14.562  -1.042  -5.698  1.00 59.89  ? 10 ORN F N   1 
HETATM 606 C  CA  . ORN F  1 10 ? 14.876  -0.145  -4.606  1.00 289.96 ? 10 ORN F CA  1 
HETATM 607 C  CB  . ORN F  1 10 ? 16.178  -0.546  -3.905  1.00 62.52  ? 10 ORN F CB  1 
HETATM 608 C  CG  . ORN F  1 10 ? 16.186  -1.942  -3.333  1.00 95.26  ? 10 ORN F CG  1 
HETATM 609 C  CD  . ORN F  1 10 ? 15.151  -2.166  -2.238  1.00 68.18  ? 10 ORN F CD  1 
HETATM 610 N  NE  . ORN F  1 10 ? 15.466  -1.442  -1.007  1.00 102.60 ? 10 ORN F NE  1 
HETATM 611 C  C   . ORN F  1 10 ? 14.959  1.300   -5.088  1.00 94.02  ? 10 ORN F C   1 
HETATM 612 O  O   . ORN F  1 10 ? 15.098  1.585   -6.282  1.00 62.28  ? 10 ORN F O   1 
ATOM   613 N  N   . ALA G  1 1  ? 11.089  2.058   -7.142  1.00 71.69  ? 1  ALA G N   1 
ATOM   614 C  CA  . ALA G  1 1  ? 10.284  1.316   -6.179  1.00 68.40  ? 1  ALA G CA  1 
ATOM   615 C  C   . ALA G  1 1  ? 8.807   1.588   -6.322  1.00 68.00  ? 1  ALA G C   1 
ATOM   616 O  O   . ALA G  1 1  ? 8.393   2.614   -6.889  1.00 65.87  ? 1  ALA G O   1 
ATOM   617 C  CB  . ALA G  1 1  ? 10.726  1.648   -4.761  1.00 68.39  ? 1  ALA G CB  1 
ATOM   618 N  N   . ILE G  1 2  ? 8.016   0.634   -5.809  1.00 61.33  ? 2  ILE G N   1 
ATOM   619 C  CA  . ILE G  1 2  ? 6.582   0.728   -5.730  1.00 58.80  ? 2  ILE G CA  1 
ATOM   620 C  C   . ILE G  1 2  ? 6.253   1.338   -4.353  1.00 60.64  ? 2  ILE G C   1 
ATOM   621 O  O   . ILE G  1 2  ? 6.731   0.870   -3.311  1.00 61.66  ? 2  ILE G O   1 
ATOM   622 C  CB  . ILE G  1 2  ? 5.927   -0.642  -6.007  1.00 62.55  ? 2  ILE G CB  1 
ATOM   623 C  CG1 . ILE G  1 2  ? 5.945   -0.911  -7.538  1.00 64.87  ? 2  ILE G CG1 1 
ATOM   624 C  CG2 . ILE G  1 2  ? 4.507   -0.695  -5.424  1.00 61.53  ? 2  ILE G CG2 1 
ATOM   625 C  CD1 . ILE G  1 2  ? 5.462   -2.141  -7.984  1.00 64.60  ? 2  ILE G CD1 1 
ATOM   626 N  N   . ILE G  1 3  ? 5.487   2.418   -4.373  1.00 54.32  ? 3  ILE G N   1 
ATOM   627 C  CA  . ILE G  1 3  ? 5.129   3.181   -3.195  1.00 53.28  ? 3  ILE G CA  1 
ATOM   628 C  C   . ILE G  1 3  ? 3.643   3.514   -3.105  1.00 55.27  ? 3  ILE G C   1 
ATOM   629 O  O   . ILE G  1 3  ? 3.007   3.841   -4.105  1.00 57.55  ? 3  ILE G O   1 
ATOM   630 C  CB  . ILE G  1 3  ? 6.017   4.470   -3.123  1.00 58.37  ? 3  ILE G CB  1 
ATOM   631 C  CG1 . ILE G  1 3  ? 5.705   5.323   -1.891  1.00 57.53  ? 3  ILE G CG1 1 
ATOM   632 C  CG2 . ILE G  1 3  ? 5.985   5.308   -4.441  1.00 62.10  ? 3  ILE G CG2 1 
ATOM   633 C  CD1 . ILE G  1 3  ? 6.821   6.029   -1.322  1.00 69.73  ? 3  ILE G CD1 1 
ATOM   634 N  N   . PHE G  1 4  ? 3.116   3.440   -1.881  1.00 46.78  ? 4  PHE G N   1 
ATOM   635 C  CA  A PHE G  1 4  ? 1.744   3.818   -1.544  0.50 44.73  ? 4  PHE G CA  1 
ATOM   636 C  CA  B PHE G  1 4  ? 1.747   3.820   -1.548  0.50 45.13  ? 4  PHE G CA  1 
ATOM   637 C  C   . PHE G  1 4  ? 1.833   4.793   -0.377  1.00 48.91  ? 4  PHE G C   1 
ATOM   638 O  O   . PHE G  1 4  ? 2.341   4.439   0.692   1.00 48.60  ? 4  PHE G O   1 
ATOM   639 C  CB  A PHE G  1 4  ? 0.866   2.588   -1.206  0.50 44.61  ? 4  PHE G CB  1 
ATOM   640 C  CB  B PHE G  1 4  ? 0.864   2.601   -1.209  0.50 45.40  ? 4  PHE G CB  1 
ATOM   641 C  CG  A PHE G  1 4  ? 0.708   1.647   -2.372  0.50 44.97  ? 4  PHE G CG  1 
ATOM   642 C  CG  B PHE G  1 4  ? -0.530  2.998   -0.790  0.50 46.35  ? 4  PHE G CG  1 
ATOM   643 C  CD1 A PHE G  1 4  ? -0.083  1.993   -3.460  0.50 46.73  ? 4  PHE G CD1 1 
ATOM   644 C  CD1 B PHE G  1 4  ? -1.489  3.327   -1.732  0.50 50.61  ? 4  PHE G CD1 1 
ATOM   645 C  CD2 A PHE G  1 4  ? 1.395   0.441   -2.416  0.50 46.45  ? 4  PHE G CD2 1 
ATOM   646 C  CD2 B PHE G  1 4  ? -0.874  3.084   0.554   0.50 48.93  ? 4  PHE G CD2 1 
ATOM   647 C  CE1 A PHE G  1 4  ? -0.174  1.155   -4.579  0.50 46.81  ? 4  PHE G CE1 1 
ATOM   648 C  CE1 B PHE G  1 4  ? -2.781  3.694   -1.340  0.50 52.99  ? 4  PHE G CE1 1 
ATOM   649 C  CE2 A PHE G  1 4  ? 1.289   -0.405  -3.534  0.50 48.75  ? 4  PHE G CE2 1 
ATOM   650 C  CE2 B PHE G  1 4  ? -2.157  3.480   0.947   0.50 53.03  ? 4  PHE G CE2 1 
ATOM   651 C  CZ  A PHE G  1 4  ? 0.508   -0.037  -4.606  0.50 46.14  ? 4  PHE G CZ  1 
ATOM   652 C  CZ  B PHE G  1 4  ? -3.110  3.756   -0.001  0.50 52.26  ? 4  PHE G CZ  1 
ATOM   653 N  N   . LEU G  1 5  ? 1.386   6.007   -0.592  1.00 46.33  ? 5  LEU G N   1 
ATOM   654 C  CA  . LEU G  1 5  ? 1.464   7.047   0.427   1.00 49.00  ? 5  LEU G CA  1 
ATOM   655 C  C   . LEU G  1 5  ? 0.120   7.753   0.616   1.00 56.50  ? 5  LEU G C   1 
ATOM   656 O  O   . LEU G  1 5  ? -0.505  8.156   -0.365  1.00 58.22  ? 5  LEU G O   1 
ATOM   657 C  CB  . LEU G  1 5  ? 2.579   8.051   -0.007  1.00 49.13  ? 5  LEU G CB  1 
ATOM   658 C  CG  . LEU G  1 5  ? 2.979   9.115   0.973   1.00 54.76  ? 5  LEU G CG  1 
ATOM   659 C  CD1 . LEU G  1 5  ? 3.741   8.536   2.163   1.00 55.71  ? 5  LEU G CD1 1 
ATOM   660 C  CD2 . LEU G  1 5  ? 3.792   10.170  0.280   1.00 57.48  ? 5  LEU G CD2 1 
HETATM 661 N  N   . ORN G  1 6  ? -4.966  8.418   0.165   1.00 42.30  ? 6  ORN G N   1 
HETATM 662 C  CA  . ORN G  1 6  ? -3.643  7.941   -0.229  1.00 68.71  ? 6  ORN G CA  1 
HETATM 663 C  CB  . ORN G  1 6  ? -3.037  7.023   0.845   1.00 45.00  ? 6  ORN G CB  1 
HETATM 664 C  CG  . ORN G  1 6  ? -2.813  7.670   2.195   1.00 42.00  ? 6  ORN G CG  1 
HETATM 665 C  CD  . ORN G  1 6  ? -1.586  8.567   2.295   1.00 37.39  ? 6  ORN G CD  1 
HETATM 666 N  NE  . ORN G  1 6  ? -0.361  7.929   1.809   1.00 52.33  ? 6  ORN G NE  1 
HETATM 667 C  C   . ORN G  1 6  ? -3.731  7.162   -1.534  1.00 59.21  ? 6  ORN G C   1 
HETATM 668 O  O   . ORN G  1 6  ? -4.797  6.634   -1.897  1.00 75.07  ? 6  ORN G O   1 
HETATM 669 N  N   . HAO G  1 7  ? -2.532  7.092   -2.134  1.00 52.51  ? 7  HAO G N   1 
HETATM 670 N  N9  . HAO G  1 7  ? -2.319  6.469   -3.179  1.00 61.49  ? 7  HAO G N9  1 
HETATM 671 C  C10 . HAO G  1 7  ? -1.076  6.176   -3.546  1.00 61.61  ? 7  HAO G C10 1 
HETATM 672 O  O11 . HAO G  1 7  ? -0.068  6.478   -2.896  1.00 54.73  ? 7  HAO G O11 1 
HETATM 673 C  CA  . HAO G  1 7  ? -0.942  5.348   -4.821  1.00 39.21  ? 7  HAO G CA  1 
HETATM 674 C  C13 . HAO G  1 7  ? 0.351   5.002   -5.224  1.00 53.17  ? 7  HAO G C13 1 
HETATM 675 C  C14 . HAO G  1 7  ? -2.053  4.833   -5.506  1.00 74.31  ? 7  HAO G C14 1 
HETATM 676 C  C15 . HAO G  1 7  ? -4.286  4.557   -5.982  1.00 39.45  ? 7  HAO G C15 1 
HETATM 677 O  O15 . HAO G  1 7  ? -3.321  5.133   -5.091  1.00 51.31  ? 7  HAO G O15 1 
HETATM 678 C  C17 . HAO G  1 7  ? -1.831  3.962   -6.590  1.00 34.78  ? 7  HAO G C17 1 
HETATM 679 C  C18 . HAO G  1 7  ? -0.531  3.649   -7.018  1.00 47.64  ? 7  HAO G C18 1 
HETATM 680 C  C19 . HAO G  1 7  ? 0.561   4.175   -6.330  1.00 50.53  ? 7  HAO G C19 1 
HETATM 681 N  N20 . HAO G  1 7  ? 1.825   3.889   -6.642  1.00 62.60  ? 7  HAO G N20 1 
HETATM 682 C  C21 . HAO G  1 7  ? 2.357   3.780   -7.864  1.00 61.01  ? 7  HAO G C21 1 
HETATM 683 O  O22 . HAO G  1 7  ? 1.738   3.911   -8.926  1.00 65.68  ? 7  HAO G O22 1 
HETATM 684 C  C   . HAO G  1 7  ? 3.863   3.506   -7.934  1.00 62.41  ? 7  HAO G C   1 
HETATM 685 O  O   . HAO G  1 7  ? 4.518   3.430   -6.895  1.00 60.79  ? 7  HAO G O   1 
ATOM   686 N  N   . TYR G  1 8  ? 4.460   3.374   -9.103  1.00 67.85  ? 8  TYR G N   1 
ATOM   687 C  CA  . TYR G  1 8  ? 5.855   3.096   -9.413  1.00 69.79  ? 8  TYR G CA  1 
ATOM   688 C  C   . TYR G  1 8  ? 6.555   4.401   -9.669  1.00 76.22  ? 8  TYR G C   1 
ATOM   689 O  O   . TYR G  1 8  ? 6.141   5.158   -10.541 1.00 77.95  ? 8  TYR G O   1 
ATOM   690 C  CB  . TYR G  1 8  ? 5.969   2.158   -10.633 1.00 73.33  ? 8  TYR G CB  1 
ATOM   691 C  CG  . TYR G  1 8  ? 7.368   1.681   -10.921 1.00 79.10  ? 8  TYR G CG  1 
ATOM   692 C  CD1 . TYR G  1 8  ? 7.886   0.551   -10.289 1.00 81.96  ? 8  TYR G CD1 1 
ATOM   693 C  CD2 . TYR G  1 8  ? 8.172   2.341   -11.845 1.00 83.25  ? 8  TYR G CD2 1 
ATOM   694 C  CE1 . TYR G  1 8  ? 9.169   0.087   -10.574 1.00 86.38  ? 8  TYR G CE1 1 
ATOM   695 C  CE2 . TYR G  1 8  ? 9.462   1.897   -12.125 1.00 87.31  ? 8  TYR G CE2 1 
ATOM   696 C  CZ  . TYR G  1 8  ? 9.947   0.756   -11.502 1.00 95.92  ? 8  TYR G CZ  1 
ATOM   697 O  OH  . TYR G  1 8  ? 11.214  0.303   -11.772 1.00 102.43 ? 8  TYR G OH  1 
ATOM   698 N  N   . LYS G  1 9  ? 7.595   4.686   -8.878  1.00 73.62  ? 9  LYS G N   1 
ATOM   699 C  CA  . LYS G  1 9  ? 8.423   5.885   -9.030  1.00 80.39  ? 9  LYS G CA  1 
ATOM   700 C  C   . LYS G  1 9  ? 9.885   5.468   -9.094  1.00 90.46  ? 9  LYS G C   1 
ATOM   701 O  O   . LYS G  1 9  ? 10.390  4.916   -8.126  1.00 76.63  ? 9  LYS G O   1 
ATOM   702 C  CB  . LYS G  1 9  ? 8.160   6.890   -7.902  1.00 80.45  ? 9  LYS G CB  1 
ATOM   703 C  CG  . LYS G  1 9  ? 6.847   7.653   -8.095  1.00 98.82  ? 9  LYS G CG  1 
ATOM   704 C  CD  . LYS G  1 9  ? 6.849   8.993   -7.326  1.00 107.94 ? 9  LYS G CD  1 
ATOM   705 C  CE  . LYS G  1 9  ? 6.102   10.139  -8.006  1.00 109.58 ? 9  LYS G CE  1 
ATOM   706 N  NZ  . LYS G  1 9  ? 7.002   11.158  -8.659  1.00 109.77 ? 9  LYS G NZ  1 
HETATM 707 N  N   . ORN G  1 10 ? 14.114  2.404   -8.930  1.00 58.77  ? 10 ORN G N   1 
HETATM 708 C  CA  . ORN G  1 10 ? 12.737  2.716   -8.575  1.00 92.65  ? 10 ORN G CA  1 
HETATM 709 C  CB  . ORN G  1 10 ? 11.899  2.760   -9.841  1.00 69.86  ? 10 ORN G CB  1 
HETATM 710 C  CG  . ORN G  1 10 ? 12.327  3.816   -10.823 1.00 64.64  ? 10 ORN G CG  1 
HETATM 711 C  CD  . ORN G  1 10 ? 12.147  5.234   -10.323 1.00 67.16  ? 10 ORN G CD  1 
HETATM 712 N  NE  . ORN G  1 10 ? 10.738  5.604   -10.190 1.00 91.39  ? 10 ORN G NE  1 
HETATM 713 C  C   . ORN G  1 10 ? 12.171  1.684   -7.601  1.00 68.23  ? 10 ORN G C   1 
HETATM 714 O  O   . ORN G  1 10 ? 12.789  0.649   -7.351  1.00 85.67  ? 10 ORN G O   1 
ATOM   715 N  N   . ALA H  1 1  ? 2.792   10.316  8.019   1.00 69.35  ? 1  ALA H N   1 
ATOM   716 C  CA  . ALA H  1 1  ? 1.995   9.664   6.988   1.00 66.00  ? 1  ALA H CA  1 
ATOM   717 C  C   . ALA H  1 1  ? 2.083   8.154   7.066   1.00 64.21  ? 1  ALA H C   1 
ATOM   718 O  O   . ALA H  1 1  ? 3.014   7.591   7.661   1.00 62.40  ? 1  ALA H O   1 
ATOM   719 C  CB  . ALA H  1 1  ? 2.438   10.140  5.604   1.00 65.36  ? 1  ALA H CB  1 
ATOM   720 N  N   . ILE H  1 2  ? 1.096   7.508   6.444   1.00 57.62  ? 2  ILE H N   1 
ATOM   721 C  CA  . ILE H  1 2  ? 1.034   6.074   6.276   1.00 53.31  ? 2  ILE H CA  1 
ATOM   722 C  C   . ILE H  1 2  ? 1.695   5.768   4.908   1.00 54.62  ? 2  ILE H C   1 
ATOM   723 O  O   . ILE H  1 2  ? 1.370   6.379   3.878   1.00 54.74  ? 2  ILE H O   1 
ATOM   724 C  CB  . ILE H  1 2  ? -0.406  5.577   6.418   1.00 56.30  ? 2  ILE H CB  1 
ATOM   725 C  CG1 . ILE H  1 2  ? -0.774  5.547   7.926   1.00 58.26  ? 2  ILE H CG1 1 
ATOM   726 C  CG2 . ILE H  1 2  ? -0.561  4.193   5.731   1.00 55.46  ? 2  ILE H CG2 1 
ATOM   727 C  CD1 . ILE H  1 2  ? -2.057  5.087   8.250   1.00 56.70  ? 2  ILE H CD1 1 
ATOM   728 N  N   . ILE H  1 3  ? 2.664   4.870   4.937   1.00 48.00  ? 3  ILE H N   1 
ATOM   729 C  CA  . ILE H  1 3  ? 3.460   4.514   3.788   1.00 45.98  ? 3  ILE H CA  1 
ATOM   730 C  C   . ILE H  1 3  ? 3.635   3.016   3.604   1.00 51.89  ? 3  ILE H C   1 
ATOM   731 O  O   . ILE H  1 3  ? 3.831   2.281   4.576   1.00 53.99  ? 3  ILE H O   1 
ATOM   732 C  CB  . ILE H  1 3  ? 4.841   5.254   3.857   1.00 49.92  ? 3  ILE H CB  1 
ATOM   733 C  CG1 . ILE H  1 3  ? 5.732   4.923   2.635   1.00 49.78  ? 3  ILE H CG1 1 
ATOM   734 C  CG2 . ILE H  1 3  ? 5.578   5.049   5.201   1.00 51.16  ? 3  ILE H CG2 1 
ATOM   735 C  CD1 . ILE H  1 3  ? 6.629   5.978   2.210   1.00 64.38  ? 3  ILE H CD1 1 
ATOM   736 N  N   . PHE H  1 4  ? 3.571   2.580   2.331   1.00 46.13  ? 4  PHE H N   1 
ATOM   737 C  CA  A PHE H  1 4  ? 3.831   1.204   1.919   0.50 44.90  ? 4  PHE H CA  1 
ATOM   738 C  CA  B PHE H  1 4  ? 3.834   1.205   1.924   0.50 45.01  ? 4  PHE H CA  1 
ATOM   739 C  C   . PHE H  1 4  ? 4.884   1.263   0.809   1.00 48.59  ? 4  PHE H C   1 
ATOM   740 O  O   . PHE H  1 4  ? 4.662   1.877   -0.234  1.00 49.03  ? 4  PHE H O   1 
ATOM   741 C  CB  A PHE H  1 4  ? 2.543   0.491   1.467   0.50 46.03  ? 4  PHE H CB  1 
ATOM   742 C  CB  B PHE H  1 4  ? 2.555   0.484   1.469   0.50 46.22  ? 4  PHE H CB  1 
ATOM   743 C  CG  A PHE H  1 4  ? 1.533   0.356   2.579   0.50 47.73  ? 4  PHE H CG  1 
ATOM   744 C  CG  B PHE H  1 4  ? 2.822   -0.918  0.969   0.50 47.39  ? 4  PHE H CG  1 
ATOM   745 C  CD1 A PHE H  1 4  ? 1.741   -0.539  3.620   0.50 51.58  ? 4  PHE H CD1 1 
ATOM   746 C  CD1 B PHE H  1 4  ? 2.999   -1.969  1.856   0.50 51.44  ? 4  PHE H CD1 1 
ATOM   747 C  CD2 A PHE H  1 4  ? 0.398   1.162   2.616   0.50 50.18  ? 4  PHE H CD2 1 
ATOM   748 C  CD2 B PHE H  1 4  ? 2.940   -1.178  -0.390  0.50 49.07  ? 4  PHE H CD2 1 
ATOM   749 C  CE1 A PHE H  1 4  ? 0.841   -0.615  4.692   0.50 54.06  ? 4  PHE H CE1 1 
ATOM   750 C  CE1 B PHE H  1 4  ? 3.254   -3.264  1.390   0.50 52.67  ? 4  PHE H CE1 1 
ATOM   751 C  CE2 A PHE H  1 4  ? -0.511  1.070   3.676   0.50 54.85  ? 4  PHE H CE2 1 
ATOM   752 C  CE2 B PHE H  1 4  ? 3.223   -2.466  -0.855  0.50 52.55  ? 4  PHE H CE2 1 
ATOM   753 C  CZ  A PHE H  1 4  ? -0.287  0.175   4.706   0.50 53.69  ? 4  PHE H CZ  1 
ATOM   754 C  CZ  B PHE H  1 4  ? 3.352   -3.504  0.034   0.50 51.59  ? 4  PHE H CZ  1 
ATOM   755 N  N   . LEU H  1 5  ? 6.030   0.684   1.047   1.00 45.91  ? 5  LEU H N   1 
ATOM   756 C  CA  . LEU H  1 5  ? 7.132   0.721   0.096   1.00 47.68  ? 5  LEU H CA  1 
ATOM   757 C  C   . LEU H  1 5  ? 7.698   -0.673  -0.177  1.00 52.64  ? 5  LEU H C   1 
ATOM   758 O  O   . LEU H  1 5  ? 7.973   -1.413  0.765   1.00 55.38  ? 5  LEU H O   1 
ATOM   759 C  CB  . LEU H  1 5  ? 8.215   1.676   0.679   1.00 48.57  ? 5  LEU H CB  1 
ATOM   760 C  CG  . LEU H  1 5  ? 9.413   2.015   -0.193  1.00 54.91  ? 5  LEU H CG  1 
ATOM   761 C  CD1 . LEU H  1 5  ? 9.022   2.906   -1.394  1.00 56.54  ? 5  LEU H CD1 1 
ATOM   762 C  CD2 . LEU H  1 5  ? 10.525  2.589   0.648   1.00 55.53  ? 5  LEU H CD2 1 
HETATM 763 N  N   . ORN H  1 6  ? 7.777   -5.825  -0.083  1.00 53.04  ? 6  ORN H N   1 
HETATM 764 C  CA  . ORN H  1 6  ? 7.458   -4.480  0.383   1.00 55.30  ? 6  ORN H CA  1 
HETATM 765 C  CB  . ORN H  1 6  ? 6.643   -3.714  -0.681  1.00 62.46  ? 6  ORN H CB  1 
HETATM 766 C  CG  . ORN H  1 6  ? 7.362   -3.468  -2.001  1.00 49.01  ? 6  ORN H CG  1 
HETATM 767 C  CD  . ORN H  1 6  ? 8.405   -2.345  -1.975  1.00 33.90  ? 6  ORN H CD  1 
HETATM 768 N  NE  . ORN H  1 6  ? 7.883   -1.081  -1.401  1.00 42.19  ? 6  ORN H NE  1 
HETATM 769 C  C   . ORN H  1 6  ? 6.619   -4.579  1.645   1.00 49.19  ? 6  ORN H C   1 
HETATM 770 O  O   . ORN H  1 6  ? 5.989   -5.619  1.913   1.00 55.29  ? 6  ORN H O   1 
HETATM 771 N  N   . HAO H  1 7  ? 6.596   -3.421  2.321   1.00 50.22  ? 7  HAO H N   1 
HETATM 772 N  N9  . HAO H  1 7  ? 5.944   -3.223  3.358   1.00 49.91  ? 7  HAO H N9  1 
HETATM 773 C  C10 . HAO H  1 7  ? 5.771   -1.985  3.810   1.00 78.06  ? 7  HAO H C10 1 
HETATM 774 O  O11 . HAO H  1 7  ? 6.204   -0.974  3.254   1.00 60.93  ? 7  HAO H O11 1 
HETATM 775 C  CA  . HAO H  1 7  ? 4.908   -1.841  5.058   1.00 53.89  ? 7  HAO H CA  1 
HETATM 776 C  C13 . HAO H  1 7  ? 4.695   -0.542  5.548   1.00 35.44  ? 7  HAO H C13 1 
HETATM 777 C  C14 . HAO H  1 7  ? 4.259   -2.939  5.643   1.00 72.23  ? 7  HAO H C14 1 
HETATM 778 C  C15 . HAO H  1 7  ? 3.557   -5.155  5.775   1.00 44.90  ? 7  HAO H C15 1 
HETATM 779 O  O15 . HAO H  1 7  ? 4.466   -4.203  5.152   1.00 56.58  ? 7  HAO H O15 1 
HETATM 780 C  C17 . HAO H  1 7  ? 3.390   -2.705  6.732   1.00 43.34  ? 7  HAO H C17 1 
HETATM 781 C  C18 . HAO H  1 7  ? 3.174   -1.411  7.224   1.00 50.33  ? 7  HAO H C18 1 
HETATM 782 C  C19 . HAO H  1 7  ? 3.826   -0.327  6.634   1.00 60.42  ? 7  HAO H C19 1 
HETATM 783 N  N20 . HAO H  1 7  ? 3.636   0.932   7.027   1.00 43.70  ? 7  HAO H N20 1 
HETATM 784 C  C21 . HAO H  1 7  ? 3.473   1.394   8.272   1.00 52.55  ? 7  HAO H C21 1 
HETATM 785 O  O22 . HAO H  1 7  ? 3.443   0.693   9.287   1.00 58.84  ? 7  HAO H O22 1 
HETATM 786 C  C   . HAO H  1 7  ? 3.345   2.919   8.437   1.00 51.36  ? 7  HAO H C   1 
HETATM 787 O  O   . HAO H  1 7  ? 3.419   3.648   7.444   1.00 53.21  ? 7  HAO H O   1 
ATOM   788 N  N   . TYR H  1 8  ? 3.173   3.461   9.650   1.00 61.30  ? 8  TYR H N   1 
ATOM   789 C  CA  . TYR H  1 8  ? 3.039   4.861   10.033  1.00 64.33  ? 8  TYR H CA  1 
ATOM   790 C  C   . TYR H  1 8  ? 4.395   5.386   10.408  1.00 73.56  ? 8  TYR H C   1 
ATOM   791 O  O   . TYR H  1 8  ? 5.032   4.827   11.296  1.00 77.08  ? 8  TYR H O   1 
ATOM   792 C  CB  . TYR H  1 8  ? 2.053   5.026   11.196  1.00 69.57  ? 8  TYR H CB  1 
ATOM   793 C  CG  . TYR H  1 8  ? 1.729   6.464   11.551  1.00 74.78  ? 8  TYR H CG  1 
ATOM   794 C  CD1 . TYR H  1 8  ? 0.709   7.153   10.895  1.00 77.53  ? 8  TYR H CD1 1 
ATOM   795 C  CD2 . TYR H  1 8  ? 2.420   7.128   12.562  1.00 78.43  ? 8  TYR H CD2 1 
ATOM   796 C  CE1 . TYR H  1 8  ? 0.397   8.470   11.224  1.00 82.08  ? 8  TYR H CE1 1 
ATOM   797 C  CE2 . TYR H  1 8  ? 2.125   8.448   12.893  1.00 82.71  ? 8  TYR H CE2 1 
ATOM   798 C  CZ  . TYR H  1 8  ? 1.099   9.109   12.232  1.00 94.84  ? 8  TYR H CZ  1 
ATOM   799 O  OH  . TYR H  1 8  ? 0.797   10.410  12.556  1.00 107.09 ? 8  TYR H OH  1 
ATOM   800 N  N   . LYS H  1 9  ? 4.858   6.433   9.706   1.00 70.48  ? 9  LYS H N   1 
ATOM   801 C  CA  . LYS H  1 9  ? 6.130   7.099   9.978   1.00 86.88  ? 9  LYS H CA  1 
ATOM   802 C  C   . LYS H  1 9  ? 5.888   8.595   10.090  1.00 102.08 ? 9  LYS H C   1 
ATOM   803 O  O   . LYS H  1 9  ? 5.468   9.211   9.116   1.00 79.09  ? 9  LYS H O   1 
ATOM   804 C  CB  . LYS H  1 9  ? 7.171   6.770   8.904   1.00 86.00  ? 9  LYS H CB  1 
ATOM   805 C  CG  . LYS H  1 9  ? 7.758   5.362   9.045   1.00 98.95  ? 9  LYS H CG  1 
ATOM   806 C  CD  . LYS H  1 9  ? 9.139   5.265   8.354   1.00 104.56 ? 9  LYS H CD  1 
ATOM   807 C  CE  . LYS H  1 9  ? 10.161  4.350   9.032   1.00 103.23 ? 9  LYS H CE  1 
ATOM   808 N  NZ  . LYS H  1 9  ? 11.196  5.061   9.866   1.00 102.46 ? 9  LYS H NZ  1 
HETATM 809 N  N   . ORN H  1 10 ? 3.398   13.173  9.955   1.00 57.83  ? 10 ORN H N   1 
HETATM 810 C  CA  . ORN H  1 10 ? 3.556   11.784  9.570   1.00 87.41  ? 10 ORN H CA  1 
HETATM 811 C  CB  . ORN H  1 10 ? 3.399   10.898  10.803  1.00 77.83  ? 10 ORN H CB  1 
HETATM 812 C  CG  . ORN H  1 10 ? 4.435   11.147  11.878  1.00 54.15  ? 10 ORN H CG  1 
HETATM 813 C  CD  . ORN H  1 10 ? 5.857   10.800  11.454  1.00 68.33  ? 10 ORN H CD  1 
HETATM 814 N  NE  . ORN H  1 10 ? 6.061   9.364   11.263  1.00 98.78  ? 10 ORN H NE  1 
HETATM 815 C  C   . ORN H  1 10 ? 2.524   11.406  8.514   1.00 68.66  ? 10 ORN H C   1 
HETATM 816 O  O   . ORN H  1 10 ? 1.579   12.156  8.248   1.00 63.97  ? 10 ORN H O   1 
HETATM 817 ZN ZN  . ZN  I  2 .  ? -13.007 -0.853  -10.174 1.00 95.94  ? 12 ZN  A ZN  1 
HETATM 818 ZN ZN  . ZN  J  2 .  ? 6.362   -7.288  0.916   1.00 59.49  ? 18 ZN  A ZN  1 
HETATM 819 C  C1  . GOL K  3 .  ? -9.143  -1.344  4.775   1.00 99.96  ? 11 GOL B C1  1 
HETATM 820 O  O1  . GOL K  3 .  ? -9.716  -0.637  3.642   1.00 99.10  ? 11 GOL B O1  1 
HETATM 821 C  C2  . GOL K  3 .  ? -9.071  -0.525  6.082   1.00 99.82  ? 11 GOL B C2  1 
HETATM 822 O  O2  . GOL K  3 .  ? -9.058  -1.419  7.211   1.00 100.82 ? 11 GOL B O2  1 
HETATM 823 C  C3  . GOL K  3 .  ? -10.094 0.649   6.234   1.00 99.94  ? 11 GOL B C3  1 
HETATM 824 O  O3  . GOL K  3 .  ? -9.720  1.869   5.518   1.00 99.82  ? 11 GOL B O3  1 
HETATM 825 ZN ZN  . ZN  L  2 .  ? -3.203  -13.396 9.391   1.00 90.39  ? 13 ZN  B ZN  1 
HETATM 826 ZN ZN  . ZN  M  2 .  ? -6.451  7.256   -0.866  1.00 61.72  ? 14 ZN  B ZN  1 
HETATM 827 CL CL  . CL  N  4 .  ? -6.767  -11.612 -4.762  1.00 114.77 ? 11 CL  C CL  1 
HETATM 828 CL CL  . CL  O  4 .  ? -12.865 -5.344  3.455   1.00 121.70 ? 11 CL  D CL  1 
HETATM 829 CL CL  . CL  P  4 .  ? 7.144   12.326  -4.710  1.00 113.50 ? 11 CL  E CL  1 
HETATM 830 ZN ZN  . ZN  Q  2 .  ? 16.537  13.496  -9.044  1.00 92.22  ? 15 ZN  E ZN  1 
HETATM 831 ZN ZN  . ZN  R  2 .  ? 1.370   14.057  8.789   1.00 86.92  ? 19 ZN  E ZN  1 
HETATM 832 CL CL  . CL  S  4 .  ? 11.763  5.493   5.049   1.00 109.02 ? 11 CL  F CL  1 
HETATM 833 ZN ZN  . ZN  T  2 .  ? 14.537  14.334  10.962  1.00 92.56  ? 16 ZN  F ZN  1 
HETATM 834 ZN ZN  . ZN  U  2 .  ? 14.725  0.358   -7.794  1.00 93.05  ? 17 ZN  F ZN  1 
HETATM 835 C  C1  . GOL V  3 .  ? 2.736   8.456   -4.957  1.00 91.09  ? 11 GOL G C1  1 
HETATM 836 O  O1  . GOL V  3 .  ? 1.650   9.261   -4.454  1.00 90.90  ? 11 GOL G O1  1 
HETATM 837 C  C2  . GOL V  3 .  ? 2.473   7.946   -6.412  1.00 90.73  ? 11 GOL G C2  1 
HETATM 838 O  O2  . GOL V  3 .  ? 3.719   7.671   -7.058  1.00 90.49  ? 11 GOL G O2  1 
HETATM 839 C  C3  . GOL V  3 .  ? 1.470   8.764   -7.317  1.00 90.88  ? 11 GOL G C3  1 
HETATM 840 O  O3  . GOL V  3 .  ? 0.074   8.743   -6.847  1.00 90.64  ? 11 GOL G O3  1 
HETATM 841 C  C1  . GOL W  3 .  ? -0.399  -0.426  11.579  1.00 68.23  ? 11 GOL H C1  1 
HETATM 842 O  O1  . GOL W  3 .  ? -1.367  0.588   12.091  1.00 66.87  ? 11 GOL H O1  1 
HETATM 843 C  C2  . GOL W  3 .  ? -0.486  -0.597  10.021  1.00 67.85  ? 11 GOL H C2  1 
HETATM 844 O  O2  . GOL W  3 .  ? -1.867  -0.937  9.781   1.00 68.30  ? 11 GOL H O2  1 
HETATM 845 C  C3  . GOL W  3 .  ? -0.258  0.730   9.229   1.00 67.68  ? 11 GOL H C3  1 
HETATM 846 O  O3  . GOL W  3 .  ? -0.535  1.922   10.006  1.00 66.06  ? 11 GOL H O3  1 
HETATM 847 O  O   . HOH X  5 .  ? -8.033  1.902   -7.291  1.00 76.06  ? 20 HOH A O   1 
HETATM 848 O  O   . HOH Y  5 .  ? -8.504  8.371   0.162   1.00 71.16  ? 12 HOH B O   1 
HETATM 849 O  O   . HOH Y  5 .  ? -9.925  1.849   1.664   1.00 86.21  ? 15 HOH B O   1 
HETATM 850 O  O   . HOH Y  5 .  ? -10.308 6.035   -0.537  1.00 90.64  ? 18 HOH B O   1 
HETATM 851 O  O   . HOH Y  5 .  ? 0.275   -8.448  6.443   1.00 75.56  ? 19 HOH B O   1 
HETATM 852 O  O   . HOH Z  5 .  ? 14.983  12.875  12.103  1.00 86.37  ? 14 HOH F O   1 
HETATM 853 O  O   . HOH AA 5 .  ? -0.329  9.791   -2.541  1.00 74.15  ? 12 HOH G O   1 
HETATM 854 O  O   . HOH AA 5 .  ? 3.814   7.552   -9.607  1.00 75.04  ? 13 HOH G O   1 
HETATM 855 O  O   . HOH AA 5 .  ? -1.309  10.372  -8.250  1.00 70.19  ? 14 HOH G O   1 
HETATM 856 O  O   . HOH AA 5 .  ? 9.286   7.119   -12.388 1.00 77.56  ? 15 HOH G O   1 
HETATM 857 O  O   . HOH AA 5 .  ? -4.191  11.077  -0.261  1.00 81.07  ? 17 HOH G O   1 
HETATM 858 O  O   . HOH AA 5 .  ? -9.327  10.651  -1.085  1.00 63.23  ? 21 HOH G O   1 
HETATM 859 O  O   . HOH AA 5 .  ? -6.822  9.091   -2.590  1.00 67.33  ? 23 HOH G O   1 
HETATM 860 O  O   . HOH AA 5 .  ? 9.170   -2.235  -5.443  1.00 60.29  ? 24 HOH G O   1 
HETATM 861 O  O   . HOH BA 5 .  ? 7.422   -8.917  -0.832  1.00 69.53  ? 13 HOH H O   1 
HETATM 862 O  O   . HOH BA 5 .  ? 10.426  -5.914  1.795   1.00 69.38  ? 16 HOH H O   1 
HETATM 863 O  O   . HOH BA 5 .  ? 8.108   -7.744  2.000   1.00 79.18  ? 22 HOH H O   1 
HETATM 864 O  O   . HOH BA 5 .  ? -1.205  9.293   5.353   1.00 75.22  ? 25 HOH H O   1 
# 
loop_
_atom_site_anisotrop.id 
_atom_site_anisotrop.type_symbol 
_atom_site_anisotrop.pdbx_label_atom_id 
_atom_site_anisotrop.pdbx_label_alt_id 
_atom_site_anisotrop.pdbx_label_comp_id 
_atom_site_anisotrop.pdbx_label_asym_id 
_atom_site_anisotrop.pdbx_label_seq_id 
_atom_site_anisotrop.pdbx_PDB_ins_code 
_atom_site_anisotrop.U[1][1] 
_atom_site_anisotrop.U[2][2] 
_atom_site_anisotrop.U[3][3] 
_atom_site_anisotrop.U[1][2] 
_atom_site_anisotrop.U[1][3] 
_atom_site_anisotrop.U[2][3] 
_atom_site_anisotrop.pdbx_auth_seq_id 
_atom_site_anisotrop.pdbx_auth_comp_id 
_atom_site_anisotrop.pdbx_auth_asym_id 
_atom_site_anisotrop.pdbx_auth_atom_id 
1   N  N   . ALA A 1  ? 0.8721 0.9745 0.8434 -0.4653 -0.1716 0.1785  1  ALA A N   
2   C  CA  . ALA A 1  ? 0.7971 0.9200 0.8283 -0.4461 -0.1301 0.1777  1  ALA A CA  
3   C  C   . ALA A 1  ? 0.7738 0.8626 0.7572 -0.4285 -0.0987 0.1536  1  ALA A C   
4   O  O   . ALA A 1  ? 0.7815 0.8265 0.6958 -0.4327 -0.1029 0.1333  1  ALA A O   
5   C  CB  . ALA A 1  ? 0.7644 0.9042 0.8649 -0.4574 -0.1228 0.1719  1  ALA A CB  
6   N  N   . ILE A 2  ? 0.6765 0.7864 0.7075 -0.4100 -0.0652 0.1549  2  ILE A N   
7   C  CA  . ILE A 2  ? 0.6768 0.7658 0.6951 -0.3919 -0.0361 0.1317  2  ILE A CA  
8   C  C   . ILE A 2  ? 0.7289 0.8182 0.7755 -0.3959 -0.0344 0.1173  2  ILE A C   
9   O  O   . ILE A 2  ? 0.7225 0.8398 0.8223 -0.4046 -0.0293 0.1262  2  ILE A O   
10  C  CB  . ILE A 2  ? 0.6979 0.8088 0.7526 -0.3721 -0.0026 0.1388  2  ILE A CB  
11  C  CG1 . ILE A 2  ? 0.7589 0.8377 0.7478 -0.3673 0.0008  0.1454  2  ILE A CG1 
12  C  CG2 . ILE A 2  ? 0.6921 0.8023 0.7780 -0.3557 0.0256  0.1141  2  ILE A CG2 
13  C  CD1 . ILE A 2  ? 0.7033 0.7916 0.7136 -0.3500 0.0342  0.1548  2  ILE A CD1 
14  N  N   . ILE A 3  ? 0.6620 0.7123 0.6684 -0.3922 -0.0381 0.0961  3  ILE A N   
15  C  CA  . ILE A 3  ? 0.6264 0.6614 0.6372 -0.3958 -0.0433 0.0855  3  ILE A CA  
16  C  C   . ILE A 3  ? 0.6607 0.6742 0.6703 -0.3760 -0.0355 0.0670  3  ILE A C   
17  O  O   . ILE A 3  ? 0.6964 0.6857 0.6855 -0.3649 -0.0290 0.0555  3  ILE A O   
18  C  CB  . ILE A 3  ? 0.7028 0.7078 0.6741 -0.4160 -0.0658 0.0835  3  ILE A CB  
19  C  CG1 . ILE A 3  ? 0.7040 0.6799 0.6668 -0.4200 -0.0687 0.0754  3  ILE A CG1 
20  C  CG2 . ILE A 3  ? 0.7641 0.7352 0.6783 -0.4177 -0.0739 0.0734  3  ILE A CG2 
21  C  CD1 . ILE A 3  ? 0.8780 0.8376 0.8310 -0.4432 -0.0773 0.0778  3  ILE A CD1 
22  N  N   . PHE A 4  ? 0.5671 0.5856 0.6000 -0.3743 -0.0365 0.0638  4  PHE A N   
23  C  CA  A PHE A 4  ? 0.5687 0.5701 0.6107 -0.3570 -0.0413 0.0492  4  PHE A CA  
24  C  CA  B PHE A 4  ? 0.5731 0.5744 0.6150 -0.3570 -0.0413 0.0493  4  PHE A CA  
25  C  C   . PHE A 4  ? 0.6494 0.6170 0.6585 -0.3680 -0.0636 0.0514  4  PHE A C   
26  O  O   . PHE A 4  ? 0.6362 0.6088 0.6415 -0.3849 -0.0619 0.0584  4  PHE A O   
27  C  CB  A PHE A 4  ? 0.5446 0.5832 0.6424 -0.3443 -0.0242 0.0429  4  PHE A CB  
28  C  CB  B PHE A 4  ? 0.5532 0.5921 0.6509 -0.3445 -0.0241 0.0431  4  PHE A CB  
29  C  CG  A PHE A 4  ? 0.5600 0.5858 0.6792 -0.3277 -0.0386 0.0277  4  PHE A CG  
30  C  CG  B PHE A 4  ? 0.5452 0.6065 0.6712 -0.3317 0.0042  0.0408  4  PHE A CG  
31  C  CD1 A PHE A 4  ? 0.6016 0.6124 0.7452 -0.3067 -0.0343 0.0133  4  PHE A CD1 
32  C  CD1 B PHE A 4  ? 0.6024 0.6405 0.7302 -0.3147 0.0144  0.0261  4  PHE A CD1 
33  C  CD2 A PHE A 4  ? 0.5822 0.6040 0.6958 -0.3353 -0.0584 0.0278  4  PHE A CD2 
34  C  CD2 B PHE A 4  ? 0.5541 0.6523 0.7044 -0.3378 0.0250  0.0545  4  PHE A CD2 
35  C  CE1 A PHE A 4  ? 0.6187 0.6212 0.8019 -0.2901 -0.0530 0.0007  4  PHE A CE1 
36  C  CE1 B PHE A 4  ? 0.6173 0.6615 0.7559 -0.3055 0.0469  0.0238  4  PHE A CE1 
37  C  CE2 A PHE A 4  ? 0.6288 0.6385 0.7627 -0.3200 -0.0837 0.0172  4  PHE A CE2 
38  C  CE2 B PHE A 4  ? 0.5815 0.6907 0.7466 -0.3255 0.0521  0.0562  4  PHE A CE2 
39  C  CZ  A PHE A 4  ? 0.6070 0.6122 0.7859 -0.2958 -0.0829 0.0043  4  PHE A CZ  
40  C  CZ  B PHE A 4  ? 0.5795 0.6580 0.7309 -0.3102 0.0636  0.0404  4  PHE A CZ  
41  N  N   . LEU A 5  ? 0.6776 0.6037 0.6604 -0.3606 -0.0791 0.0458  5  LEU A N   
42  C  CA  . LEU A 5  ? 0.7282 0.6105 0.6696 -0.3693 -0.0994 0.0510  5  LEU A CA  
43  C  C   . LEU A 5  ? 0.8076 0.6616 0.7579 -0.3481 -0.1211 0.0465  5  LEU A C   
44  O  O   . LEU A 5  ? 0.8107 0.6585 0.7887 -0.3308 -0.1170 0.0371  5  LEU A O   
45  C  CB  . LEU A 5  ? 0.7486 0.6025 0.6505 -0.3852 -0.0975 0.0527  5  LEU A CB  
46  C  CG  . LEU A 5  ? 0.8449 0.6468 0.6991 -0.3986 -0.1079 0.0580  5  LEU A CG  
47  C  CD1 . LEU A 5  ? 0.8166 0.6191 0.6583 -0.4213 -0.1000 0.0654  5  LEU A CD1 
48  C  CD2 . LEU A 5  ? 0.8617 0.6379 0.6912 -0.4088 -0.1031 0.0523  5  LEU A CD2 
49  N  N   . ORN A 6  ? 0.6855 0.5364 0.8498 -0.2572 -0.1870 0.0198  6  ORN A N   
50  C  CA  . ORN A 6  ? 0.6166 0.4781 0.7281 -0.2785 -0.1518 0.0204  6  ORN A CA  
51  C  CB  . ORN A 6  ? 0.5777 0.4636 0.6502 -0.2989 -0.1553 0.0286  6  ORN A CB  
52  C  CG  . ORN A 6  ? 0.8837 0.7295 0.8886 -0.3132 -0.1874 0.0450  6  ORN A CG  
53  C  CD  . ORN A 6  ? 0.5438 0.3477 0.4796 -0.3315 -0.1784 0.0559  6  ORN A CD  
54  N  NE  . ORN A 6  ? 0.7852 0.6180 0.7157 -0.3493 -0.1440 0.0531  6  ORN A NE  
55  C  C   . ORN A 6  ? 0.5675 0.4566 0.7249 -0.2714 -0.1097 0.0029  6  ORN A C   
56  O  O   . ORN A 6  ? 0.8616 0.7696 1.0948 -0.2525 -0.1016 -0.0127 6  ORN A O   
57  N  N   . HAO A 7  ? 0.5797 0.4675 0.6859 -0.2891 -0.0854 0.0065  7  HAO A N   
58  N  N9  . HAO A 7  ? 0.6597 0.5600 0.7732 -0.2895 -0.0530 -0.0020 7  HAO A N9  
59  C  C10 . HAO A 7  ? 0.9221 0.8289 0.9840 -0.3087 -0.0415 0.0069  7  HAO A C10 
60  O  O11 . HAO A 7  ? 0.6353 0.5402 0.6537 -0.3271 -0.0574 0.0206  7  HAO A O11 
61  C  CA  . HAO A 7  ? 0.5760 0.4907 0.6380 -0.3079 -0.0066 -0.0002 7  HAO A CA  
62  C  C13 . HAO A 7  ? 0.5165 0.4399 0.5274 -0.3274 -0.0045 0.0133  7  HAO A C13 
63  C  C14 . HAO A 7  ? 1.0152 0.9286 1.1299 -0.2889 0.0221  -0.0182 7  HAO A C14 
64  C  C15 . HAO A 7  ? 0.6149 0.5209 0.8587 -0.2529 0.0529  -0.0533 7  HAO A C15 
65  O  O15 . HAO A 7  ? 0.6729 0.5839 0.8560 -0.2694 0.0139  -0.0313 7  HAO A O15 
66  C  C17 . HAO A 7  ? 0.4297 0.3433 0.5296 -0.2904 0.0582  -0.0213 7  HAO A C17 
67  C  C18 . HAO A 7  ? 0.6466 0.5614 0.6778 -0.3100 0.0558  -0.0039 7  HAO A C18 
68  C  C19 . HAO A 7  ? 0.5340 0.4585 0.5287 -0.3283 0.0217  0.0132  7  HAO A C19 
69  N  N20 . HAO A 7  ? 0.8097 0.7443 0.7598 -0.3466 0.0119  0.0305  7  HAO A N20 
70  C  C21 . HAO A 7  ? 0.8011 0.7129 0.6958 -0.3569 0.0213  0.0333  7  HAO A C21 
71  O  O22 . HAO A 7  ? 0.9718 0.8427 0.8411 -0.3527 0.0501  0.0176  7  HAO A O22 
72  C  C   . HAO A 7  ? 0.7976 0.7310 0.6584 -0.3778 -0.0061 0.0574  7  HAO A C   
73  O  O   . HAO A 7  ? 0.8075 0.7767 0.7035 -0.3838 -0.0266 0.0703  7  HAO A O   
74  N  N   . TYR A 8  ? 0.9366 0.8460 0.7317 -0.3907 -0.0079 0.0641  8  TYR A N   
75  C  CA  . TYR A 8  ? 0.9577 0.8842 0.7216 -0.4102 -0.0411 0.0883  8  TYR A CA  
76  C  C   . TYR A 8  ? 1.0636 0.9605 0.7723 -0.4357 -0.0683 0.0776  8  TYR A C   
77  O  O   . TYR A 8  ? 1.1329 0.9745 0.7765 -0.4443 -0.0536 0.0566  8  TYR A O   
78  C  CB  . TYR A 8  ? 1.0277 0.9348 0.7383 -0.4098 -0.0307 0.1023  8  TYR A CB  
79  C  CG  . TYR A 8  ? 1.0887 1.0202 0.7807 -0.4258 -0.0733 0.1347  8  TYR A CG  
80  C  CD1 . TYR A 8  ? 1.0594 1.0494 0.8299 -0.4151 -0.0807 0.1645  8  TYR A CD1 
81  C  CD2 . TYR A 8  ? 1.1946 1.0900 0.7963 -0.4529 -0.1069 0.1354  8  TYR A CD2 
82  C  CE1 . TYR A 8  ? 1.1075 1.1220 0.8795 -0.4277 -0.1233 0.1974  8  TYR A CE1 
83  C  CE2 . TYR A 8  ? 1.2413 1.1618 0.8344 -0.4675 -0.1561 0.1669  8  TYR A CE2 
84  C  CZ  . TYR A 8  ? 1.3275 1.3084 1.0113 -0.4528 -0.1651 0.1998  8  TYR A CZ  
85  O  OH  . TYR A 8  ? 1.4024 1.4108 1.0966 -0.4649 -0.2167 0.2342  8  TYR A OH  
86  N  N   . LYS A 9  ? 0.9837 0.9144 0.7252 -0.4493 -0.1013 0.0889  9  LYS A N   
87  C  CA  . LYS A 9  ? 1.0542 0.9646 0.7573 -0.4756 -0.1282 0.0784  9  LYS A CA  
88  C  C   . LYS A 9  ? 1.3124 1.2602 1.0322 -0.4938 -0.1707 0.1016  9  LYS A C   
89  O  O   . LYS A 9  ? 1.0036 0.9984 0.8050 -0.4893 -0.1777 0.1183  9  LYS A O   
90  C  CB  . LYS A 9  ? 1.0406 0.9456 0.7802 -0.4738 -0.1212 0.0630  9  LYS A CB  
91  C  CG  . LYS A 9  ? 1.2826 1.1403 0.9992 -0.4608 -0.0904 0.0390  9  LYS A CG  
92  C  CD  . LYS A 9  ? 1.4160 1.2489 1.1365 -0.4676 -0.0923 0.0248  9  LYS A CD  
93  C  CE  . LYS A 9  ? 1.4571 1.2306 1.1307 -0.4730 -0.0720 0.0000  9  LYS A CE  
94  N  NZ  . LYS A 9  ? 1.3980 1.1467 1.0252 -0.5038 -0.0846 -0.0129 9  LYS A NZ  
95  N  N   . ORN A 10 ? 0.6153 0.7382 0.5541 -0.5154 -0.3026 0.2192  10 ORN A N   
96  C  CA  . ORN A 10 ? 1.1099 1.2014 1.0142 -0.4994 -0.2490 0.1921  10 ORN A CA  
97  C  CB  . ORN A 10 ? 0.6933 0.7315 0.4796 -0.4950 -0.2378 0.1833  10 ORN A CB  
98  C  CG  . ORN A 10 ? 0.9678 0.9613 0.6538 -0.5231 -0.2696 0.1665  10 ORN A CG  
99  C  CD  . ORN A 10 ? 0.8336 0.8027 0.5107 -0.5357 -0.2575 0.1306  10 ORN A CD  
100 N  NE  . ORN A 10 ? 1.4223 1.3549 1.0764 -0.5176 -0.2057 0.1068  10 ORN A NE  
101 C  C   . ORN A 10 ? 0.6801 0.8055 0.6700 -0.4760 -0.2077 0.2028  10 ORN A C   
102 O  O   . ORN A 10 ? 2.0541 2.2220 2.1208 -0.4707 -0.2127 0.2323  10 ORN A O   
103 N  N   . ALA B 1  ? 0.9370 0.9279 0.7917 -0.3829 -0.2949 0.2180  1  ALA B N   
104 C  CA  . ALA B 1  ? 0.8801 0.8631 0.8021 -0.3516 -0.2896 0.1802  1  ALA B CA  
105 C  C   . ALA B 1  ? 0.8893 0.9146 0.8136 -0.3366 -0.2533 0.1454  1  ALA B C   
106 O  O   . ALA B 1  ? 0.8745 0.9406 0.7689 -0.3472 -0.2244 0.1465  1  ALA B O   
107 C  CB  . ALA B 1  ? 0.8436 0.8108 0.8164 -0.3504 -0.2764 0.1740  1  ALA B CB  
108 N  N   . ILE B 2  ? 0.7978 0.8111 0.7657 -0.3133 -0.2530 0.1098  2  ILE B N   
109 C  CA  . ILE B 2  ? 0.7335 0.7711 0.7157 -0.2970 -0.2161 0.0737  2  ILE B CA  
110 C  C   . ILE B 2  ? 0.7074 0.7366 0.7229 -0.2912 -0.1919 0.0669  2  ILE B C   
111 O  O   . ILE B 2  ? 0.6816 0.6813 0.7294 -0.2942 -0.2041 0.0610  2  ILE B O   
112 C  CB  . ILE B 2  ? 0.7631 0.7930 0.7651 -0.2820 -0.2265 0.0372  2  ILE B CB  
113 C  CG1 . ILE B 2  ? 0.8071 0.8710 0.7626 -0.2945 -0.2385 0.0443  2  ILE B CG1 
114 C  CG2 . ILE B 2  ? 0.7243 0.7561 0.7559 -0.2651 -0.1861 -0.0051 2  ILE B CG2 
115 C  CD1 . ILE B 2  ? 0.8226 0.8904 0.7888 -0.2855 -0.2580 0.0163  2  ILE B CD1 
116 N  N   . ILE B 3  ? 0.6091 0.6691 0.6193 -0.2875 -0.1594 0.0690  3  ILE B N   
117 C  CA  . ILE B 3  ? 0.5689 0.6306 0.6000 -0.2850 -0.1416 0.0734  3  ILE B CA  
118 C  C   . ILE B 3  ? 0.6060 0.6772 0.6538 -0.2666 -0.1109 0.0570  3  ILE B C   
119 O  O   . ILE B 3  ? 0.6280 0.7259 0.6751 -0.2585 -0.0930 0.0496  3  ILE B O   
120 C  CB  . ILE B 3  ? 0.6185 0.7089 0.6342 -0.3014 -0.1422 0.1070  3  ILE B CB  
121 C  CG1 . ILE B 3  ? 0.6077 0.7120 0.6434 -0.3020 -0.1289 0.1155  3  ILE B CG1 
122 C  CG2 . ILE B 3  ? 0.6430 0.7743 0.6335 -0.3067 -0.1310 0.1151  3  ILE B CG2 
123 C  CD1 . ILE B 3  ? 0.7067 0.8290 0.7370 -0.3237 -0.1349 0.1370  3  ILE B CD1 
124 N  N   . PHE B 4  ? 0.5439 0.5921 0.6085 -0.2649 -0.1034 0.0505  4  PHE B N   
125 C  CA  A PHE B 4  ? 0.5255 0.5692 0.6048 -0.2497 -0.0781 0.0451  4  PHE B CA  
126 C  CA  B PHE B 4  ? 0.5341 0.5777 0.6134 -0.2497 -0.0781 0.0451  4  PHE B CA  
127 C  C   . PHE B 4  ? 0.5887 0.6411 0.6694 -0.2594 -0.0815 0.0757  4  PHE B C   
128 O  O   . PHE B 4  ? 0.6014 0.6383 0.6757 -0.2816 -0.0915 0.0741  4  PHE B O   
129 C  CB  A PHE B 4  ? 0.5372 0.5387 0.6224 -0.2457 -0.0657 0.0056  4  PHE B CB  
130 C  CB  B PHE B 4  ? 0.5542 0.5557 0.6393 -0.2458 -0.0660 0.0055  4  PHE B CB  
131 C  CG  A PHE B 4  ? 0.5520 0.5355 0.6477 -0.2335 -0.0388 0.0050  4  PHE B CG  
132 C  CG  B PHE B 4  ? 0.5715 0.5771 0.6571 -0.2368 -0.0631 -0.0266 4  PHE B CG  
133 C  CD1 A PHE B 4  ? 0.5857 0.5830 0.7030 -0.2116 -0.0141 -0.0012 4  PHE B CD1 
134 C  CD1 B PHE B 4  ? 0.6270 0.6574 0.7211 -0.2230 -0.0378 -0.0362 4  PHE B CD1 
135 C  CD2 A PHE B 4  ? 0.5717 0.5247 0.6576 -0.2485 -0.0379 0.0128  4  PHE B CD2 
136 C  CD2 B PHE B 4  ? 0.5954 0.5867 0.6804 -0.2445 -0.0865 -0.0489 4  PHE B CD2 
137 C  CE1 A PHE B 4  ? 0.6127 0.5844 0.7493 -0.1981 0.0093  0.0026  4  PHE B CE1 
138 C  CE1 B PHE B 4  ? 0.6444 0.6921 0.7338 -0.2227 -0.0345 -0.0669 4  PHE B CE1 
139 C  CE2 A PHE B 4  ? 0.6315 0.5592 0.7214 -0.2390 -0.0184 0.0229  4  PHE B CE2 
140 C  CE2 B PHE B 4  ? 0.6447 0.6490 0.7269 -0.2380 -0.0902 -0.0743 4  PHE B CE2 
141 C  CZ  A PHE B 4  ? 0.6203 0.5527 0.7392 -0.2105 0.0043  0.0190  4  PHE B CZ  
142 C  CZ  B PHE B 4  ? 0.6310 0.6664 0.7095 -0.2300 -0.0632 -0.0829 4  PHE B CZ  
143 N  N   . LEU B 5  ? 0.5512 0.6361 0.6463 -0.2460 -0.0739 0.1001  5  LEU B N   
144 C  CA  . LEU B 5  ? 0.5527 0.6592 0.6504 -0.2539 -0.0827 0.1334  5  LEU B CA  
145 C  C   . LEU B 5  ? 0.6074 0.7113 0.7324 -0.2303 -0.0731 0.1507  5  LEU B C   
146 O  O   . LEU B 5  ? 0.6067 0.7251 0.7669 -0.2050 -0.0584 0.1439  5  LEU B O   
147 C  CB  . LEU B 5  ? 0.5366 0.6969 0.6339 -0.2616 -0.0917 0.1513  5  LEU B CB  
148 C  CG  . LEU B 5  ? 0.6058 0.8074 0.7058 -0.2740 -0.1023 0.1810  5  LEU B CG  
149 C  CD1 . LEU B 5  ? 0.6189 0.8082 0.6956 -0.3096 -0.1114 0.1811  5  LEU B CD1 
150 C  CD2 . LEU B 5  ? 0.6097 0.8670 0.7174 -0.2751 -0.1015 0.1872  5  LEU B CD2 
151 N  N   . ORN B 6  ? 0.5530 0.5489 0.8107 -0.1374 -0.0137 0.1647  6  ORN B N   
152 C  CA  . ORN B 6  ? 0.6224 0.6547 0.8449 -0.1585 -0.0198 0.1407  6  ORN B CA  
153 C  CB  . ORN B 6  ? 0.5879 0.5885 0.7451 -0.1931 -0.0337 0.1371  6  ORN B CB  
154 C  CG  . ORN B 6  ? 0.5291 0.5342 0.6609 -0.2138 -0.0596 0.1808  6  ORN B CG  
155 C  CD  . ORN B 6  ? 0.3192 0.3916 0.4514 -0.2243 -0.0826 0.2034  6  ORN B CD  
156 N  NE  . ORN B 6  ? 0.4914 0.5781 0.6053 -0.2408 -0.0812 0.1728  6  ORN B NE  
157 C  C   . ORN B 6  ? 0.6407 0.6785 0.8765 -0.1528 0.0089  0.0903  6  ORN B C   
158 O  O   . ORN B 6  ? 0.5595 0.5654 0.8196 -0.1397 0.0387  0.0638  6  ORN B O   
159 N  N   . HAO B 7  ? 0.5925 0.6694 0.8054 -0.1682 -0.0017 0.0800  7  HAO B N   
160 N  N9  . HAO B 7  ? 0.5968 0.6886 0.8049 -0.1730 0.0116  0.0461  7  HAO B N9  
161 C  C10 . HAO B 7  ? 0.7629 0.8771 0.9331 -0.1934 -0.0070 0.0447  7  HAO B C10 
162 O  O11 . HAO B 7  ? 0.7777 0.8980 0.9220 -0.2080 -0.0328 0.0708  7  HAO B O11 
163 C  CA  . HAO B 7  ? 0.4665 0.5972 0.6244 -0.2024 0.0046  0.0087  7  HAO B CA  
164 C  C13 . HAO B 7  ? 0.7298 0.8736 0.8437 -0.2244 -0.0210 0.0152  7  HAO B C13 
165 C  C14 . HAO B 7  ? 0.6633 0.7925 0.8489 -0.1924 0.0382  -0.0293 7  HAO B C14 
166 C  C15 . HAO B 7  ? 0.4317 0.5380 0.6909 -0.1666 0.1038  -0.0812 7  HAO B C15 
167 O  O15 . HAO B 7  ? 0.4783 0.5835 0.7105 -0.1707 0.0637  -0.0326 7  HAO B O15 
168 C  C17 . HAO B 7  ? 0.3799 0.5325 0.5446 -0.2078 0.0442  -0.0620 7  HAO B C17 
169 C  C18 . HAO B 7  ? 0.6110 0.7798 0.7261 -0.2303 0.0118  -0.0491 7  HAO B C18 
170 C  C19 . HAO B 7  ? 0.6022 0.7613 0.6937 -0.2374 -0.0203 -0.0095 7  HAO B C19 
171 N  N20 . HAO B 7  ? 0.4813 0.6433 0.5294 -0.2582 -0.0518 0.0073  7  HAO B N20 
172 C  C21 . HAO B 7  ? 0.4821 0.6754 0.4966 -0.2815 -0.0581 0.0042  7  HAO B C21 
173 O  O22 . HAO B 7  ? 0.7130 0.9464 0.7336 -0.2909 -0.0312 -0.0230 7  HAO B O22 
174 C  C   . HAO B 7  ? 0.7516 0.9299 0.7166 -0.3035 -0.1005 0.0380  7  HAO B C   
175 O  O   . HAO B 7  ? 0.7318 0.8750 0.7017 -0.2978 -0.1216 0.0591  7  HAO B O   
176 N  N   . TYR B 8  ? 0.8102 1.0125 0.7280 -0.3329 -0.1132 0.0446  8  TYR B N   
177 C  CA  . TYR B 8  ? 0.8566 1.0394 0.7213 -0.3580 -0.1546 0.0817  8  TYR B CA  
178 C  C   . TYR B 8  ? 0.9286 1.1345 0.7663 -0.3849 -0.1435 0.1026  8  TYR B C   
179 O  O   . TYR B 8  ? 0.9558 1.2127 0.7859 -0.4057 -0.1126 0.0832  8  TYR B O   
180 C  CB  . TYR B 8  ? 0.9292 1.1274 0.7482 -0.3807 -0.1764 0.0790  8  TYR B CB  
181 C  CG  . TYR B 8  ? 1.0367 1.2007 0.8028 -0.4031 -0.2295 0.1257  8  TYR B CG  
182 C  CD1 . TYR B 8  ? 1.0786 1.1909 0.8688 -0.3811 -0.2743 0.1396  8  TYR B CD1 
183 C  CD2 . TYR B 8  ? 1.1103 1.2910 0.8069 -0.4491 -0.2348 0.1540  8  TYR B CD2 
184 C  CE1 . TYR B 8  ? 1.1588 1.2325 0.9137 -0.3980 -0.3267 0.1864  8  TYR B CE1 
185 C  CE2 . TYR B 8  ? 1.2004 1.3384 0.8448 -0.4712 -0.2855 0.2042  8  TYR B CE2 
186 C  CZ  . TYR B 8  ? 1.3610 1.4437 1.0386 -0.4427 -0.3337 0.2233  8  TYR B CZ  
187 O  OH  . TYR B 8  ? 1.5008 1.5342 1.1404 -0.4606 -0.3875 0.2766  8  TYR B OH  
188 N  N   . LYS B 9  ? 0.8876 1.0607 0.7186 -0.3873 -0.1635 0.1344  9  LYS B N   
189 C  CA  . LYS B 9  ? 1.0325 1.2242 0.8351 -0.4155 -0.1536 0.1526  9  LYS B CA  
190 C  C   . LYS B 9  ? 1.2349 1.3800 0.9894 -0.4394 -0.1912 0.1929  9  LYS B C   
191 O  O   . LYS B 9  ? 0.9610 1.0614 0.7454 -0.4217 -0.2132 0.2065  9  LYS B O   
192 C  CB  . LYS B 9  ? 1.0017 1.2083 0.8558 -0.3947 -0.1313 0.1476  9  LYS B CB  
193 C  CG  . LYS B 9  ? 1.2687 1.5245 1.1709 -0.3764 -0.0945 0.1154  9  LYS B CG  
194 C  CD  . LYS B 9  ? 1.4061 1.6937 1.3450 -0.3689 -0.0783 0.1185  9  LYS B CD  
195 C  CE  . LYS B 9  ? 1.4871 1.8358 1.4681 -0.3671 -0.0448 0.0889  9  LYS B CE  
196 N  NZ  . LYS B 9  ? 1.5350 1.9286 1.4971 -0.4009 -0.0327 0.0848  9  LYS B NZ  
197 N  N   . ORN B 10 ? 1.1461 1.0631 0.8587 -0.4652 -0.3587 0.3314  10 ORN B N   
198 C  CA  . ORN B 10 ? 1.0877 1.0606 0.8334 -0.4411 -0.3201 0.2830  10 ORN B CA  
199 C  CB  . ORN B 10 ? 1.4435 1.4642 1.1340 -0.4572 -0.3114 0.2712  10 ORN B CB  
200 C  CG  . ORN B 10 ? 0.7786 0.8277 0.3881 -0.5073 -0.2925 0.2862  10 ORN B CG  
201 C  CD  . ORN B 10 ? 0.8831 0.9723 0.5110 -0.5113 -0.2418 0.2627  10 ORN B CD  
202 N  NE  . ORN B 10 ? 1.3543 1.4982 1.0331 -0.4849 -0.2041 0.2166  10 ORN B NE  
203 C  C   . ORN B 10 ? 0.9737 0.9281 0.8019 -0.4001 -0.3311 0.2539  10 ORN B C   
204 O  O   . ORN B 10 ? 0.9986 0.9058 0.8631 -0.3893 -0.3718 0.2655  10 ORN B O   
205 N  N   . ALA C 1  ? 1.2904 0.8627 1.2231 -0.4185 -0.2294 0.1545  1  ALA C N   
206 C  CA  . ALA C 1  ? 1.2687 0.8779 1.1683 -0.4325 -0.2059 0.1423  1  ALA C CA  
207 C  C   . ALA C 1  ? 1.3076 0.9735 1.2175 -0.4295 -0.1831 0.1272  1  ALA C C   
208 O  O   . ALA C 1  ? 1.2981 0.9938 1.2530 -0.4112 -0.1815 0.1267  1  ALA C O   
209 C  CB  . ALA C 1  ? 1.2406 0.8903 1.1543 -0.4218 -0.1965 0.1529  1  ALA C CB  
210 N  N   . ILE C 2  ? 1.2376 0.9194 1.1031 -0.4489 -0.1654 0.1151  2  ILE C N   
211 C  CA  . ILE C 2  ? 1.1916 0.9267 1.0570 -0.4501 -0.1400 0.1031  2  ILE C CA  
212 C  C   . ILE C 2  ? 1.1161 0.9257 1.0139 -0.4375 -0.1153 0.1075  2  ILE C C   
213 O  O   . ILE C 2  ? 1.0766 0.8906 0.9581 -0.4416 -0.1130 0.1109  2  ILE C O   
214 C  CB  . ILE C 2  ? 1.2789 0.9857 1.0738 -0.4803 -0.1388 0.0908  2  ILE C CB  
215 C  CG1 . ILE C 2  ? 1.3333 0.9804 1.1119 -0.4884 -0.1646 0.0846  2  ILE C CG1 
216 C  CG2 . ILE C 2  ? 1.2500 1.0189 1.0340 -0.4847 -0.1068 0.0831  2  ILE C CG2 
217 C  CD1 . ILE C 2  ? 1.4598 1.0577 1.1678 -0.5219 -0.1800 0.0775  2  ILE C CD1 
218 N  N   . ILE C 3  ? 1.0106 0.8784 0.9581 -0.4219 -0.1003 0.1071  3  ILE C N   
219 C  CA  . ILE C 3  ? 0.9309 0.8720 0.9183 -0.4117 -0.0807 0.1120  3  ILE C CA  
220 C  C   . ILE C 3  ? 0.9287 0.9298 0.9289 -0.4151 -0.0511 0.1029  3  ILE C C   
221 O  O   . ILE C 3  ? 0.9309 0.9344 0.9436 -0.4117 -0.0496 0.0969  3  ILE C O   
222 C  CB  . ILE C 3  ? 0.9238 0.8843 0.9728 -0.3893 -0.0980 0.1282  3  ILE C CB  
223 C  CG1 . ILE C 3  ? 0.8614 0.9015 0.9559 -0.3818 -0.0834 0.1341  3  ILE C CG1 
224 C  CG2 . ILE C 3  ? 0.9130 0.8672 0.9961 -0.3767 -0.1104 0.1286  3  ILE C CG2 
225 C  CD1 . ILE C 3  ? 0.8880 0.9314 1.0082 -0.3698 -0.1044 0.1511  3  ILE C CD1 
226 N  N   . PHE C 4  ? 0.8325 0.8810 0.8299 -0.4215 -0.0286 0.1016  4  PHE C N   
227 C  CA  A PHE C 4  ? 0.7799 0.8909 0.7932 -0.4268 0.0022  0.0962  4  PHE C CA  
228 C  CA  B PHE C 4  ? 0.7880 0.8989 0.8014 -0.4268 0.0022  0.0964  4  PHE C CA  
229 C  C   . PHE C 4  ? 0.7794 0.9526 0.8427 -0.4191 0.0093  0.1039  4  PHE C C   
230 O  O   . PHE C 4  ? 0.7908 0.9608 0.8383 -0.4205 0.0052  0.1054  4  PHE C O   
231 C  CB  A PHE C 4  ? 0.8154 0.9166 0.7629 -0.4489 0.0226  0.0868  4  PHE C CB  
232 C  CB  B PHE C 4  ? 0.8306 0.9324 0.7785 -0.4488 0.0226  0.0868  4  PHE C CB  
233 C  CG  A PHE C 4  ? 0.8764 0.9173 0.7729 -0.4598 0.0101  0.0805  4  PHE C CG  
234 C  CG  B PHE C 4  ? 0.8074 0.9711 0.7708 -0.4553 0.0560  0.0843  4  PHE C CG  
235 C  CD1 A PHE C 4  ? 0.9054 0.9477 0.8166 -0.4556 0.0118  0.0764  4  PHE C CD1 
236 C  CD1 B PHE C 4  ? 0.8443 1.0187 0.8207 -0.4548 0.0654  0.0812  4  PHE C CD1 
237 C  CD2 A PHE C 4  ? 0.9496 0.9326 0.7848 -0.4750 -0.0072 0.0779  4  PHE C CD2 
238 C  CD2 B PHE C 4  ? 0.7899 1.0012 0.7575 -0.4616 0.0772  0.0849  4  PHE C CD2 
239 C  CE1 A PHE C 4  ? 0.9629 0.9452 0.8269 -0.4653 -0.0064 0.0701  4  PHE C CE1 
240 C  CE1 B PHE C 4  ? 0.8140 1.0434 0.8038 -0.4629 0.0973  0.0807  4  PHE C CE1 
241 C  CE2 A PHE C 4  ? 1.0254 0.9511 0.8135 -0.4888 -0.0246 0.0728  4  PHE C CE2 
242 C  CE2 B PHE C 4  ? 0.7821 1.0483 0.7658 -0.4702 0.1086  0.0845  4  PHE C CE2 
243 C  CZ  A PHE C 4  ? 0.9968 0.9202 0.7992 -0.4833 -0.0255 0.0689  4  PHE C CZ  
244 C  CZ  B PHE C 4  ? 0.7566 1.0305 0.7497 -0.4719 0.1195  0.0834  4  PHE C CZ  
245 N  N   . LEU C 5  ? 0.6739 0.9035 0.7979 -0.4112 0.0156  0.1080  5  LEU C N   
246 C  CA  . LEU C 5  ? 0.6034 0.8948 0.7789 -0.4075 0.0169  0.1164  5  LEU C CA  
247 C  C   . LEU C 5  ? 0.5991 0.9623 0.8115 -0.4168 0.0460  0.1132  5  LEU C C   
248 O  O   . LEU C 5  ? 0.5806 0.9599 0.8144 -0.4149 0.0529  0.1102  5  LEU C O   
249 C  CB  . LEU C 5  ? 0.5794 0.8729 0.8022 -0.3902 -0.0149 0.1306  5  LEU C CB  
250 C  CG  . LEU C 5  ? 0.5651 0.9119 0.8365 -0.3866 -0.0274 0.1431  5  LEU C CG  
251 C  CD1 . LEU C 5  ? 0.5691 0.8880 0.8078 -0.3867 -0.0374 0.1441  5  LEU C CD1 
252 C  CD2 . LEU C 5  ? 0.6095 0.9591 0.9208 -0.3719 -0.0591 0.1591  5  LEU C CD2 
253 N  N   . ORN C 6  ? 1.2130 1.7260 1.4573 -0.4633 0.1608  0.0970  6  ORN C N   
254 C  CA  . ORN C 6  ? 0.4350 0.8889 0.6570 -0.4474 0.1273  0.0969  6  ORN C CA  
255 C  CB  . ORN C 6  ? 0.6260 1.0459 0.7996 -0.4528 0.1235  0.0976  6  ORN C CB  
256 C  CG  . ORN C 6  ? 0.7353 1.2033 0.9451 -0.4563 0.1249  0.1032  6  ORN C CG  
257 C  CD  . ORN C 6  ? 0.5068 0.9827 0.7634 -0.4410 0.0910  0.1122  6  ORN C CD  
258 N  NE  . ORN C 6  ? 0.5995 1.0064 0.8208 -0.4274 0.0629  0.1131  6  ORN C NE  
259 C  C   . ORN C 6  ? 0.8509 1.2450 1.0298 -0.4417 0.1186  0.0889  6  ORN C C   
260 O  O   . ORN C 6  ? 1.0972 1.4849 1.2449 -0.4512 0.1379  0.0834  6  ORN C O   
261 N  N   . HAO C 7  ? 0.8259 1.1747 1.0025 -0.4268 0.0867  0.0899  7  HAO C N   
262 N  N9  . HAO C 7  ? 0.5401 0.8328 0.6848 -0.4213 0.0709  0.0838  7  HAO C N9  
263 C  C10 . HAO C 7  ? 0.9287 1.1668 1.0603 -0.4117 0.0404  0.0864  7  HAO C C10 
264 O  O11 . HAO C 7  ? 0.6780 0.9166 0.8258 -0.4060 0.0262  0.0957  7  HAO C O11 
265 C  CA  . HAO C 7  ? 0.4620 0.6282 0.5511 -0.4097 0.0207  0.0778  7  HAO C CA  
266 C  C13 . HAO C 7  ? 1.3071 1.4103 1.3784 -0.4041 -0.0104 0.0809  7  HAO C C13 
267 C  C14 . HAO C 7  ? 1.8235 1.9806 1.8845 -0.4166 0.0315  0.0675  7  HAO C C14 
268 C  C15 . HAO C 7  ? 0.9520 1.1565 1.0182 -0.4207 0.0635  0.0554  7  HAO C C15 
269 O  O15 . HAO C 7  ? 0.9158 1.1301 0.9921 -0.4233 0.0624  0.0660  7  HAO C O15 
270 C  C17 . HAO C 7  ? 0.6633 0.7506 0.6826 -0.4168 0.0074  0.0594  7  HAO C C17 
271 C  C18 . HAO C 7  ? 0.8311 0.8560 0.8340 -0.4136 -0.0242 0.0616  7  HAO C C18 
272 C  C19 . HAO C 7  ? 1.3684 1.4015 1.3988 -0.4067 -0.0317 0.0730  7  HAO C C19 
273 N  N20 . HAO C 7  ? 1.0257 0.9982 1.0408 -0.4049 -0.0606 0.0776  7  HAO C N20 
274 C  C21 . HAO C 7  ? 1.6203 1.5303 1.6214 -0.4017 -0.0890 0.0726  7  HAO C C21 
275 O  O22 . HAO C 7  ? 1.2008 1.0997 1.2016 -0.3973 -0.0955 0.0608  7  HAO C O22 
276 C  C   . HAO C 7  ? 1.0458 0.8928 1.0324 -0.4035 -0.1172 0.0823  7  HAO C C   
277 O  O   . HAO C 7  ? 1.1628 1.0188 1.1486 -0.4062 -0.1130 0.0933  7  HAO C O   
278 N  N   . TYR C 8  ? 1.1521 0.9338 1.1284 -0.4022 -0.1474 0.0786  8  TYR C N   
279 C  CA  . TYR C 8  ? 1.1838 0.8987 1.1501 -0.4048 -0.1765 0.0885  8  TYR C CA  
280 C  C   . TYR C 8  ? 1.2266 0.9639 1.2576 -0.3775 -0.1870 0.0985  8  TYR C C   
281 O  O   . TYR C 8  ? 1.2221 0.9782 1.2873 -0.3610 -0.1920 0.0894  8  TYR C O   
282 C  CB  . TYR C 8  ? 1.2613 0.8942 1.1813 -0.4217 -0.2050 0.0784  8  TYR C CB  
283 C  CG  . TYR C 8  ? 1.3265 0.8852 1.2311 -0.4314 -0.2342 0.0892  8  TYR C CG  
284 C  CD1 . TYR C 8  ? 1.3751 0.8986 1.2293 -0.4577 -0.2370 0.0946  8  TYR C CD1 
285 C  CD2 . TYR C 8  ? 1.3470 0.8713 1.2864 -0.4153 -0.2593 0.0934  8  TYR C CD2 
286 C  CE1 . TYR C 8  ? 1.4019 0.8557 1.2416 -0.4695 -0.2636 0.1051  8  TYR C CE1 
287 C  CE2 . TYR C 8  ? 1.3886 0.8405 1.3134 -0.4265 -0.2857 0.1055  8  TYR C CE2 
288 C  CZ  . TYR C 8  ? 1.4562 0.8712 1.3308 -0.4548 -0.2877 0.1114  8  TYR C CZ  
289 O  OH  . TYR C 8  ? 1.4458 0.7890 1.3057 -0.4688 -0.3129 0.1236  8  TYR C OH  
290 N  N   . LYS C 9  ? 1.1760 0.9157 1.2227 -0.3725 -0.1913 0.1173  9  LYS C N   
291 C  CA  . LYS C 9  ? 1.1740 0.9337 1.2751 -0.3496 -0.2046 0.1325  9  LYS C CA  
292 C  C   . LYS C 9  ? 1.5072 1.1936 1.5881 -0.3549 -0.2298 0.1498  9  LYS C C   
293 O  O   . LYS C 9  ? 1.0711 0.7451 1.1267 -0.3657 -0.2266 0.1596  9  LYS C O   
294 C  CB  . LYS C 9  ? 1.1337 0.9826 1.2797 -0.3377 -0.1859 0.1425  9  LYS C CB  
295 C  CG  . LYS C 9  ? 1.3692 1.2952 1.5508 -0.3300 -0.1644 0.1282  9  LYS C CG  
296 C  CD  . LYS C 9  ? 1.4478 1.4617 1.6890 -0.3171 -0.1571 0.1406  9  LYS C CD  
297 C  CE  . LYS C 9  ? 1.4871 1.5779 1.7497 -0.3208 -0.1272 0.1275  9  LYS C CE  
298 N  NZ  . LYS C 9  ? 1.5213 1.6707 1.8037 -0.3265 -0.1143 0.1394  9  LYS C NZ  
299 N  N   . ORN C 10 ? 1.0501 0.4634 1.0019 -0.4130 -0.2969 0.1951  10 ORN C N   
300 C  CA  . ORN C 10 ? 3.5113 3.1126 3.5410 -0.3101 -0.1396 0.1011  10 ORN C CA  
301 C  CB  . ORN C 10 ? 1.1154 0.5899 1.0802 -0.4081 -0.2776 0.1579  10 ORN C CB  
302 C  CG  . ORN C 10 ? 1.1939 0.6614 1.2055 -0.3856 -0.2953 0.1647  10 ORN C CG  
303 C  CD  . ORN C 10 ? 1.0435 0.5954 1.1133 -0.3564 -0.2824 0.1743  10 ORN C CD  
304 N  NE  . ORN C 10 ? 1.5061 1.1330 1.5938 -0.3495 -0.2581 0.1556  10 ORN C NE  
305 C  C   . ORN C 10 ? 1.3793 0.8816 1.2955 -0.4275 -0.2532 0.1643  10 ORN C C   
306 O  O   . ORN C 10 ? 1.2368 0.6907 1.1090 -0.4497 -0.2619 0.1655  10 ORN C O   
307 N  N   . ALA D 1  ? 0.8443 1.1374 1.0962 -0.3200 -0.1348 0.1648  1  ALA D N   
308 C  CA  . ALA D 1  ? 0.8745 1.1464 1.0517 -0.3355 -0.1345 0.1294  1  ALA D CA  
309 C  C   . ALA D 1  ? 0.9724 1.1774 1.1111 -0.3516 -0.1211 0.0941  1  ALA D C   
310 O  O   . ALA D 1  ? 0.9927 1.1504 1.1460 -0.3512 -0.1133 0.0908  1  ALA D O   
311 C  CB  . ALA D 1  ? 0.8959 1.1284 1.0327 -0.3311 -0.1461 0.1242  1  ALA D CB  
312 N  N   . ILE D 2  ? 0.9219 1.1280 1.0155 -0.3661 -0.1175 0.0667  2  ILE D N   
313 C  CA  . ILE D 2  ? 0.9228 1.0733 0.9793 -0.3809 -0.1062 0.0354  2  ILE D CA  
314 C  C   . ILE D 2  ? 0.9155 0.9968 0.9270 -0.3841 -0.1098 0.0194  2  ILE D C   
315 O  O   . ILE D 2  ? 0.8779 0.9667 0.8733 -0.3830 -0.1167 0.0186  2  ILE D O   
316 C  CB  . ILE D 2  ? 0.9705 1.1678 1.0186 -0.3945 -0.1004 0.0193  2  ILE D CB  
317 C  CG1 . ILE D 2  ? 0.9795 1.2272 1.0734 -0.3941 -0.0929 0.0393  2  ILE D CG1 
318 C  CG2 . ILE D 2  ? 0.9758 1.1166 0.9828 -0.4086 -0.0921 -0.0140 2  ILE D CG2 
319 C  CD1 . ILE D 2  ? 1.0886 1.4083 1.1883 -0.4060 -0.0916 0.0367  2  ILE D CD1 
320 N  N   . ILE D 3  ? 0.8594 0.8785 0.8550 -0.3882 -0.1040 0.0098  3  ILE D N   
321 C  CA  . ILE D 3  ? 0.8498 0.8098 0.8084 -0.3935 -0.1067 0.0017  3  ILE D CA  
322 C  C   . ILE D 3  ? 0.9141 0.8340 0.8444 -0.4073 -0.0950 -0.0196 3  ILE D C   
323 O  O   . ILE D 3  ? 0.9089 0.8235 0.8466 -0.4089 -0.0860 -0.0260 3  ILE D O   
324 C  CB  . ILE D 3  ? 0.8695 0.8027 0.8391 -0.3837 -0.1170 0.0198  3  ILE D CB  
325 C  CG1 . ILE D 3  ? 0.8752 0.7526 0.8061 -0.3922 -0.1210 0.0166  3  ILE D CG1 
326 C  CG2 . ILE D 3  ? 0.8779 0.8083 0.8809 -0.3795 -0.1108 0.0211  3  ILE D CG2 
327 C  CD1 . ILE D 3  ? 0.9567 0.8252 0.8922 -0.3832 -0.1356 0.0392  3  ILE D CD1 
328 N  N   . PHE D 4  ? 0.8939 0.7894 0.7983 -0.4162 -0.0938 -0.0270 4  PHE D N   
329 C  CA  A PHE D 4  ? 0.9066 0.7698 0.7901 -0.4285 -0.0837 -0.0390 4  PHE D CA  
330 C  CA  B PHE D 4  ? 0.9222 0.7856 0.8058 -0.4284 -0.0837 -0.0390 4  PHE D CA  
331 C  C   . PHE D 4  ? 0.9775 0.8060 0.8417 -0.4331 -0.0889 -0.0270 4  PHE D C   
332 O  O   . PHE D 4  ? 0.9556 0.7842 0.8219 -0.4322 -0.0926 -0.0185 4  PHE D O   
333 C  CB  A PHE D 4  ? 0.9152 0.7952 0.8048 -0.4368 -0.0737 -0.0551 4  PHE D CB  
334 C  CB  B PHE D 4  ? 0.9464 0.8260 0.8357 -0.4369 -0.0737 -0.0550 4  PHE D CB  
335 C  CG  A PHE D 4  ? 0.9120 0.8296 0.8194 -0.4352 -0.0696 -0.0636 4  PHE D CG  
336 C  CG  B PHE D 4  ? 0.9878 0.8413 0.8675 -0.4474 -0.0633 -0.0602 4  PHE D CG  
337 C  CD1 A PHE D 4  ? 0.9470 0.8576 0.8560 -0.4353 -0.0618 -0.0653 4  PHE D CD1 
338 C  CD1 B PHE D 4  ? 1.0448 0.8946 0.9203 -0.4489 -0.0558 -0.0654 4  PHE D CD1 
339 C  CD2 A PHE D 4  ? 0.9038 0.8691 0.8273 -0.4343 -0.0730 -0.0677 4  PHE D CD2 
340 C  CD2 B PHE D 4  ? 1.0198 0.8572 0.9011 -0.4552 -0.0593 -0.0558 4  PHE D CD2 
341 C  CE1 A PHE D 4  ? 0.9353 0.8819 0.8658 -0.4339 -0.0573 -0.0662 4  PHE D CE1 
342 C  CE1 B PHE D 4  ? 1.0670 0.9034 0.9371 -0.4573 -0.0465 -0.0658 4  PHE D CE1 
343 C  CE2 A PHE D 4  ? 0.9183 0.9268 0.8603 -0.4352 -0.0701 -0.0697 4  PHE D CE2 
344 C  CE2 B PHE D 4  ? 1.0645 0.8894 0.9477 -0.4643 -0.0493 -0.0528 4  PHE D CE2 
345 C  CZ  A PHE D 4  ? 0.8950 0.8918 0.8424 -0.4347 -0.0622 -0.0663 4  PHE D CZ  
346 C  CZ  B PHE D 4  ? 1.0519 0.8794 0.9281 -0.4649 -0.0440 -0.0578 4  PHE D CZ  
347 N  N   . LEU D 5  ? 0.9694 0.7726 0.8161 -0.4386 -0.0886 -0.0251 5  LEU D N   
348 C  CA  . LEU D 5  ? 0.9800 0.7580 0.8081 -0.4461 -0.0946 -0.0093 5  LEU D CA  
349 C  C   . LEU D 5  ? 1.0319 0.8014 0.8418 -0.4606 -0.0853 -0.0118 5  LEU D C   
350 O  O   . LEU D 5  ? 1.0275 0.7990 0.8284 -0.4625 -0.0797 -0.0263 5  LEU D O   
351 C  CB  . LEU D 5  ? 0.9755 0.7419 0.8022 -0.4395 -0.1084 0.0000  5  LEU D CB  
352 C  CG  . LEU D 5  ? 1.0345 0.7785 0.8445 -0.4466 -0.1191 0.0212  5  LEU D CG  
353 C  CD1 . LEU D 5  ? 1.0176 0.7612 0.8373 -0.4410 -0.1239 0.0426  5  LEU D CD1 
354 C  CD2 . LEU D 5  ? 1.0950 0.8294 0.9106 -0.4406 -0.1319 0.0243  5  LEU D CD2 
355 N  N   . ORN D 6  ? 0.9055 0.7182 0.7026 -0.4907 -0.0418 -0.0207 6  ORN D N   
356 C  CA  . ORN D 6  ? 0.9655 0.7615 0.7630 -0.4804 -0.0516 -0.0315 6  ORN D CA  
357 C  CB  . ORN D 6  ? 1.1249 0.9182 0.9469 -0.4779 -0.0547 -0.0214 6  ORN D CB  
358 C  CG  . ORN D 6  ? 0.8611 0.6477 0.6840 -0.4870 -0.0581 0.0048  6  ORN D CG  
359 C  CD  . ORN D 6  ? 0.8450 0.6152 0.6472 -0.4855 -0.0733 0.0149  6  ORN D CD  
360 N  NE  . ORN D 6  ? 1.0299 0.7951 0.8392 -0.4708 -0.0817 0.0047  6  ORN D NE  
361 C  C   . ORN D 6  ? 0.9141 0.7150 0.7213 -0.4701 -0.0459 -0.0521 6  ORN D C   
362 O  O   . ORN D 6  ? 1.2997 1.1120 1.1152 -0.4702 -0.0349 -0.0577 6  ORN D O   
363 N  N   . HAO D 7  ? 0.9683 0.7643 0.7812 -0.4612 -0.0535 -0.0572 7  HAO D N   
364 N  N9  . HAO D 7  ? 0.8719 0.6770 0.7011 -0.4527 -0.0500 -0.0666 7  HAO D N9  
365 C  C10 . HAO D 7  ? 1.1558 0.9677 1.0033 -0.4430 -0.0582 -0.0630 7  HAO D C10 
366 O  O11 . HAO D 7  ? 0.9472 0.7532 0.7938 -0.4405 -0.0702 -0.0521 7  HAO D O11 
367 C  CA  . HAO D 7  ? 1.2073 1.0427 1.0843 -0.4346 -0.0514 -0.0670 7  HAO D CA  
368 C  C13 . HAO D 7  ? 1.2668 1.1243 1.1727 -0.4245 -0.0590 -0.0562 7  HAO D C13 
369 C  C14 . HAO D 7  ? 0.9742 0.8162 0.8546 -0.4368 -0.0378 -0.0752 7  HAO D C14 
370 C  C15 . HAO D 7  ? 0.9332 0.7677 0.7993 -0.4430 -0.0154 -0.0870 7  HAO D C15 
371 O  O15 . HAO D 7  ? 1.5850 1.4145 1.4437 -0.4447 -0.0301 -0.0808 7  HAO D O15 
372 C  C17 . HAO D 7  ? 1.1811 1.0487 1.0926 -0.4306 -0.0317 -0.0720 7  HAO D C17 
373 C  C18 . HAO D 7  ? 0.9383 0.8331 0.8808 -0.4224 -0.0389 -0.0593 7  HAO D C18 
374 C  C19 . HAO D 7  ? 1.4052 1.2960 1.3458 -0.4184 -0.0528 -0.0516 7  HAO D C19 
375 N  N20 . HAO D 7  ? 1.1735 1.0978 1.1481 -0.4090 -0.0605 -0.0347 7  HAO D N20 
376 C  C21 . HAO D 7  ? 1.2288 1.1878 1.2506 -0.4015 -0.0546 -0.0206 7  HAO D C21 
377 O  O22 . HAO D 7  ? 1.5372 1.4949 1.5775 -0.4022 -0.0394 -0.0229 7  HAO D O22 
378 C  C   . HAO D 7  ? 1.0930 1.1008 1.1547 -0.3905 -0.0665 0.0053  7  HAO D C   
379 O  O   . HAO D 7  ? 1.2720 1.2800 1.3156 -0.3881 -0.0806 0.0087  7  HAO D O   
380 N  N   . TYR D 8  ? 1.0820 1.1357 1.2040 -0.3826 -0.0603 0.0283  8  TYR D N   
381 C  CA  . TYR D 8  ? 1.0512 1.1653 1.2281 -0.3704 -0.0691 0.0615  8  TYR D CA  
382 C  C   . TYR D 8  ? 1.1103 1.1952 1.3288 -0.3593 -0.0681 0.0707  8  TYR D C   
383 O  O   . TYR D 8  ? 1.1272 1.1858 1.3752 -0.3597 -0.0513 0.0638  8  TYR D O   
384 C  CB  . TYR D 8  ? 1.0436 1.2324 1.2740 -0.3704 -0.0603 0.0872  8  TYR D CB  
385 C  CG  . TYR D 8  ? 1.0464 1.3185 1.3380 -0.3585 -0.0697 0.1283  8  TYR D CG  
386 C  CD1 . TYR D 8  ? 1.0535 1.3882 1.3249 -0.3608 -0.0843 0.1349  8  TYR D CD1 
387 C  CD2 . TYR D 8  ? 1.0495 1.3444 1.4260 -0.3453 -0.0623 0.1614  8  TYR D CD2 
388 C  CE1 . TYR D 8  ? 1.0218 1.4466 1.3499 -0.3497 -0.0931 0.1762  8  TYR D CE1 
389 C  CE2 . TYR D 8  ? 1.0285 1.4112 1.4721 -0.3331 -0.0708 0.2068  8  TYR D CE2 
390 C  CZ  . TYR D 8  ? 1.0854 1.5369 1.5014 -0.3351 -0.0870 0.2157  8  TYR D CZ  
391 O  OH  . TYR D 8  ? 1.0578 1.6078 1.5391 -0.3228 -0.0956 0.2634  8  TYR D OH  
392 N  N   . LYS D 9  ? 1.0495 1.1371 1.2715 -0.3500 -0.0849 0.0838  9  LYS D N   
393 C  CA  . LYS D 9  ? 1.0635 1.1269 1.3303 -0.3393 -0.0876 0.0938  9  LYS D CA  
394 C  C   . LYS D 9  ? 1.2277 1.3582 1.5548 -0.3223 -0.1008 0.1366  9  LYS D C   
395 O  O   . LYS D 9  ? 0.9164 1.0655 1.2095 -0.3192 -0.1171 0.1442  9  LYS D O   
396 C  CB  . LYS D 9  ? 1.1151 1.1050 1.3212 -0.3462 -0.0968 0.0681  9  LYS D CB  
397 C  CG  . LYS D 9  ? 1.3627 1.2953 1.5266 -0.3613 -0.0822 0.0307  9  LYS D CG  
398 C  CD  . LYS D 9  ? 1.5205 1.3955 1.6506 -0.3681 -0.0896 0.0121  9  LYS D CD  
399 C  CE  . LYS D 9  ? 1.5940 1.4291 1.6544 -0.3859 -0.0818 -0.0199 9  LYS D CE  
400 N  NZ  . LYS D 9  ? 1.6573 1.4632 1.6626 -0.3943 -0.0977 -0.0213 9  LYS D NZ  
401 N  N   . ORN D 10 ? 0.5148 0.9734 0.9880 -0.2729 -0.1460 0.2861  10 ORN D N   
402 C  CA  . ORN D 10 ? 2.3526 2.7236 2.7485 -0.2928 -0.1361 0.2335  10 ORN D CA  
403 C  CB  . ORN D 10 ? 0.7055 1.0788 1.1381 -0.3017 -0.1154 0.2298  10 ORN D CB  
404 C  CG  . ORN D 10 ? 0.6036 0.9658 1.1283 -0.2902 -0.1044 0.2521  10 ORN D CG  
405 C  CD  . ORN D 10 ? 0.8351 1.0957 1.3375 -0.2901 -0.1053 0.2222  10 ORN D CD  
406 N  NE  . ORN D 10 ? 1.1149 1.2974 1.5446 -0.3084 -0.0937 0.1729  10 ORN D NE  
407 C  C   . ORN D 10 ? 0.6952 1.0711 1.0062 -0.3069 -0.1406 0.2038  10 ORN D C   
408 O  O   . ORN D 10 ? 0.7932 1.2509 1.1053 -0.3050 -0.1479 0.2188  10 ORN D O   
409 N  N   . ALA E 1  ? 1.0482 0.7833 1.1775 -0.3632 0.2631  -0.1650 1  ALA E N   
410 C  CA  . ALA E 1  ? 1.0512 0.7806 1.1191 -0.3807 0.2505  -0.1673 1  ALA E CA  
411 C  C   . ALA E 1  ? 1.1238 0.8426 1.1769 -0.3901 0.2201  -0.1683 1  ALA E C   
412 O  O   . ALA E 1  ? 1.1138 0.8359 1.2046 -0.3847 0.2036  -0.1626 1  ALA E O   
413 C  CB  . ALA E 1  ? 1.0318 0.7923 1.1076 -0.3897 0.2435  -0.1555 1  ALA E CB  
414 N  N   . ILE E 2  ? 1.1009 0.8074 1.0978 -0.4051 0.2127  -0.1745 2  ILE E N   
415 C  CA  . ILE E 2  ? 1.0856 0.7926 1.0619 -0.4197 0.1870  -0.1718 2  ILE E CA  
416 C  C   . ILE E 2  ? 1.0616 0.8113 1.0418 -0.4278 0.1703  -0.1709 2  ILE E C   
417 O  O   . ILE E 2  ? 1.0345 0.7919 1.0013 -0.4320 0.1741  -0.1770 2  ILE E O   
418 C  CB  . ILE E 2  ? 1.1661 0.8367 1.0916 -0.4294 0.1867  -0.1801 2  ILE E CB  
419 C  CG1 . ILE E 2  ? 1.2181 0.8534 1.1588 -0.4201 0.1843  -0.1816 2  ILE E CG1 
420 C  CG2 . ILE E 2  ? 1.1517 0.8363 1.0513 -0.4502 0.1647  -0.1756 2  ILE E CG2 
421 C  CD1 . ILE E 2  ? 1.3922 0.9880 1.3001 -0.4189 0.1833  -0.1947 2  ILE E CD1 
422 N  N   . ILE E 3  ? 0.9772 0.7564 0.9802 -0.4278 0.1483  -0.1646 3  ILE E N   
423 C  CA  . ILE E 3  ? 0.9278 0.7574 0.9452 -0.4288 0.1258  -0.1702 3  ILE E CA  
424 C  C   . ILE E 3  ? 0.9593 0.8213 0.9553 -0.4405 0.1055  -0.1696 3  ILE E C   
425 O  O   . ILE E 3  ? 0.9772 0.8324 0.9730 -0.4418 0.1015  -0.1557 3  ILE E O   
426 C  CB  . ILE E 3  ? 0.9248 0.7780 1.0091 -0.4075 0.1164  -0.1664 3  ILE E CB  
427 C  CG1 . ILE E 3  ? 0.8788 0.7890 0.9878 -0.4025 0.0822  -0.1782 3  ILE E CG1 
428 C  CG2 . ILE E 3  ? 0.9356 0.7727 1.0521 -0.3937 0.1170  -0.1554 3  ILE E CG2 
429 C  CD1 . ILE E 3  ? 1.0374 0.9637 1.2041 -0.3888 0.0695  -0.1785 3  ILE E CD1 
430 N  N   . PHE E 4  ? 0.8684 0.7687 0.8486 -0.4498 0.0911  -0.1849 4  PHE E N   
431 C  CA  A PHE E 4  ? 0.8553 0.8077 0.8184 -0.4604 0.0730  -0.1886 4  PHE E CA  
432 C  CA  B PHE E 4  ? 0.8507 0.8034 0.8140 -0.4604 0.0730  -0.1886 4  PHE E CA  
433 C  C   . PHE E 4  ? 0.8453 0.8600 0.8406 -0.4476 0.0462  -0.2119 4  PHE E C   
434 O  O   . PHE E 4  ? 0.8431 0.8567 0.8443 -0.4493 0.0393  -0.2297 4  PHE E O   
435 C  CB  A PHE E 4  ? 0.8960 0.8370 0.8106 -0.4857 0.0796  -0.1903 4  PHE E CB  
436 C  CB  B PHE E 4  ? 0.8875 0.8279 0.8020 -0.4855 0.0797  -0.1903 4  PHE E CB  
437 C  CG  A PHE E 4  ? 0.9096 0.9174 0.8100 -0.4989 0.0646  -0.1923 4  PHE E CG  
438 C  CG  B PHE E 4  ? 0.9455 0.8260 0.8387 -0.4950 0.0954  -0.1692 4  PHE E CG  
439 C  CD1 A PHE E 4  ? 0.9735 0.9996 0.8659 -0.5069 0.0625  -0.1662 4  PHE E CD1 
440 C  CD1 B PHE E 4  ? 0.9931 0.8776 0.8872 -0.5018 0.0892  -0.1448 4  PHE E CD1 
441 C  CD2 A PHE E 4  ? 0.9073 0.9655 0.8049 -0.5038 0.0505  -0.2205 4  PHE E CD2 
442 C  CD2 B PHE E 4  ? 0.9888 0.8092 0.8630 -0.4956 0.1113  -0.1748 4  PHE E CD2 
443 C  CE1 A PHE E 4  ? 0.9809 1.0809 0.8572 -0.5210 0.0523  -0.1640 4  PHE E CE1 
444 C  CE1 B PHE E 4  ? 1.0346 0.8615 0.9199 -0.5096 0.0936  -0.1273 4  PHE E CE1 
445 C  CE2 A PHE E 4  ? 0.9366 1.0705 0.8235 -0.5147 0.0397  -0.2254 4  PHE E CE2 
446 C  CE2 B PHE E 4  ? 1.0476 0.8159 0.9101 -0.4991 0.1180  -0.1616 4  PHE E CE2 
447 C  CZ  A PHE E 4  ? 0.9390 1.0966 0.8125 -0.5239 0.0436  -0.1950 4  PHE E CZ  
448 C  CZ  B PHE E 4  ? 1.0352 0.8059 0.9078 -0.5064 0.1066  -0.1386 4  PHE E CZ  
449 N  N   . LEU E 5  ? 0.7487 0.8146 0.7679 -0.4329 0.0265  -0.2132 5  LEU E N   
450 C  CA  . LEU E 5  ? 0.6920 0.8225 0.7506 -0.4141 -0.0073 -0.2407 5  LEU E CA  
451 C  C   . LEU E 5  ? 0.7434 0.9550 0.7863 -0.4125 -0.0252 -0.2525 5  LEU E C   
452 O  O   . LEU E 5  ? 0.7597 0.9786 0.7877 -0.4116 -0.0198 -0.2313 5  LEU E O   
453 C  CB  . LEU E 5  ? 0.6541 0.7733 0.7762 -0.3852 -0.0208 -0.2360 5  LEU E CB  
454 C  CG  . LEU E 5  ? 0.6529 0.8254 0.8357 -0.3612 -0.0645 -0.2641 5  LEU E CG  
455 C  CD1 . LEU E 5  ? 0.6269 0.7870 0.8218 -0.3724 -0.0738 -0.2777 5  LEU E CD1 
456 C  CD2 . LEU E 5  ? 0.7001 0.8561 0.9508 -0.3330 -0.0777 -0.2528 5  LEU E CD2 
457 N  N   . ORN E 6  ? 1.4800 1.9446 1.3902 -0.4609 -0.0220 -0.2277 6  ORN E N   
458 C  CA  . ORN E 6  ? 0.6691 1.0276 0.6038 -0.4544 -0.0143 -0.2200 6  ORN E CA  
459 C  CB  . ORN E 6  ? 0.6486 0.9768 0.5912 -0.4621 -0.0113 -0.2463 6  ORN E CB  
460 C  CG  . ORN E 6  ? 1.1554 1.5492 1.1324 -0.4419 -0.0423 -0.2956 6  ORN E CG  
461 C  CD  . ORN E 6  ? 0.6213 0.9974 0.6561 -0.4088 -0.0672 -0.3100 6  ORN E CD  
462 N  NE  . ORN E 6  ? 0.7358 1.0131 0.7812 -0.4127 -0.0480 -0.2869 6  ORN E NE  
463 C  C   . ORN E 6  ? 0.9706 1.2498 0.8808 -0.4769 0.0083  -0.1736 6  ORN E C   
464 O  O   . ORN E 6  ? 1.0357 1.3306 0.9107 -0.5049 0.0172  -0.1459 6  ORN E O   
465 N  N   . HAO E 7  ? 0.9231 1.1229 0.8595 -0.4635 0.0138  -0.1681 7  HAO E N   
466 N  N9  . HAO E 7  ? 0.5415 0.6705 0.4712 -0.4742 0.0276  -0.1406 7  HAO E N9  
467 C  C10 . HAO E 7  ? 1.2053 1.2633 1.1615 -0.4615 0.0375  -0.1431 7  HAO E C10 
468 O  O11 . HAO E 7  ? 0.7131 0.7691 0.7014 -0.4421 0.0348  -0.1651 7  HAO E O11 
469 C  CA  . HAO E 7  ? 0.6746 0.6546 0.6228 -0.4738 0.0510  -0.1167 7  HAO E CA  
470 C  C13 . HAO E 7  ? 1.0268 0.9438 0.9995 -0.4605 0.0652  -0.1228 7  HAO E C13 
471 C  C14 . HAO E 7  ? 1.1720 1.1482 1.0913 -0.4996 0.0469  -0.0878 7  HAO E C14 
472 C  C15 . HAO E 7  ? 0.8796 0.9131 0.7545 -0.5424 0.0290  -0.0363 7  HAO E C15 
473 O  O15 . HAO E 7  ? 0.9577 1.0055 0.8522 -0.5149 0.0365  -0.0767 7  HAO E O15 
474 C  C17 . HAO E 7  ? 0.8715 0.7745 0.7933 -0.5085 0.0498  -0.0695 7  HAO E C17 
475 C  C18 . HAO E 7  ? 0.8456 0.6873 0.7919 -0.4910 0.0627  -0.0839 7  HAO E C18 
476 C  C19 . HAO E 7  ? 1.1907 1.0422 1.1606 -0.4677 0.0736  -0.1085 7  HAO E C19 
477 N  N20 . HAO E 7  ? 1.0826 0.8883 1.0753 -0.4525 0.0899  -0.1193 7  HAO E N20 
478 C  C21 . HAO E 7  ? 1.7264 1.4790 1.7381 -0.4461 0.0941  -0.1149 7  HAO E C21 
479 O  O22 . HAO E 7  ? 1.1564 0.8863 1.1707 -0.4546 0.0777  -0.0983 7  HAO E O22 
480 C  C   . HAO E 7  ? 1.2197 0.9441 1.2548 -0.4273 0.1186  -0.1322 7  HAO E C   
481 O  O   . HAO E 7  ? 1.2061 0.9525 1.2406 -0.4219 0.1313  -0.1430 7  HAO E O   
482 N  N   . TYR E 8  ? 1.2355 0.9165 1.2952 -0.4170 0.1239  -0.1356 8  TYR E N   
483 C  CA  . TYR E 8  ? 1.2355 0.8991 1.3218 -0.3979 0.1493  -0.1516 8  TYR E CA  
484 C  C   . TYR E 8  ? 1.2752 0.9497 1.4224 -0.3791 0.1480  -0.1499 8  TYR E C   
485 O  O   . TYR E 8  ? 1.2828 0.9406 1.4566 -0.3759 0.1271  -0.1438 8  TYR E O   
486 C  CB  . TYR E 8  ? 1.2880 0.9060 1.3726 -0.3947 0.1498  -0.1629 8  TYR E CB  
487 C  CG  . TYR E 8  ? 1.3170 0.9299 1.4213 -0.3736 0.1802  -0.1839 8  TYR E CG  
488 C  CD1 . TYR E 8  ? 1.3373 0.9544 1.4020 -0.3722 0.2039  -0.1955 8  TYR E CD1 
489 C  CD2 . TYR E 8  ? 1.3392 0.9453 1.5012 -0.3552 0.1849  -0.1930 8  TYR E CD2 
490 C  CE1 . TYR E 8  ? 1.3373 0.9604 1.4140 -0.3532 0.2344  -0.2130 8  TYR E CE1 
491 C  CE2 . TYR E 8  ? 1.3658 0.9801 1.5475 -0.3362 0.2165  -0.2127 8  TYR E CE2 
492 C  CZ  . TYR E 8  ? 1.4236 1.0500 1.5595 -0.3355 0.2423  -0.2215 8  TYR E CZ  
493 O  OH  . TYR E 8  ? 1.4372 1.0824 1.5864 -0.3171 0.2759  -0.2390 8  TYR E OH  
494 N  N   . LYS E 9  ? 1.2020 0.9031 1.3744 -0.3678 0.1662  -0.1529 9  LYS E N   
495 C  CA  . LYS E 9  ? 1.2380 0.9508 1.4790 -0.3484 0.1646  -0.1502 9  LYS E CA  
496 C  C   . LYS E 9  ? 1.4501 1.1670 1.7195 -0.3377 0.1987  -0.1559 9  LYS E C   
497 O  O   . LYS E 9  ? 1.0850 0.8242 1.3338 -0.3440 0.2145  -0.1526 9  LYS E O   
498 C  CB  . LYS E 9  ? 1.2228 0.9765 1.4807 -0.3453 0.1425  -0.1426 9  LYS E CB  
499 C  CG  . LYS E 9  ? 1.4828 1.2441 1.7247 -0.3490 0.1097  -0.1375 9  LYS E CG  
500 C  CD  . LYS E 9  ? 1.5848 1.3853 1.8683 -0.3318 0.0833  -0.1375 9  LYS E CD  
501 C  CE  . LYS E 9  ? 1.6143 1.4504 1.8571 -0.3395 0.0567  -0.1366 9  LYS E CE  
502 N  NZ  . LYS E 9  ? 1.6294 1.5207 1.8883 -0.3299 0.0382  -0.1478 9  LYS E NZ  
503 N  N   . ORN E 10 ? 0.9486 0.7237 1.1943 -0.3247 0.3351  -0.1683 10 ORN E N   
504 C  CA  . ORN E 10 ? 1.1516 0.8996 1.3694 -0.3357 0.2973  -0.1682 10 ORN E CA  
505 C  CB  . ORN E 10 ? 1.3173 1.0277 1.5394 -0.3288 0.2794  -0.1857 10 ORN E CB  
506 C  CG  . ORN E 10 ? 0.7307 0.4377 1.0299 -0.3125 0.2755  -0.1889 10 ORN E CG  
507 C  CD  . ORN E 10 ? 0.9771 0.6956 1.3253 -0.3113 0.2516  -0.1698 10 ORN E CD  
508 N  NE  . ORN E 10 ? 1.4131 1.1142 1.7317 -0.3218 0.2147  -0.1650 10 ORN E NE  
509 C  C   . ORN E 10 ? 1.1013 0.8422 1.2413 -0.3525 0.2936  -0.1695 10 ORN E C   
510 O  O   . ORN E 10 ? 1.0127 0.7561 1.1105 -0.3531 0.3180  -0.1756 10 ORN E O   
511 N  N   . ALA F 1  ? 0.8232 1.2567 1.2411 -0.2405 0.1372  -0.2039 1  ALA F N   
512 C  CA  . ALA F 1  ? 0.8371 1.2581 1.1685 -0.2658 0.1493  -0.1647 1  ALA F CA  
513 C  C   . ALA F 1  ? 0.9257 1.2643 1.2040 -0.2871 0.1398  -0.1235 1  ALA F C   
514 O  O   . ALA F 1  ? 0.9381 1.2108 1.2256 -0.2840 0.1262  -0.1159 1  ALA F O   
515 C  CB  . ALA F 1  ? 0.8498 1.2325 1.1385 -0.2636 0.1685  -0.1521 1  ALA F CB  
516 N  N   . ILE F 2  ? 0.8685 1.2191 1.0953 -0.3104 0.1460  -0.0958 2  ILE F N   
517 C  CA  . ILE F 2  ? 0.8690 1.1561 1.0477 -0.3320 0.1421  -0.0606 2  ILE F CA  
518 C  C   . ILE F 2  ? 0.8669 1.0766 0.9996 -0.3412 0.1547  -0.0361 2  ILE F C   
519 O  O   . ILE F 2  ? 0.8357 1.0610 0.9570 -0.3423 0.1657  -0.0313 2  ILE F O   
520 C  CB  . ILE F 2  ? 0.9100 1.2597 1.0772 -0.3515 0.1420  -0.0513 2  ILE F CB  
521 C  CG1 . ILE F 2  ? 0.9152 1.3161 1.1302 -0.3448 0.1245  -0.0820 2  ILE F CG1 
522 C  CG2 . ILE F 2  ? 0.9069 1.1971 1.0255 -0.3750 0.1461  -0.0133 2  ILE F CG2 
523 C  CD1 . ILE F 2  ? 1.0136 1.5031 1.2347 -0.3605 0.1257  -0.0925 2  ILE F CD1 
524 N  N   . ILE F 3  ? 0.8118 0.9443 0.9235 -0.3488 0.1504  -0.0241 3  ILE F N   
525 C  CA  . ILE F 3  ? 0.8076 0.8718 0.8856 -0.3607 0.1609  -0.0131 3  ILE F CA  
526 C  C   . ILE F 3  ? 0.8712 0.8942 0.9189 -0.3866 0.1584  0.0067  3  ILE F C   
527 O  O   . ILE F 3  ? 0.8928 0.9106 0.9390 -0.3903 0.1466  0.0120  3  ILE F O   
528 C  CB  . ILE F 3  ? 0.8383 0.8613 0.9279 -0.3455 0.1644  -0.0320 3  ILE F CB  
529 C  CG1 . ILE F 3  ? 0.8468 0.8026 0.9028 -0.3622 0.1760  -0.0308 3  ILE F CG1 
530 C  CG2 . ILE F 3  ? 0.8566 0.8677 0.9705 -0.3382 0.1479  -0.0333 3  ILE F CG2 
531 C  CD1 . ILE F 3  ? 0.9276 0.8662 0.9946 -0.3460 0.1875  -0.0550 3  ILE F CD1 
532 N  N   . PHE F 4  ? 0.8195 0.8187 0.8524 -0.4040 0.1676  0.0147  4  PHE F N   
533 C  CA  A PHE F 4  ? 0.8316 0.8006 0.8501 -0.4304 0.1684  0.0225  4  PHE F CA  
534 C  CA  B PHE F 4  ? 0.8359 0.8049 0.8544 -0.4304 0.1684  0.0225  4  PHE F CA  
535 C  C   . PHE F 4  ? 0.8912 0.8132 0.9058 -0.4412 0.1772  0.0072  4  PHE F C   
536 O  O   . PHE F 4  ? 0.8639 0.7818 0.8925 -0.4371 0.1811  0.0037  4  PHE F O   
537 C  CB  A PHE F 4  ? 0.8433 0.8423 0.8732 -0.4444 0.1681  0.0393  4  PHE F CB  
538 C  CB  B PHE F 4  ? 0.8518 0.8511 0.8816 -0.4442 0.1680  0.0394  4  PHE F CB  
539 C  CG  A PHE F 4  ? 0.8605 0.8397 0.8933 -0.4702 0.1702  0.0381  4  PHE F CG  
540 C  CG  B PHE F 4  ? 0.8626 0.9109 0.8955 -0.4368 0.1608  0.0461  4  PHE F CG  
541 C  CD1 A PHE F 4  ? 0.9076 0.8931 0.9265 -0.4784 0.1658  0.0370  4  PHE F CD1 
542 C  CD1 B PHE F 4  ? 0.9077 0.9545 0.9325 -0.4401 0.1525  0.0441  4  PHE F CD1 
543 C  CD2 A PHE F 4  ? 0.8679 0.8283 0.9263 -0.4866 0.1744  0.0338  4  PHE F CD2 
544 C  CD2 B PHE F 4  ? 0.8766 0.9795 0.9218 -0.4288 0.1609  0.0514  4  PHE F CD2 
545 C  CE1 A PHE F 4  ? 0.9183 0.9033 0.9458 -0.5032 0.1696  0.0288  4  PHE F CE1 
546 C  CE1 B PHE F 4  ? 0.9079 0.9991 0.9428 -0.4321 0.1433  0.0424  4  PHE F CE1 
547 C  CE2 A PHE F 4  ? 0.8997 0.8561 0.9783 -0.5112 0.1767  0.0214  4  PHE F CE2 
548 C  CE2 B PHE F 4  ? 0.9012 1.0569 0.9544 -0.4252 0.1546  0.0473  4  PHE F CE2 
549 C  CZ  A PHE F 4  ? 0.8878 0.8621 0.9492 -0.5196 0.1763  0.0178  4  PHE F CZ  
550 C  CZ  B PHE F 4  ? 0.8784 1.0239 0.9293 -0.4254 0.1452  0.0403  4  PHE F CZ  
551 N  N   . LEU F 5  ? 0.8937 0.7854 0.8906 -0.4561 0.1787  -0.0029 5  LEU F N   
552 C  CA  . LEU F 5  ? 0.9034 0.7577 0.8980 -0.4711 0.1880  -0.0273 5  LEU F CA  
553 C  C   . LEU F 5  ? 0.9455 0.7991 0.9339 -0.5068 0.1898  -0.0378 5  LEU F C   
554 O  O   . LEU F 5  ? 0.9385 0.8048 0.9036 -0.5172 0.1847  -0.0259 5  LEU F O   
555 C  CB  . LEU F 5  ? 0.9115 0.7399 0.8922 -0.4568 0.1918  -0.0391 5  LEU F CB  
556 C  CG  . LEU F 5  ? 0.9691 0.7589 0.9466 -0.4676 0.2039  -0.0716 5  LEU F CG  
557 C  CD1 . LEU F 5  ? 0.9538 0.7380 0.9572 -0.4510 0.2076  -0.0873 5  LEU F CD1 
558 C  CD2 . LEU F 5  ? 1.0190 0.7874 0.9850 -0.4561 0.2076  -0.0773 5  LEU F CD2 
559 N  N   . ORN F 6  ? 0.8510 0.8308 0.8635 -0.6101 0.1914  -0.0679 6  ORN F N   
560 C  CA  . ORN F 6  ? 0.8872 0.8277 0.8785 -0.5749 0.1857  -0.0402 6  ORN F CA  
561 C  CB  . ORN F 6  ? 0.9029 0.8254 0.9363 -0.5586 0.1879  -0.0433 6  ORN F CB  
562 C  CG  . ORN F 6  ? 0.9319 0.8325 0.9966 -0.5737 0.1940  -0.0792 6  ORN F CG  
563 C  CD  . ORN F 6  ? 0.6919 0.5538 0.7260 -0.5637 0.1985  -0.0900 6  ORN F CD  
564 N  NE  . ORN F 6  ? 0.9546 0.8015 0.9716 -0.5269 0.1948  -0.0628 6  ORN F NE  
565 C  C   . ORN F 6  ? 1.0219 0.9783 0.9949 -0.5543 0.1739  -0.0073 6  ORN F C   
566 O  O   . ORN F 6  ? 1.1665 1.1576 1.1479 -0.5622 0.1714  -0.0042 6  ORN F O   
567 N  N   . HAO F 7  ? 1.0222 0.9563 0.9809 -0.5275 0.1674  0.0090  7  HAO F N   
568 N  N9  . HAO F 7  ? 0.8302 0.7760 0.7855 -0.5074 0.1555  0.0278  7  HAO F N9  
569 C  C10 . HAO F 7  ? 0.8856 0.8214 0.8480 -0.4794 0.1504  0.0330  7  HAO F C10 
570 O  O11 . HAO F 7  ? 1.0200 0.9338 0.9876 -0.4700 0.1583  0.0226  7  HAO F O11 
571 C  CA  . HAO F 7  ? 1.1416 1.1052 1.1167 -0.4585 0.1338  0.0447  7  HAO F CA  
572 C  C13 . HAO F 7  ? 1.1472 1.1204 1.1468 -0.4310 0.1287  0.0395  7  HAO F C13 
573 C  C14 . HAO F 7  ? 0.7705 0.7592 0.7421 -0.4664 0.1243  0.0521  7  HAO F C14 
574 C  C15 . HAO F 7  ? 0.8663 0.8897 0.8207 -0.4946 0.1177  0.0567  7  HAO F C15 
575 O  O15 . HAO F 7  ? 1.6018 1.5966 1.5585 -0.4927 0.1306  0.0506  7  HAO F O15 
576 C  C17 . HAO F 7  ? 1.0159 1.0314 1.0072 -0.4471 0.1081  0.0536  7  HAO F C17 
577 C  C18 . HAO F 7  ? 1.0913 1.1199 1.1123 -0.4224 0.1022  0.0445  7  HAO F C18 
578 C  C19 . HAO F 7  ? 1.3504 1.3603 1.3764 -0.4137 0.1129  0.0379  7  HAO F C19 
579 N  N20 . HAO F 7  ? 0.9798 1.0148 1.0416 -0.3901 0.1094  0.0227  7  HAO F N20 
580 C  C21 . HAO F 7  ? 1.4318 1.4987 1.5376 -0.3716 0.0896  0.0102  7  HAO F C21 
581 O  O22 . HAO F 7  ? 1.4430 1.5110 1.5592 -0.3724 0.0679  0.0157  7  HAO F O22 
582 C  C   . HAO F 7  ? 1.1301 1.2409 1.2860 -0.3477 0.0923  -0.0181 7  HAO F C   
583 O  O   . HAO F 7  ? 1.2053 1.3161 1.3505 -0.3453 0.1117  -0.0230 7  HAO F O   
584 N  N   . TYR F 8  ? 1.0488 1.2030 1.2697 -0.3293 0.0715  -0.0425 8  TYR F N   
585 C  CA  . TYR F 8  ? 1.0006 1.2145 1.2917 -0.3061 0.0701  -0.0809 8  TYR F CA  
586 C  C   . TYR F 8  ? 1.0608 1.2281 1.3947 -0.2905 0.0575  -0.0820 8  TYR F C   
587 O  O   . TYR F 8  ? 1.0802 1.2108 1.4372 -0.2907 0.0302  -0.0669 8  TYR F O   
588 C  CB  . TYR F 8  ? 0.9857 1.2812 1.3405 -0.2989 0.0516  -0.1162 8  TYR F CB  
589 C  CG  . TYR F 8  ? 0.9588 1.3437 1.3964 -0.2789 0.0527  -0.1678 8  TYR F CG  
590 C  CD1 . TYR F 8  ? 0.9531 1.4210 1.3778 -0.2850 0.0759  -0.1859 8  TYR F CD1 
591 C  CD2 . TYR F 8  ? 0.9550 1.3513 1.4931 -0.2562 0.0283  -0.1995 8  TYR F CD2 
592 C  CE1 . TYR F 8  ? 0.9085 1.4795 1.4119 -0.2696 0.0781  -0.2394 8  TYR F CE1 
593 C  CE2 . TYR F 8  ? 0.9200 1.4141 1.5508 -0.2379 0.0302  -0.2577 8  TYR F CE2 
594 C  CZ  . TYR F 8  ? 0.9430 1.5308 1.5533 -0.2452 0.0566  -0.2805 8  TYR F CZ  
595 O  OH  . TYR F 8  ? 0.8926 1.5960 1.5943 -0.2302 0.0601  -0.3427 8  TYR F OH  
596 N  N   . LYS F 9  ? 1.0044 1.1719 1.3486 -0.2784 0.0764  -0.0967 9  LYS F N   
597 C  CA  . LYS F 9  ? 1.0343 1.1616 1.4253 -0.2632 0.0698  -0.1018 9  LYS F CA  
598 C  C   . LYS F 9  ? 1.0955 1.2985 1.5683 -0.2356 0.0783  -0.1534 9  LYS F C   
599 O  O   . LYS F 9  ? 0.6938 0.9291 1.1374 -0.2334 0.1046  -0.1668 9  LYS F O   
600 C  CB  . LYS F 9  ? 1.0897 1.1339 1.4067 -0.2791 0.0887  -0.0726 9  LYS F CB  
601 C  CG  . LYS F 9  ? 1.3942 1.3752 1.6512 -0.3074 0.0764  -0.0281 9  LYS F CG  
602 C  CD  . LYS F 9  ? 1.5742 1.4849 1.7876 -0.3240 0.0879  -0.0091 9  LYS F CD  
603 C  CE  . LYS F 9  ? 1.7185 1.5950 1.8516 -0.3597 0.0903  0.0230  9  LYS F CE  
604 N  NZ  . LYS F 9  ? 1.8550 1.7001 1.9361 -0.3768 0.1189  0.0149  9  LYS F NZ  
605 N  N   . ORN F 10 ? 0.3208 0.9386 1.0160 -0.1738 0.1251  -0.3476 10 ORN F N   
606 C  CA  . ORN F 10 ? 3.4689 3.7576 3.7909 -0.1039 0.0162  -0.0027 10 ORN F CA  
607 C  CB  . ORN F 10 ? 0.4149 0.9150 1.0455 -0.2054 0.0882  -0.2795 10 ORN F CB  
608 C  CG  . ORN F 10 ? 0.8058 1.2739 1.5399 -0.1848 0.0615  -0.2973 10 ORN F CG  
609 C  CD  . ORN F 10 ? 0.5186 0.8609 1.2109 -0.1852 0.0636  -0.2529 10 ORN F CD  
610 N  NE  . ORN F 10 ? 1.0178 1.2688 1.6119 -0.2118 0.0559  -0.1922 10 ORN F NE  
611 C  C   . ORN F 10 ? 0.8475 1.3814 1.3435 -0.2233 0.1374  -0.2534 10 ORN F C   
612 O  O   . ORN F 10 ? 0.4054 1.0492 0.9118 -0.2261 0.1481  -0.2776 10 ORN F O   
613 N  N   . ALA G 1  ? 0.7747 1.0116 0.9374 -0.3637 0.2336  -0.2880 1  ALA G N   
614 C  CA  . ALA G 1  ? 0.7299 0.9527 0.9161 -0.3328 0.1920  -0.2657 1  ALA G CA  
615 C  C   . ALA G 1  ? 0.7733 0.9249 0.8855 -0.3329 0.1746  -0.2414 1  ALA G C   
616 O  O   . ALA G 1  ? 0.7822 0.8943 0.8261 -0.3558 0.1861  -0.2332 1  ALA G O   
617 C  CB  . ALA G 1  ? 0.7011 0.9649 0.9324 -0.3342 0.1689  -0.2506 1  ALA G CB  
618 N  N   . ILE G 2  ? 0.6877 0.8235 0.8190 -0.3069 0.1456  -0.2288 2  ILE G N   
619 C  CA  . ILE G 2  ? 0.6870 0.7724 0.7745 -0.3036 0.1252  -0.2057 2  ILE G CA  
620 C  C   . ILE G 2  ? 0.7065 0.7953 0.8020 -0.3056 0.1100  -0.1833 2  ILE G C   
621 O  O   . ILE G 2  ? 0.6946 0.8141 0.8341 -0.2975 0.0963  -0.1801 2  ILE G O   
622 C  CB  . ILE G 2  ? 0.7366 0.8028 0.8373 -0.2828 0.1087  -0.2088 2  ILE G CB  
623 C  CG1 . ILE G 2  ? 0.7894 0.8300 0.8453 -0.2925 0.1261  -0.2299 2  ILE G CG1 
624 C  CG2 . ILE G 2  ? 0.7374 0.7746 0.8260 -0.2774 0.0821  -0.1823 2  ILE G CG2 
625 C  CD1 . ILE G 2  ? 0.7901 0.8108 0.8535 -0.2797 0.1188  -0.2432 2  ILE G CD1 
626 N  N   . ILE G 3  ? 0.6535 0.7073 0.7030 -0.3179 0.1133  -0.1686 3  ILE G N   
627 C  CA  . ILE G 3  ? 0.6445 0.6905 0.6895 -0.3244 0.1097  -0.1537 3  ILE G CA  
628 C  C   . ILE G 3  ? 0.6902 0.6952 0.7147 -0.3162 0.1020  -0.1350 3  ILE G C   
629 O  O   . ILE G 3  ? 0.7376 0.7139 0.7350 -0.3141 0.1014  -0.1292 3  ILE G O   
630 C  CB  . ILE G 3  ? 0.7157 0.7648 0.7374 -0.3515 0.1318  -0.1607 3  ILE G CB  
631 C  CG1 . ILE G 3  ? 0.7158 0.7473 0.7227 -0.3633 0.1331  -0.1512 3  ILE G CG1 
632 C  CG2 . ILE G 3  ? 0.7921 0.8051 0.7624 -0.3656 0.1510  -0.1626 3  ILE G CG2 
633 C  CD1 . ILE G 3  ? 0.8637 0.9180 0.8676 -0.3916 0.1444  -0.1620 3  ILE G CD1 
634 N  N   . PHE G 4  ? 0.5778 0.5830 0.6167 -0.3133 0.0958  -0.1255 4  PHE G N   
635 C  CA  A PHE G 4  ? 0.5620 0.5395 0.5980 -0.3061 0.0959  -0.1117 4  PHE G CA  
636 C  CA  B PHE G 4  ? 0.5671 0.5446 0.6031 -0.3061 0.0959  -0.1117 4  PHE G CA  
637 C  C   . PHE G 4  ? 0.6245 0.5892 0.6447 -0.3208 0.1138  -0.1123 4  PHE G C   
638 O  O   . PHE G 4  ? 0.6137 0.5966 0.6363 -0.3319 0.1110  -0.1153 4  PHE G O   
639 C  CB  A PHE G 4  ? 0.5472 0.5342 0.6136 -0.2933 0.0782  -0.1043 4  PHE G CB  
640 C  CB  B PHE G 4  ? 0.5572 0.5441 0.6236 -0.2934 0.0784  -0.1042 4  PHE G CB  
641 C  CG  A PHE G 4  ? 0.5482 0.5381 0.6224 -0.2834 0.0619  -0.1073 4  PHE G CG  
642 C  CG  B PHE G 4  ? 0.5702 0.5422 0.6487 -0.2878 0.0836  -0.0930 4  PHE G CG  
643 C  CD1 A PHE G 4  ? 0.5804 0.5532 0.6418 -0.2795 0.0555  -0.1015 4  PHE G CD1 
644 C  CD1 B PHE G 4  ? 0.6249 0.5859 0.7122 -0.2762 0.0764  -0.0847 4  PHE G CD1 
645 C  CD2 A PHE G 4  ? 0.5563 0.5615 0.6471 -0.2791 0.0518  -0.1165 4  PHE G CD2 
646 C  CD2 B PHE G 4  ? 0.6021 0.5729 0.6840 -0.2960 0.0966  -0.0914 4  PHE G CD2 
647 C  CE1 A PHE G 4  ? 0.5849 0.5552 0.6383 -0.2780 0.0407  -0.1077 4  PHE G CE1 
648 C  CE1 B PHE G 4  ? 0.6452 0.6041 0.7641 -0.2669 0.0816  -0.0753 4  PHE G CE1 
649 C  CE2 A PHE G 4  ? 0.5878 0.5865 0.6779 -0.2732 0.0426  -0.1256 4  PHE G CE2 
650 C  CE2 B PHE G 4  ? 0.6496 0.6123 0.7529 -0.2906 0.1102  -0.0862 4  PHE G CE2 
651 C  CZ  A PHE G 4  ? 0.5689 0.5499 0.6344 -0.2761 0.0378  -0.1225 4  PHE G CZ  
652 C  CZ  B PHE G 4  ? 0.6309 0.5926 0.7622 -0.2734 0.1024  -0.0785 4  PHE G CZ  
653 N  N   . LEU G 5  ? 0.6109 0.5392 0.6102 -0.3223 0.1308  -0.1094 5  LEU G N   
654 C  CA  . LEU G 5  ? 0.6607 0.5638 0.6372 -0.3386 0.1543  -0.1155 5  LEU G CA  
655 C  C   . LEU G 5  ? 0.7647 0.6307 0.7513 -0.3228 0.1697  -0.1087 5  LEU G C   
656 O  O   . LEU G 5  ? 0.7906 0.6359 0.7857 -0.3044 0.1642  -0.0971 5  LEU G O   
657 C  CB  . LEU G 5  ? 0.6803 0.5670 0.6197 -0.3611 0.1678  -0.1245 5  LEU G CB  
658 C  CG  . LEU G 5  ? 0.7721 0.6307 0.6777 -0.3882 0.1913  -0.1361 5  LEU G CG  
659 C  CD1 . LEU G 5  ? 0.7706 0.6697 0.6763 -0.4100 0.1822  -0.1452 5  LEU G CD1 
660 C  CD2 . LEU G 5  ? 0.8280 0.6583 0.6976 -0.4095 0.2062  -0.1417 5  LEU G CD2 
661 N  N   . ORN G 6  ? 0.5293 0.3827 0.6952 -0.2288 0.1773  -0.0732 6  ORN G N   
662 C  CA  . ORN G 6  ? 0.8817 0.7386 0.9905 -0.2510 0.1605  -0.0761 6  ORN G CA  
663 C  CB  . ORN G 6  ? 0.5775 0.4614 0.6707 -0.2743 0.1673  -0.0896 6  ORN G CB  
664 C  CG  . ORN G 6  ? 0.5564 0.4170 0.6223 -0.2935 0.2034  -0.1061 6  ORN G CG  
665 C  CD  . ORN G 6  ? 0.5279 0.3566 0.5361 -0.3156 0.2145  -0.1165 6  ORN G CD  
666 N  NE  . ORN G 6  ? 0.7146 0.5715 0.7022 -0.3291 0.1890  -0.1153 6  ORN G NE  
667 C  C   . ORN G 6  ? 0.7516 0.6309 0.8671 -0.2428 0.1213  -0.0617 6  ORN G C   
668 O  O   . ORN G 6  ? 0.9273 0.8328 1.0920 -0.2273 0.1016  -0.0509 6  ORN G O   
669 N  N   . HAO G 7  ? 0.6867 0.5575 0.7509 -0.2589 0.1144  -0.0659 7  HAO G N   
670 N  N9  . HAO G 7  ? 0.8012 0.6828 0.8523 -0.2599 0.0901  -0.0613 7  HAO G N9  
671 C  C10 . HAO G 7  ? 0.8140 0.7001 0.8269 -0.2774 0.0920  -0.0729 7  HAO G C10 
672 O  O11 . HAO G 7  ? 0.7328 0.6196 0.7271 -0.2937 0.1116  -0.0859 7  HAO G O11 
673 C  CA  . HAO G 7  ? 0.5328 0.4282 0.5289 -0.2791 0.0687  -0.0723 7  HAO G CA  
674 C  C13 . HAO G 7  ? 0.7163 0.6209 0.6830 -0.2954 0.0779  -0.0893 7  HAO G C13 
675 C  C14 . HAO G 7  ? 0.9696 0.8700 0.9840 -0.2676 0.0406  -0.0595 7  HAO G C14 
676 C  C15 . HAO G 7  ? 0.5009 0.4187 0.5794 -0.2445 -0.0025 -0.0318 7  HAO G C15 
677 O  O15 . HAO G 7  ? 0.6608 0.5659 0.7227 -0.2503 0.0327  -0.0446 7  HAO G O15 
678 C  C17 . HAO G 7  ? 0.4764 0.3809 0.4641 -0.2764 0.0226  -0.0656 7  HAO G C17 
679 C  C18 . HAO G 7  ? 0.6520 0.5561 0.6019 -0.2919 0.0381  -0.0855 7  HAO G C18 
680 C  C19 . HAO G 7  ? 0.6877 0.5973 0.6350 -0.2997 0.0657  -0.0966 7  HAO G C19 
681 N  N20 . HAO G 7  ? 0.8413 0.7646 0.7726 -0.3132 0.0826  -0.1173 7  HAO G N20 
682 C  C21 . HAO G 7  ? 0.8402 0.7515 0.7264 -0.3278 0.0893  -0.1280 7  HAO G C21 
683 O  O22 . HAO G 7  ? 0.9252 0.8050 0.7654 -0.3336 0.0746  -0.1174 7  HAO G O22 
684 C  C   . HAO G 7  ? 0.8457 0.7871 0.7384 -0.3407 0.1177  -0.1558 7  HAO G C   
685 O  O   . HAO G 7  ? 0.7983 0.7744 0.7371 -0.3367 0.1254  -0.1627 7  HAO G O   
686 N  N   . TYR G 8  ? 0.9318 0.8645 0.7817 -0.3582 0.1342  -0.1725 8  TYR G N   
687 C  CA  . TYR G 8  ? 0.9412 0.9073 0.8032 -0.3715 0.1676  -0.2036 8  TYR G CA  
688 C  C   . TYR G 8  ? 1.0409 0.9949 0.8603 -0.4014 0.1940  -0.2020 8  TYR G C   
689 O  O   . TYR G 8  ? 1.1064 1.0072 0.8480 -0.4205 0.1941  -0.1870 8  TYR G O   
690 C  CB  . TYR G 8  ? 0.9999 0.9552 0.8310 -0.3774 0.1774  -0.2274 8  TYR G CB  
691 C  CG  . TYR G 8  ? 1.0479 1.0454 0.9120 -0.3842 0.2174  -0.2658 8  TYR G CG  
692 C  CD1 . TYR G 8  ? 1.0401 1.0826 0.9915 -0.3563 0.2175  -0.2850 8  TYR G CD1 
693 C  CD2 . TYR G 8  ? 1.1200 1.1116 0.9316 -0.4184 0.2563  -0.2827 8  TYR G CD2 
694 C  CE1 . TYR G 8  ? 1.0646 1.1525 1.0648 -0.3562 0.2546  -0.3215 8  TYR G CE1 
695 C  CE2 . TYR G 8  ? 1.1403 1.1809 0.9962 -0.4246 0.2994  -0.3221 8  TYR G CE2 
696 C  CZ  . TYR G 8  ? 1.1985 1.2904 1.1556 -0.3903 0.2980  -0.3425 8  TYR G CZ  
697 O  OH  . TYR G 8  ? 1.2418 1.3889 1.2613 -0.3899 0.3404  -0.3822 8  TYR G OH  
698 N  N   . LYS G 9  ? 0.9761 0.9765 0.8446 -0.4080 0.2126  -0.2145 9  LYS G N   
699 C  CA  . LYS G 9  ? 1.0736 1.0701 0.9105 -0.4432 0.2421  -0.2180 9  LYS G CA  
700 C  C   . LYS G 9  ? 1.1585 1.2266 1.0518 -0.4558 0.2742  -0.2527 9  LYS G C   
701 O  O   . LYS G 9  ? 0.9353 1.0638 0.9127 -0.4377 0.2641  -0.2609 9  LYS G O   
702 C  CB  . LYS G 9  ? 1.0776 1.0591 0.9197 -0.4456 0.2314  -0.1979 9  LYS G CB  
703 C  CG  . LYS G 9  ? 1.3556 1.2601 1.1390 -0.4383 0.2120  -0.1659 9  LYS G CG  
704 C  CD  . LYS G 9  ? 1.4900 1.3584 1.2529 -0.4543 0.2210  -0.1536 9  LYS G CD  
705 C  CE  . LYS G 9  ? 1.5658 1.3458 1.2520 -0.4616 0.2187  -0.1267 9  LYS G CE  
706 N  NZ  . LYS G 9  ? 1.6015 1.3444 1.2247 -0.5059 0.2504  -0.1300 9  LYS G NZ  
707 N  N   . ORN G 10 ? 0.5426 0.9067 0.7839 -0.4149 0.3463  -0.3723 10 ORN G N   
708 C  CA  . ORN G 10 ? 1.0241 1.3100 1.1865 -0.4091 0.3076  -0.3348 10 ORN G CA  
709 C  CB  . ORN G 10 ? 0.7968 1.0040 0.8534 -0.4223 0.3211  -0.3344 10 ORN G CB  
710 C  CG  . ORN G 10 ? 0.7645 0.9484 0.7432 -0.4710 0.3626  -0.3433 10 ORN G CG  
711 C  CD  . ORN G 10 ? 0.8220 0.9762 0.7534 -0.4989 0.3539  -0.3149 10 ORN G CD  
712 N  NE  . ORN G 10 ? 1.1779 1.2537 1.0410 -0.4867 0.3160  -0.2775 10 ORN G NE  
713 C  C   . ORN G 10 ? 0.6956 0.9848 0.9119 -0.3646 0.2620  -0.3182 10 ORN G C   
714 O  O   . ORN G 10 ? 0.8712 1.2086 1.1753 -0.3352 0.2583  -0.3339 10 ORN G O   
715 N  N   . ALA H 1  ? 0.8316 0.8594 0.9439 -0.3099 0.2870  -0.2958 1  ALA H N   
716 C  CA  . ALA H 1  ? 0.7743 0.8019 0.9314 -0.2827 0.2653  -0.2439 1  ALA H CA  
717 C  C   . ALA H 1  ? 0.7546 0.8221 0.8629 -0.2785 0.2338  -0.2157 1  ALA H C   
718 O  O   . ALA H 1  ? 0.7429 0.8380 0.7902 -0.2941 0.2151  -0.2259 1  ALA H O   
719 C  CB  . ALA H 1  ? 0.7623 0.7669 0.9542 -0.2795 0.2408  -0.2167 1  ALA H CB  
720 N  N   . ILE H 2  ? 0.6586 0.7278 0.8032 -0.2584 0.2245  -0.1774 2  ILE H N   
721 C  CA  . ILE H 2  ? 0.6039 0.7008 0.7207 -0.2519 0.1938  -0.1459 2  ILE H CA  
722 C  C   . ILE H 2  ? 0.6175 0.7140 0.7436 -0.2485 0.1600  -0.1229 2  ILE H C   
723 O  O   . ILE H 2  ? 0.6126 0.6878 0.7796 -0.2461 0.1585  -0.1060 2  ILE H O   
724 C  CB  . ILE H 2  ? 0.6295 0.7304 0.7794 -0.2388 0.2071  -0.1239 2  ILE H CB  
725 C  CG1 . ILE H 2  ? 0.6621 0.7788 0.7727 -0.2548 0.2389  -0.1520 2  ILE H CG1 
726 C  CG2 . ILE H 2  ? 0.6152 0.7315 0.7604 -0.2293 0.1704  -0.0826 2  ILE H CG2 
727 C  CD1 . ILE H 2  ? 0.6290 0.7549 0.7706 -0.2493 0.2625  -0.1425 2  ILE H CD1 
728 N  N   . ILE H 3  ? 0.5371 0.6585 0.6282 -0.2531 0.1335  -0.1242 3  ILE H N   
729 C  CA  . ILE H 3  ? 0.5065 0.6360 0.6046 -0.2562 0.1106  -0.1182 3  ILE H CA  
730 C  C   . ILE H 3  ? 0.5745 0.7271 0.6701 -0.2484 0.0842  -0.1038 3  ILE H C   
731 O  O   . ILE H 3  ? 0.6016 0.7700 0.6796 -0.2451 0.0719  -0.1032 3  ILE H O   
732 C  CB  . ILE H 3  ? 0.5585 0.6950 0.6434 -0.2731 0.1114  -0.1507 3  ILE H CB  
733 C  CG1 . ILE H 3  ? 0.5477 0.6999 0.6436 -0.2825 0.0962  -0.1531 3  ILE H CG1 
734 C  CG2 . ILE H 3  ? 0.5775 0.7368 0.6297 -0.2800 0.1051  -0.1727 3  ILE H CG2 
735 C  CD1 . ILE H 3  ? 0.7346 0.8821 0.8295 -0.3041 0.1057  -0.1745 3  ILE H CD1 
736 N  N   . PHE H 4  ? 0.4954 0.6483 0.6091 -0.2501 0.0743  -0.0917 4  PHE H N   
737 C  CA  A PHE H 4  ? 0.4704 0.6407 0.5950 -0.2454 0.0541  -0.0879 4  PHE H CA  
738 C  CA  B PHE H 4  ? 0.4717 0.6421 0.5963 -0.2454 0.0541  -0.0880 4  PHE H CA  
739 C  C   . PHE H 4  ? 0.5090 0.6935 0.6436 -0.2620 0.0538  -0.1124 4  PHE H C   
740 O  O   . PHE H 4  ? 0.5204 0.6950 0.6476 -0.2809 0.0626  -0.1076 4  PHE H O   
741 C  CB  A PHE H 4  ? 0.4850 0.6450 0.6188 -0.2394 0.0498  -0.0567 4  PHE H CB  
742 C  CB  B PHE H 4  ? 0.4874 0.6475 0.6212 -0.2394 0.0498  -0.0570 4  PHE H CB  
743 C  CG  A PHE H 4  ? 0.5106 0.6642 0.6389 -0.2272 0.0553  -0.0370 4  PHE H CG  
744 C  CG  B PHE H 4  ? 0.4930 0.6645 0.6433 -0.2375 0.0322  -0.0592 4  PHE H CG  
745 C  CD1 A PHE H 4  ? 0.5601 0.7239 0.6757 -0.2213 0.0421  -0.0336 4  PHE H CD1 
746 C  CD1 B PHE H 4  ? 0.5388 0.7162 0.6996 -0.2234 0.0149  -0.0539 4  PHE H CD1 
747 C  CD2 A PHE H 4  ? 0.5420 0.6815 0.6833 -0.2252 0.0739  -0.0217 4  PHE H CD2 
748 C  CD2 B PHE H 4  ? 0.5109 0.6860 0.6677 -0.2548 0.0330  -0.0684 4  PHE H CD2 
749 C  CE1 A PHE H 4  ? 0.5980 0.7601 0.6959 -0.2206 0.0522  -0.0180 4  PHE H CE1 
750 C  CE1 B PHE H 4  ? 0.5422 0.7233 0.7360 -0.2195 -0.0009 -0.0582 4  PHE H CE1 
751 C  CE2 A PHE H 4  ? 0.6009 0.7415 0.7417 -0.2185 0.0885  -0.0131 4  PHE H CE2 
752 C  CE2 B PHE H 4  ? 0.5439 0.7275 0.7250 -0.2549 0.0239  -0.0821 4  PHE H CE2 
753 C  CZ  A PHE H 4  ? 0.5922 0.7451 0.7028 -0.2196 0.0798  -0.0125 4  PHE H CZ  
754 C  CZ  B PHE H 4  ? 0.5231 0.7067 0.7306 -0.2338 0.0070  -0.0771 4  PHE H CZ  
755 N  N   . LEU H 5  ? 0.4599 0.6699 0.6147 -0.2593 0.0436  -0.1377 5  LEU H N   
756 C  CA  . LEU H 5  ? 0.4681 0.7009 0.6429 -0.2771 0.0507  -0.1712 5  LEU H CA  
757 C  C   . LEU H 5  ? 0.5058 0.7619 0.7322 -0.2678 0.0394  -0.1904 5  LEU H C   
758 O  O   . LEU H 5  ? 0.5277 0.7917 0.7849 -0.2462 0.0166  -0.1843 5  LEU H O   
759 C  CB  . LEU H 5  ? 0.4748 0.7224 0.6480 -0.2850 0.0547  -0.1947 5  LEU H CB  
760 C  CG  . LEU H 5  ? 0.5395 0.8149 0.7320 -0.3094 0.0683  -0.2321 5  LEU H CG  
761 C  CD1 . LEU H 5  ? 0.5792 0.8351 0.7339 -0.3421 0.0890  -0.2257 5  LEU H CD1 
762 C  CD2 . LEU H 5  ? 0.5354 0.8335 0.7410 -0.3112 0.0631  -0.2539 5  LEU H CD2 
763 N  N   . ORN H 6  ? 0.4397 0.6959 0.8794 -0.2066 -0.0201 -0.1984 6  ORN H N   
764 C  CA  . ORN H 6  ? 0.4957 0.7493 0.8562 -0.2160 -0.0136 -0.1767 6  ORN H CA  
765 C  CB  . ORN H 6  ? 0.6113 0.8523 0.9098 -0.2421 0.0153  -0.1769 6  ORN H CB  
766 C  CG  . ORN H 6  ? 0.4308 0.6934 0.7379 -0.2715 0.0430  -0.2233 6  ORN H CG  
767 C  CD  . ORN H 6  ? 0.2337 0.5201 0.5342 -0.2848 0.0555  -0.2468 6  ORN H CD  
768 N  NE  . ORN H 6  ? 0.3655 0.6317 0.6058 -0.2864 0.0536  -0.2136 6  ORN H NE  
769 C  C   . ORN H 6  ? 0.4375 0.6702 0.7613 -0.2024 -0.0372 -0.1266 6  ORN H C   
770 O  O   . ORN H 6  ? 0.5153 0.7300 0.8555 -0.1918 -0.0548 -0.1012 6  ORN H O   
771 N  N   . HAO H 7  ? 0.4673 0.7023 0.7385 -0.2090 -0.0314 -0.1181 7  HAO H N   
772 N  N9  . HAO H 7  ? 0.4813 0.7048 0.7103 -0.2071 -0.0393 -0.0875 7  HAO H N9  
773 C  C10 . HAO H 7  ? 0.8551 1.0764 1.0343 -0.2176 -0.0213 -0.0897 7  HAO H C10 
774 O  O11 . HAO H 7  ? 0.6393 0.8646 0.8113 -0.2284 -0.0011 -0.1144 7  HAO H O11 
775 C  CA  . HAO H 7  ? 0.5691 0.7795 0.6991 -0.2208 -0.0221 -0.0616 7  HAO H CA  
776 C  C13 . HAO H 7  ? 0.3509 0.5568 0.4389 -0.2329 0.0039  -0.0738 7  HAO H C13 
777 C  C14 . HAO H 7  ? 0.8046 1.0077 0.9322 -0.2164 -0.0421 -0.0279 7  HAO H C14 
778 C  C15 . HAO H 7  ? 0.4509 0.6363 0.6189 -0.2045 -0.0821 0.0209  7  HAO H C15 
779 O  O15 . HAO H 7  ? 0.5898 0.7902 0.7697 -0.2042 -0.0665 -0.0187 7  HAO H O15 
780 C  C17 . HAO H 7  ? 0.4582 0.6561 0.5322 -0.2284 -0.0325 -0.0077 7  HAO H C17 
781 C  C18 . HAO H 7  ? 0.5603 0.7587 0.5932 -0.2416 -0.0005 -0.0274 7  HAO H C18 
782 C  C19 . HAO H 7  ? 0.6842 0.8834 0.7281 -0.2418 0.0162  -0.0601 7  HAO H C19 
783 N  N20 . HAO H 7  ? 0.4834 0.6760 0.5012 -0.2533 0.0475  -0.0821 7  HAO H N20 
784 C  C21 . HAO H 7  ? 0.6100 0.8073 0.5793 -0.2732 0.0616  -0.0917 7  HAO H C21 
785 O  O22 . HAO H 7  ? 0.6984 0.9091 0.6282 -0.2884 0.0435  -0.0741 7  HAO H O22 
786 C  C   . HAO H 7  ? 0.6022 0.7855 0.5637 -0.2839 0.1034  -0.1287 7  HAO H C   
787 O  O   . HAO H 7  ? 0.6185 0.7847 0.6187 -0.2732 0.1154  -0.1390 7  HAO H O   
788 N  N   . TYR H 8  ? 0.7429 0.9306 0.6557 -0.3095 0.1268  -0.1509 8  TYR H N   
789 C  CA  . TYR H 8  ? 0.7882 0.9602 0.6958 -0.3242 0.1714  -0.1949 8  TYR H CA  
790 C  C   . TYR H 8  ? 0.9121 1.0960 0.7868 -0.3467 0.1563  -0.2215 8  TYR H C   
791 O  O   . TYR H 8  ? 0.9654 1.1775 0.7858 -0.3708 0.1273  -0.2150 8  TYR H O   
792 C  CB  . TYR H 8  ? 0.8656 1.0415 0.7364 -0.3471 0.2122  -0.2130 8  TYR H CB  
793 C  CG  . TYR H 8  ? 0.9330 1.0879 0.8206 -0.3593 0.2689  -0.2672 8  TYR H CG  
794 C  CD1 . TYR H 8  ? 0.9486 1.0756 0.9218 -0.3332 0.3049  -0.2739 8  TYR H CD1 
795 C  CD2 . TYR H 8  ? 0.9974 1.1599 0.8227 -0.3996 0.2847  -0.3119 8  TYR H CD2 
796 C  CE1 . TYR H 8  ? 1.0018 1.1043 1.0125 -0.3412 0.3575  -0.3256 8  TYR H CE1 
797 C  CE2 . TYR H 8  ? 1.0519 1.1901 0.9005 -0.4123 0.3415  -0.3697 8  TYR H CE2 
798 C  CZ  . TYR H 8  ? 1.1831 1.2893 1.1310 -0.3807 0.3794  -0.3774 8  TYR H CZ  
799 O  OH  . TYR H 8  ? 1.3331 1.4102 1.3255 -0.3899 0.4357  -0.4360 8  TYR H OH  
800 N  N   . LYS H 9  ? 0.8679 1.0315 0.7785 -0.3418 0.1703  -0.2459 9  LYS H N   
801 C  CA  . LYS H 9  ? 1.0797 1.2531 0.9684 -0.3651 0.1612  -0.2759 9  LYS H CA  
802 C  C   . LYS H 9  ? 1.2794 1.4174 1.1817 -0.3773 0.2091  -0.3202 9  LYS H C   
803 O  O   . LYS H 9  ? 0.9793 1.0837 0.9418 -0.3570 0.2252  -0.3155 9  LYS H O   
804 C  CB  . LYS H 9  ? 1.0511 1.2380 0.9785 -0.3507 0.1261  -0.2611 9  LYS H CB  
805 C  CG  . LYS H 9  ? 1.2029 1.4285 1.1284 -0.3441 0.0768  -0.2304 9  LYS H CG  
806 C  CD  . LYS H 9  ? 1.2519 1.5046 1.2164 -0.3432 0.0486  -0.2383 9  LYS H CD  
807 C  CE  . LYS H 9  ? 1.2197 1.5177 1.1848 -0.3514 -0.0018 -0.2248 9  LYS H CE  
808 N  NZ  . LYS H 9  ? 1.2096 1.5338 1.1497 -0.3843 -0.0137 -0.2516 9  LYS H NZ  
809 N  N   . ORN H 10 ? 0.7054 0.6753 0.8167 -0.3692 0.3866  -0.4401 10 ORN H N   
810 C  CA  . ORN H 10 ? 1.0801 1.0916 1.1496 -0.3562 0.3389  -0.3873 10 ORN H CA  
811 C  CB  . ORN H 10 ? 0.9712 1.0255 0.9605 -0.3774 0.3425  -0.3986 10 ORN H CB  
812 C  CG  . ORN H 10 ? 0.6926 0.7680 0.5967 -0.4231 0.3424  -0.4405 10 ORN H CG  
813 C  CD  . ORN H 10 ? 0.8740 0.9732 0.7489 -0.4289 0.2877  -0.4194 10 ORN H CD  
814 N  NE  . ORN H 10 ? 1.2541 1.3918 1.1072 -0.4147 0.2376  -0.3678 10 ORN H NE  
815 C  C   . ORN H 10 ? 0.8223 0.8215 0.9648 -0.3187 0.3275  -0.3361 10 ORN H C   
816 O  O   . ORN H 10 ? 0.7461 0.7110 0.9736 -0.3023 0.3555  -0.3387 10 ORN H O   
817 ZN ZN  . ZN  I .  ? 1.0973 1.3092 1.2389 -0.4914 -0.2790 0.2677  12 ZN  A ZN  
818 ZN ZN  . ZN  J .  ? 0.6323 0.6643 0.9637 -0.1724 -0.0742 -0.0960 18 ZN  A ZN  
825 ZN ZN  . ZN  L .  ? 1.2566 1.0890 1.0890 -0.4176 -0.4302 0.3365  13 ZN  B ZN  
826 ZN ZN  . ZN  M .  ? 0.7016 0.6449 0.9986 -0.1174 0.0459  0.1006  14 ZN  B ZN  
830 ZN ZN  . ZN  Q .  ? 1.0647 1.5297 0.9096 -0.5166 0.0074  -0.1627 15 ZN  E ZN  
831 ZN ZN  . ZN  R .  ? 1.0298 0.9349 1.3378 -0.3139 0.4177  -0.4074 19 ZN  E ZN  
833 ZN ZN  . ZN  T .  ? 1.1494 1.1915 1.1759 -0.6123 0.1859  -0.0528 16 ZN  F ZN  
834 ZN ZN  . ZN  U .  ? 0.8864 1.3366 1.3124 -0.3377 0.3055  -0.3813 17 ZN  F ZN  
# 
loop_
_pdbx_poly_seq_scheme.asym_id 
_pdbx_poly_seq_scheme.entity_id 
_pdbx_poly_seq_scheme.seq_id 
_pdbx_poly_seq_scheme.mon_id 
_pdbx_poly_seq_scheme.ndb_seq_num 
_pdbx_poly_seq_scheme.pdb_seq_num 
_pdbx_poly_seq_scheme.auth_seq_num 
_pdbx_poly_seq_scheme.pdb_mon_id 
_pdbx_poly_seq_scheme.auth_mon_id 
_pdbx_poly_seq_scheme.pdb_strand_id 
_pdbx_poly_seq_scheme.pdb_ins_code 
_pdbx_poly_seq_scheme.hetero 
A 1 1  ALA 1  1  1  ALA ALA A . n 
A 1 2  ILE 2  2  2  ILE ILE A . n 
A 1 3  ILE 3  3  3  ILE ILE A . n 
A 1 4  PHE 4  4  4  PHE PHE A . n 
A 1 5  LEU 5  5  5  LEU LEU A . n 
A 1 6  ORN 6  6  6  ORN ORN A . n 
A 1 7  HAO 7  7  7  HAO HAO A . n 
A 1 8  TYR 8  8  8  TYR TYR A . n 
A 1 9  LYS 9  9  9  LYS LYS A . n 
A 1 10 ORN 10 10 10 ORN ORN A . n 
B 1 1  ALA 1  1  1  ALA ALA B . n 
B 1 2  ILE 2  2  2  ILE ILE B . n 
B 1 3  ILE 3  3  3  ILE ILE B . n 
B 1 4  PHE 4  4  4  PHE PHE B . n 
B 1 5  LEU 5  5  5  LEU LEU B . n 
B 1 6  ORN 6  6  6  ORN ORN B . n 
B 1 7  HAO 7  7  7  HAO HAO B . n 
B 1 8  TYR 8  8  8  TYR TYR B . n 
B 1 9  LYS 9  9  9  LYS LYS B . n 
B 1 10 ORN 10 10 10 ORN ORN B . n 
C 1 1  ALA 1  1  1  ALA ALA C . n 
C 1 2  ILE 2  2  2  ILE ILE C . n 
C 1 3  ILE 3  3  3  ILE ILE C . n 
C 1 4  PHE 4  4  4  PHE PHE C . n 
C 1 5  LEU 5  5  5  LEU LEU C . n 
C 1 6  ORN 6  6  6  ORN ORN C . n 
C 1 7  HAO 7  7  7  HAO HAO C . n 
C 1 8  TYR 8  8  8  TYR TYR C . n 
C 1 9  LYS 9  9  9  LYS LYS C . n 
C 1 10 ORN 10 10 10 ORN ORN C . n 
D 1 1  ALA 1  1  1  ALA ALA D . n 
D 1 2  ILE 2  2  2  ILE ILE D . n 
D 1 3  ILE 3  3  3  ILE ILE D . n 
D 1 4  PHE 4  4  4  PHE PHE D . n 
D 1 5  LEU 5  5  5  LEU LEU D . n 
D 1 6  ORN 6  6  6  ORN ORN D . n 
D 1 7  HAO 7  7  7  HAO HAO D . n 
D 1 8  TYR 8  8  8  TYR TYR D . n 
D 1 9  LYS 9  9  9  LYS LYS D . n 
D 1 10 ORN 10 10 10 ORN ORN D . n 
E 1 1  ALA 1  1  1  ALA ALA E . n 
E 1 2  ILE 2  2  2  ILE ILE E . n 
E 1 3  ILE 3  3  3  ILE ILE E . n 
E 1 4  PHE 4  4  4  PHE PHE E . n 
E 1 5  LEU 5  5  5  LEU LEU E . n 
E 1 6  ORN 6  6  6  ORN ORN E . n 
E 1 7  HAO 7  7  7  HAO HAO E . n 
E 1 8  TYR 8  8  8  TYR TYR E . n 
E 1 9  LYS 9  9  9  LYS LYS E . n 
E 1 10 ORN 10 10 10 ORN ORN E . n 
F 1 1  ALA 1  1  1  ALA ALA F . n 
F 1 2  ILE 2  2  2  ILE ILE F . n 
F 1 3  ILE 3  3  3  ILE ILE F . n 
F 1 4  PHE 4  4  4  PHE PHE F . n 
F 1 5  LEU 5  5  5  LEU LEU F . n 
F 1 6  ORN 6  6  6  ORN ORN F . n 
F 1 7  HAO 7  7  7  HAO HAO F . n 
F 1 8  TYR 8  8  8  TYR TYR F . n 
F 1 9  LYS 9  9  9  LYS LYS F . n 
F 1 10 ORN 10 10 10 ORN ORN F . n 
G 1 1  ALA 1  1  1  ALA ALA G . n 
G 1 2  ILE 2  2  2  ILE ILE G . n 
G 1 3  ILE 3  3  3  ILE ILE G . n 
G 1 4  PHE 4  4  4  PHE PHE G . n 
G 1 5  LEU 5  5  5  LEU LEU G . n 
G 1 6  ORN 6  6  6  ORN ORN G . n 
G 1 7  HAO 7  7  7  HAO HAO G . n 
G 1 8  TYR 8  8  8  TYR TYR G . n 
G 1 9  LYS 9  9  9  LYS LYS G . n 
G 1 10 ORN 10 10 10 ORN ORN G . n 
H 1 1  ALA 1  1  1  ALA ALA H . n 
H 1 2  ILE 2  2  2  ILE ILE H . n 
H 1 3  ILE 3  3  3  ILE ILE H . n 
H 1 4  PHE 4  4  4  PHE PHE H . n 
H 1 5  LEU 5  5  5  LEU LEU H . n 
H 1 6  ORN 6  6  6  ORN ORN H . n 
H 1 7  HAO 7  7  7  HAO HAO H . n 
H 1 8  TYR 8  8  8  TYR TYR H . n 
H 1 9  LYS 9  9  9  LYS LYS H . n 
H 1 10 ORN 10 10 10 ORN ORN H . n 
# 
loop_
_pdbx_nonpoly_scheme.asym_id 
_pdbx_nonpoly_scheme.entity_id 
_pdbx_nonpoly_scheme.mon_id 
_pdbx_nonpoly_scheme.ndb_seq_num 
_pdbx_nonpoly_scheme.pdb_seq_num 
_pdbx_nonpoly_scheme.auth_seq_num 
_pdbx_nonpoly_scheme.pdb_mon_id 
_pdbx_nonpoly_scheme.auth_mon_id 
_pdbx_nonpoly_scheme.pdb_strand_id 
_pdbx_nonpoly_scheme.pdb_ins_code 
I  2 ZN  1 12 12 ZN  ZN  A . 
J  2 ZN  1 18 18 ZN  ZN  A . 
K  3 GOL 1 11 7  GOL GOL B . 
L  2 ZN  1 13 13 ZN  ZN  B . 
M  2 ZN  1 14 14 ZN  ZN  B . 
N  4 CL  1 11 3  CL  CL  C . 
O  4 CL  1 11 2  CL  CL  D . 
P  4 CL  1 11 1  CL  CL  E . 
Q  2 ZN  1 15 15 ZN  ZN  E . 
R  2 ZN  1 19 19 ZN  ZN  E . 
S  4 CL  1 11 4  CL  CL  F . 
T  2 ZN  1 16 16 ZN  ZN  F . 
U  2 ZN  1 17 17 ZN  ZN  F . 
V  3 GOL 1 11 5  GOL GOL G . 
W  3 GOL 1 11 6  GOL GOL H . 
X  5 HOH 1 20 20 HOH HOH A . 
Y  5 HOH 1 12 8  HOH HOH B . 
Y  5 HOH 2 15 15 HOH HOH B . 
Y  5 HOH 3 18 18 HOH HOH B . 
Y  5 HOH 4 19 19 HOH HOH B . 
Z  5 HOH 1 14 14 HOH HOH F . 
AA 5 HOH 1 12 12 HOH HOH G . 
AA 5 HOH 2 13 9  HOH HOH G . 
AA 5 HOH 3 14 10 HOH HOH G . 
AA 5 HOH 4 15 11 HOH HOH G . 
AA 5 HOH 5 17 17 HOH HOH G . 
AA 5 HOH 6 21 21 HOH HOH G . 
AA 5 HOH 7 23 23 HOH HOH G . 
AA 5 HOH 8 24 24 HOH HOH G . 
BA 5 HOH 1 13 13 HOH HOH H . 
BA 5 HOH 2 16 16 HOH HOH H . 
BA 5 HOH 3 22 22 HOH HOH H . 
BA 5 HOH 4 25 25 HOH HOH H . 
# 
loop_
_pdbx_struct_mod_residue.id 
_pdbx_struct_mod_residue.label_asym_id 
_pdbx_struct_mod_residue.label_comp_id 
_pdbx_struct_mod_residue.label_seq_id 
_pdbx_struct_mod_residue.auth_asym_id 
_pdbx_struct_mod_residue.auth_comp_id 
_pdbx_struct_mod_residue.auth_seq_id 
_pdbx_struct_mod_residue.PDB_ins_code 
_pdbx_struct_mod_residue.parent_comp_id 
_pdbx_struct_mod_residue.details 
1  A ORN 6  A ORN 6  ? ALA L-ORNITHINE 
2  A ORN 10 A ORN 10 ? ALA L-ORNITHINE 
3  B ORN 6  B ORN 6  ? ALA L-ORNITHINE 
4  B ORN 10 B ORN 10 ? ALA L-ORNITHINE 
5  C ORN 6  C ORN 6  ? ALA L-ORNITHINE 
6  C ORN 10 C ORN 10 ? ALA L-ORNITHINE 
7  D ORN 6  D ORN 6  ? ALA L-ORNITHINE 
8  D ORN 10 D ORN 10 ? ALA L-ORNITHINE 
9  E ORN 6  E ORN 6  ? ALA L-ORNITHINE 
10 E ORN 10 E ORN 10 ? ALA L-ORNITHINE 
11 F ORN 6  F ORN 6  ? ALA L-ORNITHINE 
12 F ORN 10 F ORN 10 ? ALA L-ORNITHINE 
13 G ORN 6  G ORN 6  ? ALA L-ORNITHINE 
14 G ORN 10 G ORN 10 ? ALA L-ORNITHINE 
15 H ORN 6  H ORN 6  ? ALA L-ORNITHINE 
16 H ORN 10 H ORN 10 ? ALA L-ORNITHINE 
# 
loop_
_pdbx_struct_assembly.id 
_pdbx_struct_assembly.details 
_pdbx_struct_assembly.method_details 
_pdbx_struct_assembly.oligomeric_details 
_pdbx_struct_assembly.oligomeric_count 
1 author_and_software_defined_assembly PISA tetrameric 4 
2 author_and_software_defined_assembly PISA tetrameric 4 
# 
loop_
_pdbx_struct_assembly_gen.assembly_id 
_pdbx_struct_assembly_gen.oper_expression 
_pdbx_struct_assembly_gen.asym_id_list 
1 1 A,B,C,D,I,J,K,L,M,N,O,X,Y       
2 1 E,F,G,H,P,Q,R,S,T,U,V,W,Z,AA,BA 
# 
loop_
_pdbx_struct_assembly_prop.biol_id 
_pdbx_struct_assembly_prop.type 
_pdbx_struct_assembly_prop.value 
_pdbx_struct_assembly_prop.details 
1 'ABSA (A^2)' 3040 ? 
1 MORE         -121 ? 
1 'SSA (A^2)'  3390 ? 
2 'ABSA (A^2)' 2940 ? 
2 MORE         -120 ? 
2 'SSA (A^2)'  3270 ? 
# 
_pdbx_struct_oper_list.id                   1 
_pdbx_struct_oper_list.type                 'identity operation' 
_pdbx_struct_oper_list.name                 1_555 
_pdbx_struct_oper_list.symmetry_operation   x,y,z 
_pdbx_struct_oper_list.matrix[1][1]         1.0000000000 
_pdbx_struct_oper_list.matrix[1][2]         0.0000000000 
_pdbx_struct_oper_list.matrix[1][3]         0.0000000000 
_pdbx_struct_oper_list.vector[1]            0.0000000000 
_pdbx_struct_oper_list.matrix[2][1]         0.0000000000 
_pdbx_struct_oper_list.matrix[2][2]         1.0000000000 
_pdbx_struct_oper_list.matrix[2][3]         0.0000000000 
_pdbx_struct_oper_list.vector[2]            0.0000000000 
_pdbx_struct_oper_list.matrix[3][1]         0.0000000000 
_pdbx_struct_oper_list.matrix[3][2]         0.0000000000 
_pdbx_struct_oper_list.matrix[3][3]         1.0000000000 
_pdbx_struct_oper_list.vector[3]            0.0000000000 
# 
loop_
_pdbx_struct_conn_angle.id 
_pdbx_struct_conn_angle.ptnr1_label_atom_id 
_pdbx_struct_conn_angle.ptnr1_label_alt_id 
_pdbx_struct_conn_angle.ptnr1_label_asym_id 
_pdbx_struct_conn_angle.ptnr1_label_comp_id 
_pdbx_struct_conn_angle.ptnr1_label_seq_id 
_pdbx_struct_conn_angle.ptnr1_auth_atom_id 
_pdbx_struct_conn_angle.ptnr1_auth_asym_id 
_pdbx_struct_conn_angle.ptnr1_auth_comp_id 
_pdbx_struct_conn_angle.ptnr1_auth_seq_id 
_pdbx_struct_conn_angle.ptnr1_PDB_ins_code 
_pdbx_struct_conn_angle.ptnr1_symmetry 
_pdbx_struct_conn_angle.ptnr2_label_atom_id 
_pdbx_struct_conn_angle.ptnr2_label_alt_id 
_pdbx_struct_conn_angle.ptnr2_label_asym_id 
_pdbx_struct_conn_angle.ptnr2_label_comp_id 
_pdbx_struct_conn_angle.ptnr2_label_seq_id 
_pdbx_struct_conn_angle.ptnr2_auth_atom_id 
_pdbx_struct_conn_angle.ptnr2_auth_asym_id 
_pdbx_struct_conn_angle.ptnr2_auth_comp_id 
_pdbx_struct_conn_angle.ptnr2_auth_seq_id 
_pdbx_struct_conn_angle.ptnr2_PDB_ins_code 
_pdbx_struct_conn_angle.ptnr2_symmetry 
_pdbx_struct_conn_angle.ptnr3_label_atom_id 
_pdbx_struct_conn_angle.ptnr3_label_alt_id 
_pdbx_struct_conn_angle.ptnr3_label_asym_id 
_pdbx_struct_conn_angle.ptnr3_label_comp_id 
_pdbx_struct_conn_angle.ptnr3_label_seq_id 
_pdbx_struct_conn_angle.ptnr3_auth_atom_id 
_pdbx_struct_conn_angle.ptnr3_auth_asym_id 
_pdbx_struct_conn_angle.ptnr3_auth_comp_id 
_pdbx_struct_conn_angle.ptnr3_auth_seq_id 
_pdbx_struct_conn_angle.ptnr3_PDB_ins_code 
_pdbx_struct_conn_angle.ptnr3_symmetry 
_pdbx_struct_conn_angle.value 
_pdbx_struct_conn_angle.value_esd 
1  N ? A  ORN 6  ? A ORN 6  ? 1_555 ZN ? J ZN . ? A ZN 18 ? 1_555 O ? A  ORN 6  ? A ORN 6  ? 1_555 84.9  ? 
2  N ? A  ORN 6  ? A ORN 6  ? 1_555 ZN ? J ZN . ? A ZN 18 ? 1_555 O ? H  ORN 6  ? H ORN 6  ? 1_555 92.7  ? 
3  O ? A  ORN 6  ? A ORN 6  ? 1_555 ZN ? J ZN . ? A ZN 18 ? 1_555 O ? H  ORN 6  ? H ORN 6  ? 1_555 88.7  ? 
4  N ? A  ORN 6  ? A ORN 6  ? 1_555 ZN ? J ZN . ? A ZN 18 ? 1_555 N ? H  ORN 6  ? H ORN 6  ? 1_555 166.4 ? 
5  O ? A  ORN 6  ? A ORN 6  ? 1_555 ZN ? J ZN . ? A ZN 18 ? 1_555 N ? H  ORN 6  ? H ORN 6  ? 1_555 84.8  ? 
6  O ? H  ORN 6  ? H ORN 6  ? 1_555 ZN ? J ZN . ? A ZN 18 ? 1_555 N ? H  ORN 6  ? H ORN 6  ? 1_555 78.2  ? 
7  N ? A  ORN 6  ? A ORN 6  ? 1_555 ZN ? J ZN . ? A ZN 18 ? 1_555 O ? BA HOH .  ? H HOH 13 ? 1_555 107.1 ? 
8  O ? A  ORN 6  ? A ORN 6  ? 1_555 ZN ? J ZN . ? A ZN 18 ? 1_555 O ? BA HOH .  ? H HOH 13 ? 1_555 89.1  ? 
9  O ? H  ORN 6  ? H ORN 6  ? 1_555 ZN ? J ZN . ? A ZN 18 ? 1_555 O ? BA HOH .  ? H HOH 13 ? 1_555 159.8 ? 
10 N ? H  ORN 6  ? H ORN 6  ? 1_555 ZN ? J ZN . ? A ZN 18 ? 1_555 O ? BA HOH .  ? H HOH 13 ? 1_555 81.6  ? 
11 N ? A  ORN 6  ? A ORN 6  ? 1_555 ZN ? J ZN . ? A ZN 18 ? 1_555 O ? BA HOH .  ? H HOH 22 ? 1_555 109.7 ? 
12 O ? A  ORN 6  ? A ORN 6  ? 1_555 ZN ? J ZN . ? A ZN 18 ? 1_555 O ? BA HOH .  ? H HOH 22 ? 1_555 164.8 ? 
13 O ? H  ORN 6  ? H ORN 6  ? 1_555 ZN ? J ZN . ? A ZN 18 ? 1_555 O ? BA HOH .  ? H HOH 22 ? 1_555 94.6  ? 
14 N ? H  ORN 6  ? H ORN 6  ? 1_555 ZN ? J ZN . ? A ZN 18 ? 1_555 O ? BA HOH .  ? H HOH 22 ? 1_555 81.3  ? 
15 O ? BA HOH .  ? H HOH 13 ? 1_555 ZN ? J ZN . ? A ZN 18 ? 1_555 O ? BA HOH .  ? H HOH 22 ? 1_555 82.7  ? 
16 O ? A  ORN 10 ? A ORN 10 ? 1_555 ZN ? I ZN . ? A ZN 12 ? 1_555 N ? A  ORN 10 ? A ORN 10 ? 1_555 74.5  ? 
17 O ? A  ORN 10 ? A ORN 10 ? 1_555 ZN ? I ZN . ? A ZN 12 ? 1_555 O ? D  ORN 10 ? D ORN 10 ? 1_555 91.1  ? 
18 N ? A  ORN 10 ? A ORN 10 ? 1_555 ZN ? I ZN . ? A ZN 12 ? 1_555 O ? D  ORN 10 ? D ORN 10 ? 1_555 79.6  ? 
19 O ? A  ORN 10 ? A ORN 10 ? 1_555 ZN ? I ZN . ? A ZN 12 ? 1_555 N ? D  ORN 10 ? D ORN 10 ? 1_555 86.0  ? 
20 N ? A  ORN 10 ? A ORN 10 ? 1_555 ZN ? I ZN . ? A ZN 12 ? 1_555 N ? D  ORN 10 ? D ORN 10 ? 1_555 153.2 ? 
21 O ? D  ORN 10 ? D ORN 10 ? 1_555 ZN ? I ZN . ? A ZN 12 ? 1_555 N ? D  ORN 10 ? D ORN 10 ? 1_555 82.8  ? 
22 O ? B  ORN 6  ? B ORN 6  ? 1_555 ZN ? M ZN . ? B ZN 14 ? 1_555 N ? B  ORN 6  ? B ORN 6  ? 1_555 81.8  ? 
23 O ? B  ORN 6  ? B ORN 6  ? 1_555 ZN ? M ZN . ? B ZN 14 ? 1_555 O ? Y  HOH .  ? B HOH 12 ? 1_555 100.9 ? 
24 N ? B  ORN 6  ? B ORN 6  ? 1_555 ZN ? M ZN . ? B ZN 14 ? 1_555 O ? Y  HOH .  ? B HOH 12 ? 1_555 95.0  ? 
25 O ? B  ORN 6  ? B ORN 6  ? 1_555 ZN ? M ZN . ? B ZN 14 ? 1_555 O ? G  ORN 6  ? G ORN 6  ? 1_555 88.6  ? 
26 N ? B  ORN 6  ? B ORN 6  ? 1_555 ZN ? M ZN . ? B ZN 14 ? 1_555 O ? G  ORN 6  ? G ORN 6  ? 1_555 87.4  ? 
27 O ? Y  HOH .  ? B HOH 12 ? 1_555 ZN ? M ZN . ? B ZN 14 ? 1_555 O ? G  ORN 6  ? G ORN 6  ? 1_555 170.4 ? 
28 O ? B  ORN 6  ? B ORN 6  ? 1_555 ZN ? M ZN . ? B ZN 14 ? 1_555 N ? G  ORN 6  ? G ORN 6  ? 1_555 91.9  ? 
29 N ? B  ORN 6  ? B ORN 6  ? 1_555 ZN ? M ZN . ? B ZN 14 ? 1_555 N ? G  ORN 6  ? G ORN 6  ? 1_555 167.1 ? 
30 O ? Y  HOH .  ? B HOH 12 ? 1_555 ZN ? M ZN . ? B ZN 14 ? 1_555 N ? G  ORN 6  ? G ORN 6  ? 1_555 97.3  ? 
31 O ? G  ORN 6  ? G ORN 6  ? 1_555 ZN ? M ZN . ? B ZN 14 ? 1_555 N ? G  ORN 6  ? G ORN 6  ? 1_555 81.2  ? 
32 O ? B  ORN 6  ? B ORN 6  ? 1_555 ZN ? M ZN . ? B ZN 14 ? 1_555 O ? AA HOH .  ? G HOH 23 ? 1_555 175.4 ? 
33 N ? B  ORN 6  ? B ORN 6  ? 1_555 ZN ? M ZN . ? B ZN 14 ? 1_555 O ? AA HOH .  ? G HOH 23 ? 1_555 93.9  ? 
34 O ? Y  HOH .  ? B HOH 12 ? 1_555 ZN ? M ZN . ? B ZN 14 ? 1_555 O ? AA HOH .  ? G HOH 23 ? 1_555 80.8  ? 
35 O ? G  ORN 6  ? G ORN 6  ? 1_555 ZN ? M ZN . ? B ZN 14 ? 1_555 O ? AA HOH .  ? G HOH 23 ? 1_555 89.7  ? 
36 N ? G  ORN 6  ? G ORN 6  ? 1_555 ZN ? M ZN . ? B ZN 14 ? 1_555 O ? AA HOH .  ? G HOH 23 ? 1_555 92.1  ? 
37 O ? B  ORN 10 ? B ORN 10 ? 1_555 ZN ? L ZN . ? B ZN 13 ? 1_555 N ? B  ORN 10 ? B ORN 10 ? 1_555 74.1  ? 
38 O ? B  ORN 10 ? B ORN 10 ? 1_555 ZN ? L ZN . ? B ZN 13 ? 1_555 O ? C  ORN 10 ? C ORN 10 ? 1_555 84.4  ? 
39 N ? B  ORN 10 ? B ORN 10 ? 1_555 ZN ? L ZN . ? B ZN 13 ? 1_555 O ? C  ORN 10 ? C ORN 10 ? 1_555 82.9  ? 
40 O ? B  ORN 10 ? B ORN 10 ? 1_555 ZN ? L ZN . ? B ZN 13 ? 1_555 N ? C  ORN 10 ? C ORN 10 ? 1_555 82.0  ? 
41 N ? B  ORN 10 ? B ORN 10 ? 1_555 ZN ? L ZN . ? B ZN 13 ? 1_555 N ? C  ORN 10 ? C ORN 10 ? 1_555 145.8 ? 
42 O ? C  ORN 10 ? C ORN 10 ? 1_555 ZN ? L ZN . ? B ZN 13 ? 1_555 N ? C  ORN 10 ? C ORN 10 ? 1_555 70.6  ? 
43 N ? E  ORN 6  ? E ORN 6  ? 1_555 ZN ? Q ZN . ? E ZN 15 ? 1_555 O ? E  ORN 6  ? E ORN 6  ? 1_555 76.4  ? 
44 O ? E  ORN 10 ? E ORN 10 ? 1_555 ZN ? R ZN . ? E ZN 19 ? 1_555 N ? E  ORN 10 ? E ORN 10 ? 1_555 79.4  ? 
45 O ? E  ORN 10 ? E ORN 10 ? 1_555 ZN ? R ZN . ? E ZN 19 ? 1_555 O ? H  ORN 10 ? H ORN 10 ? 1_555 85.8  ? 
46 N ? E  ORN 10 ? E ORN 10 ? 1_555 ZN ? R ZN . ? E ZN 19 ? 1_555 O ? H  ORN 10 ? H ORN 10 ? 1_555 84.8  ? 
47 O ? E  ORN 10 ? E ORN 10 ? 1_555 ZN ? R ZN . ? E ZN 19 ? 1_555 N ? H  ORN 10 ? H ORN 10 ? 1_555 75.8  ? 
48 N ? E  ORN 10 ? E ORN 10 ? 1_555 ZN ? R ZN . ? E ZN 19 ? 1_555 N ? H  ORN 10 ? H ORN 10 ? 1_555 147.4 ? 
49 O ? H  ORN 10 ? H ORN 10 ? 1_555 ZN ? R ZN . ? E ZN 19 ? 1_555 N ? H  ORN 10 ? H ORN 10 ? 1_555 72.7  ? 
50 N ? F  ORN 6  ? F ORN 6  ? 1_555 ZN ? T ZN . ? F ZN 16 ? 1_555 O ? F  ORN 6  ? F ORN 6  ? 1_555 77.8  ? 
51 N ? F  ORN 6  ? F ORN 6  ? 1_555 ZN ? T ZN . ? F ZN 16 ? 1_555 O ? Z  HOH .  ? F HOH 14 ? 1_555 99.3  ? 
52 O ? F  ORN 6  ? F ORN 6  ? 1_555 ZN ? T ZN . ? F ZN 16 ? 1_555 O ? Z  HOH .  ? F HOH 14 ? 1_555 79.0  ? 
53 O ? F  ORN 10 ? F ORN 10 ? 1_555 ZN ? U ZN . ? F ZN 17 ? 1_555 N ? F  ORN 10 ? F ORN 10 ? 1_555 73.9  ? 
54 O ? F  ORN 10 ? F ORN 10 ? 1_555 ZN ? U ZN . ? F ZN 17 ? 1_555 O ? G  ORN 10 ? G ORN 10 ? 1_555 85.6  ? 
55 N ? F  ORN 10 ? F ORN 10 ? 1_555 ZN ? U ZN . ? F ZN 17 ? 1_555 O ? G  ORN 10 ? G ORN 10 ? 1_555 80.5  ? 
56 O ? F  ORN 10 ? F ORN 10 ? 1_555 ZN ? U ZN . ? F ZN 17 ? 1_555 N ? G  ORN 10 ? G ORN 10 ? 1_555 83.3  ? 
57 N ? F  ORN 10 ? F ORN 10 ? 1_555 ZN ? U ZN . ? F ZN 17 ? 1_555 N ? G  ORN 10 ? G ORN 10 ? 1_555 147.4 ? 
58 O ? G  ORN 10 ? G ORN 10 ? 1_555 ZN ? U ZN . ? F ZN 17 ? 1_555 N ? G  ORN 10 ? G ORN 10 ? 1_555 74.8  ? 
# 
loop_
_pdbx_audit_revision_history.ordinal 
_pdbx_audit_revision_history.data_content_type 
_pdbx_audit_revision_history.major_revision 
_pdbx_audit_revision_history.minor_revision 
_pdbx_audit_revision_history.revision_date 
1 'Structure model' 1 0 2011-06-08 
2 'Structure model' 1 1 2011-07-13 
3 'Structure model' 2 0 2023-11-15 
# 
_pdbx_audit_revision_details.ordinal             1 
_pdbx_audit_revision_details.revision_ordinal    1 
_pdbx_audit_revision_details.data_content_type   'Structure model' 
_pdbx_audit_revision_details.provider            repository 
_pdbx_audit_revision_details.type                'Initial release' 
_pdbx_audit_revision_details.description         ? 
_pdbx_audit_revision_details.details             ? 
# 
loop_
_pdbx_audit_revision_group.ordinal 
_pdbx_audit_revision_group.revision_ordinal 
_pdbx_audit_revision_group.data_content_type 
_pdbx_audit_revision_group.group 
1 2 'Structure model' 'Version format compliance' 
2 3 'Structure model' Advisory                    
3 3 'Structure model' 'Atomic model'              
4 3 'Structure model' 'Data collection'           
5 3 'Structure model' 'Database references'       
6 3 'Structure model' 'Derived calculations'      
# 
loop_
_pdbx_audit_revision_category.ordinal 
_pdbx_audit_revision_category.revision_ordinal 
_pdbx_audit_revision_category.data_content_type 
_pdbx_audit_revision_category.category 
1  3 'Structure model' atom_site                      
2  3 'Structure model' atom_site_anisotrop            
3  3 'Structure model' chem_comp_atom                 
4  3 'Structure model' chem_comp_bond                 
5  3 'Structure model' database_2                     
6  3 'Structure model' pdbx_struct_conn_angle         
7  3 'Structure model' pdbx_validate_main_chain_plane 
8  3 'Structure model' pdbx_validate_polymer_linkage  
9  3 'Structure model' pdbx_validate_rmsd_angle       
10 3 'Structure model' struct_conn                    
11 3 'Structure model' struct_site                    
# 
loop_
_pdbx_audit_revision_item.ordinal 
_pdbx_audit_revision_item.revision_ordinal 
_pdbx_audit_revision_item.data_content_type 
_pdbx_audit_revision_item.item 
1  3 'Structure model' '_atom_site.auth_atom_id'                     
2  3 'Structure model' '_atom_site.label_atom_id'                    
3  3 'Structure model' '_atom_site_anisotrop.pdbx_auth_atom_id'      
4  3 'Structure model' '_atom_site_anisotrop.pdbx_label_atom_id'     
5  3 'Structure model' '_database_2.pdbx_DOI'                        
6  3 'Structure model' '_database_2.pdbx_database_accession'         
7  3 'Structure model' '_pdbx_struct_conn_angle.ptnr1_auth_asym_id'  
8  3 'Structure model' '_pdbx_struct_conn_angle.ptnr1_auth_comp_id'  
9  3 'Structure model' '_pdbx_struct_conn_angle.ptnr1_auth_seq_id'   
10 3 'Structure model' '_pdbx_struct_conn_angle.ptnr1_label_asym_id' 
11 3 'Structure model' '_pdbx_struct_conn_angle.ptnr1_label_atom_id' 
12 3 'Structure model' '_pdbx_struct_conn_angle.ptnr1_label_comp_id' 
13 3 'Structure model' '_pdbx_struct_conn_angle.ptnr1_label_seq_id'  
14 3 'Structure model' '_pdbx_struct_conn_angle.ptnr2_auth_asym_id'  
15 3 'Structure model' '_pdbx_struct_conn_angle.ptnr2_auth_seq_id'   
16 3 'Structure model' '_pdbx_struct_conn_angle.ptnr2_label_asym_id' 
17 3 'Structure model' '_pdbx_struct_conn_angle.ptnr3_auth_asym_id'  
18 3 'Structure model' '_pdbx_struct_conn_angle.ptnr3_auth_comp_id'  
19 3 'Structure model' '_pdbx_struct_conn_angle.ptnr3_auth_seq_id'   
20 3 'Structure model' '_pdbx_struct_conn_angle.ptnr3_label_asym_id' 
21 3 'Structure model' '_pdbx_struct_conn_angle.ptnr3_label_atom_id' 
22 3 'Structure model' '_pdbx_struct_conn_angle.ptnr3_label_comp_id' 
23 3 'Structure model' '_pdbx_struct_conn_angle.ptnr3_label_seq_id'  
24 3 'Structure model' '_pdbx_struct_conn_angle.value'               
25 3 'Structure model' '_struct_conn.conn_type_id'                   
26 3 'Structure model' '_struct_conn.id'                             
27 3 'Structure model' '_struct_conn.pdbx_dist_value'                
28 3 'Structure model' '_struct_conn.pdbx_leaving_atom_flag'         
29 3 'Structure model' '_struct_conn.ptnr1_auth_asym_id'             
30 3 'Structure model' '_struct_conn.ptnr1_auth_comp_id'             
31 3 'Structure model' '_struct_conn.ptnr1_auth_seq_id'              
32 3 'Structure model' '_struct_conn.ptnr1_label_asym_id'            
33 3 'Structure model' '_struct_conn.ptnr1_label_atom_id'            
34 3 'Structure model' '_struct_conn.ptnr1_label_comp_id'            
35 3 'Structure model' '_struct_conn.ptnr1_label_seq_id'             
36 3 'Structure model' '_struct_conn.ptnr2_auth_asym_id'             
37 3 'Structure model' '_struct_conn.ptnr2_auth_comp_id'             
38 3 'Structure model' '_struct_conn.ptnr2_auth_seq_id'              
39 3 'Structure model' '_struct_conn.ptnr2_label_asym_id'            
40 3 'Structure model' '_struct_conn.ptnr2_label_atom_id'            
41 3 'Structure model' '_struct_conn.ptnr2_label_comp_id'            
42 3 'Structure model' '_struct_conn.ptnr2_label_seq_id'             
43 3 'Structure model' '_struct_site.pdbx_auth_asym_id'              
44 3 'Structure model' '_struct_site.pdbx_auth_comp_id'              
45 3 'Structure model' '_struct_site.pdbx_auth_seq_id'               
# 
loop_
_pdbx_refine_tls.pdbx_refine_id 
_pdbx_refine_tls.id 
_pdbx_refine_tls.details 
_pdbx_refine_tls.method 
_pdbx_refine_tls.origin_x 
_pdbx_refine_tls.origin_y 
_pdbx_refine_tls.origin_z 
_pdbx_refine_tls.T[1][1] 
_pdbx_refine_tls.T[2][2] 
_pdbx_refine_tls.T[3][3] 
_pdbx_refine_tls.T[1][2] 
_pdbx_refine_tls.T[1][3] 
_pdbx_refine_tls.T[2][3] 
_pdbx_refine_tls.L[1][1] 
_pdbx_refine_tls.L[2][2] 
_pdbx_refine_tls.L[3][3] 
_pdbx_refine_tls.L[1][2] 
_pdbx_refine_tls.L[1][3] 
_pdbx_refine_tls.L[2][3] 
_pdbx_refine_tls.S[1][1] 
_pdbx_refine_tls.S[2][2] 
_pdbx_refine_tls.S[3][3] 
_pdbx_refine_tls.S[1][2] 
_pdbx_refine_tls.S[1][3] 
_pdbx_refine_tls.S[2][3] 
_pdbx_refine_tls.S[2][1] 
_pdbx_refine_tls.S[3][1] 
_pdbx_refine_tls.S[3][2] 
'X-RAY DIFFRACTION' 1 ? refined -3.0409  -4.3935  -5.3126 -0.0165 -0.0338 -0.0644 -0.3788 -0.0358 0.0631  3.8545  10.3630 0.9462  2.3980  -3.0732 1.0195  0.1630 0.2545  -0.4174 0.4794  0.0037  -0.2242 -0.7670 0.8574  -0.3269 
'X-RAY DIFFRACTION' 2 ? refined -5.1020  -2.7006  4.7242  -0.0223 0.0953  -0.0005 -0.2736 -0.1059 0.0639  8.2574  4.8830  3.4792  5.5667  -1.4529 4.2227  0.5364 0.1656  -0.7021 -0.9525 0.2618  -0.0414 0.4903  0.2538  -0.7519 
'X-RAY DIFFRACTION' 3 ? refined -8.4238  -14.3747 -1.1359 0.0512  0.0127  0.0702  -0.4039 -0.0737 0.1007  0.5837  -0.8400 1.7023  1.6843  2.9779  -0.4008 0.1706 -0.2203 0.0498  0.4909  -0.1171 -0.8382 0.9477  0.7355  -0.3166 
'X-RAY DIFFRACTION' 4 ? refined -15.2108 -6.8001  -0.3782 0.0706  0.0065  0.0384  -0.3993 -0.0892 -0.0128 7.7776  1.0595  -0.1860 0.8103  -1.5348 -2.4239 0.0852 -0.2153 0.1301  0.5646  0.5733  0.2719  0.5140  0.1488  -0.4231 
'X-RAY DIFFRACTION' 5 ? refined 8.6591   14.2569  -0.5500 0.0639  -0.1090 0.0838  -0.4303 0.1108  -0.1513 6.2438  3.6666  0.8433  -0.9167 5.1838  1.0843  0.1036 0.0492  -0.1527 0.4688  0.3107  0.9165  0.2486  -0.7969 0.4227  
'X-RAY DIFFRACTION' 6 ? refined 15.0913  6.9198   2.0864  -0.0006 0.0322  0.0700  -0.3732 0.1394  0.0012  10.3508 1.4377  0.2133  2.5222  1.8774  3.7461  0.3878 -0.2966 -0.0913 0.5333  -0.6035 -0.2420 0.5390  -0.0349 0.8106  
'X-RAY DIFFRACTION' 7 ? refined 4.0065   3.9444   -4.8641 0.0373  0.0227  0.0184  -0.3266 0.1149  -0.1437 5.2924  8.6194  6.8074  3.5685  -0.6427 0.5826  0.1334 0.3190  -0.4523 0.3220  -0.1865 -0.1630 -0.6964 -0.5612 0.6368  
'X-RAY DIFFRACTION' 8 ? refined 4.0962   3.2071   5.4491  -0.0534 0.1124  0.0011  -0.2562 0.0881  -0.1247 9.8387  8.0617  3.7996  6.3579  0.4161  0.5657  0.4820 0.1663  -0.6483 -0.9019 0.3357  0.1439  0.7262  -0.3637 0.3828 
# 
loop_
_pdbx_refine_tls_group.pdbx_refine_id 
_pdbx_refine_tls_group.id 
_pdbx_refine_tls_group.refine_tls_id 
_pdbx_refine_tls_group.beg_auth_asym_id 
_pdbx_refine_tls_group.beg_auth_seq_id 
_pdbx_refine_tls_group.end_auth_asym_id 
_pdbx_refine_tls_group.end_auth_seq_id 
_pdbx_refine_tls_group.selection_details 
_pdbx_refine_tls_group.beg_label_asym_id 
_pdbx_refine_tls_group.beg_label_seq_id 
_pdbx_refine_tls_group.end_label_asym_id 
_pdbx_refine_tls_group.end_label_seq_id 
_pdbx_refine_tls_group.selection 
'X-RAY DIFFRACTION' 1 1 A 1 A 10 '{ A|* }' ? ? ? ? ? 
'X-RAY DIFFRACTION' 2 2 B 1 B 10 '{ B|* }' ? ? ? ? ? 
'X-RAY DIFFRACTION' 3 3 C 1 C 10 '{ C|* }' ? ? ? ? ? 
'X-RAY DIFFRACTION' 4 4 D 1 D 10 '{ D|* }' ? ? ? ? ? 
'X-RAY DIFFRACTION' 5 5 E 1 E 10 '{ E|* }' ? ? ? ? ? 
'X-RAY DIFFRACTION' 6 6 F 1 F 10 '{ F|* }' ? ? ? ? ? 
'X-RAY DIFFRACTION' 7 7 G 1 G 10 '{ G|* }' ? ? ? ? ? 
'X-RAY DIFFRACTION' 8 8 H 1 H 10 '{ H|* }' ? ? ? ? ? 
# 
loop_
_software.pdbx_ordinal 
_software.name 
_software.version 
_software.date 
_software.type 
_software.contact_author 
_software.contact_author_email 
_software.classification 
_software.location 
_software.language 
_software.citation_id 
1 XSCALE      .       ?               package 'Wolfgang Kabsch' ?                                'data scaling'    
http://www.mpimf-heidelberg.mpg.de/~kabsch/xds/html_doc/xscale_program.html ?   ? 
2 BUSTER-TNT  .       ?               program 'Gerard Bricogne' buster-develop@GlobalPhasing.com refinement        
http://www.globalphasing.com/buster/                                        ?   ? 
3 PDB_EXTRACT 3.10    'June 10, 2010' package PDB               deposit@deposit.rcsb.org         'data extraction' 
http://sw-tools.pdb.org/apps/PDB_EXTRACT/                                   C++ ? 
4 ADSC        Quantum ?               ?       ?                 ?                                'data collection' ? ?   ? 
5 XDS         .       ?               ?       ?                 ?                                'data reduction'  ? ?   ? 
6 SHELXE      .       ?               ?       ?                 ?                                'model building'  ? ?   ? 
7 BUSTER      2.8.0   ?               ?       ?                 ?                                refinement        ? ?   ? 
# 
loop_
_pdbx_validate_rmsd_angle.id 
_pdbx_validate_rmsd_angle.PDB_model_num 
_pdbx_validate_rmsd_angle.auth_atom_id_1 
_pdbx_validate_rmsd_angle.auth_asym_id_1 
_pdbx_validate_rmsd_angle.auth_comp_id_1 
_pdbx_validate_rmsd_angle.auth_seq_id_1 
_pdbx_validate_rmsd_angle.PDB_ins_code_1 
_pdbx_validate_rmsd_angle.label_alt_id_1 
_pdbx_validate_rmsd_angle.auth_atom_id_2 
_pdbx_validate_rmsd_angle.auth_asym_id_2 
_pdbx_validate_rmsd_angle.auth_comp_id_2 
_pdbx_validate_rmsd_angle.auth_seq_id_2 
_pdbx_validate_rmsd_angle.PDB_ins_code_2 
_pdbx_validate_rmsd_angle.label_alt_id_2 
_pdbx_validate_rmsd_angle.auth_atom_id_3 
_pdbx_validate_rmsd_angle.auth_asym_id_3 
_pdbx_validate_rmsd_angle.auth_comp_id_3 
_pdbx_validate_rmsd_angle.auth_seq_id_3 
_pdbx_validate_rmsd_angle.PDB_ins_code_3 
_pdbx_validate_rmsd_angle.label_alt_id_3 
_pdbx_validate_rmsd_angle.angle_value 
_pdbx_validate_rmsd_angle.angle_target_value 
_pdbx_validate_rmsd_angle.angle_deviation 
_pdbx_validate_rmsd_angle.angle_standard_deviation 
_pdbx_validate_rmsd_angle.linker_flag 
1  1 C  A ORN 6 ? ? N A HAO 7 ? ? CA A HAO 7 ? ? 141.08 121.70 19.38 2.50 Y 
2  1 CA A HAO 7 ? ? C A HAO 7 ? ? N  A TYR 8 ? ? 148.86 117.20 31.66 2.20 Y 
3  1 C  B ORN 6 ? ? N B HAO 7 ? ? CA B HAO 7 ? ? 140.82 121.70 19.12 2.50 Y 
4  1 CA B HAO 7 ? ? C B HAO 7 ? ? N  B TYR 8 ? ? 148.87 117.20 31.67 2.20 Y 
5  1 C  C ORN 6 ? ? N C HAO 7 ? ? CA C HAO 7 ? ? 139.91 121.70 18.21 2.50 Y 
6  1 CA C HAO 7 ? ? C C HAO 7 ? ? N  C TYR 8 ? ? 150.09 117.20 32.89 2.20 Y 
7  1 C  D ORN 6 ? ? N D HAO 7 ? ? CA D HAO 7 ? ? 141.42 121.70 19.72 2.50 Y 
8  1 CA D HAO 7 ? ? C D HAO 7 ? ? N  D TYR 8 ? ? 149.81 117.20 32.61 2.20 Y 
9  1 C  E ORN 6 ? ? N E HAO 7 ? ? CA E HAO 7 ? ? 140.61 121.70 18.91 2.50 Y 
10 1 CA E HAO 7 ? ? C E HAO 7 ? ? N  E TYR 8 ? ? 149.64 117.20 32.44 2.20 Y 
11 1 C  F ORN 6 ? ? N F HAO 7 ? ? CA F HAO 7 ? ? 141.29 121.70 19.59 2.50 Y 
12 1 CA F HAO 7 ? ? C F HAO 7 ? ? N  F TYR 8 ? ? 149.99 117.20 32.79 2.20 Y 
13 1 C  G ORN 6 ? ? N G HAO 7 ? ? CA G HAO 7 ? ? 139.32 121.70 17.62 2.50 Y 
14 1 CA G HAO 7 ? ? C G HAO 7 ? ? N  G TYR 8 ? ? 148.31 117.20 31.11 2.20 Y 
15 1 C  H ORN 6 ? ? N H HAO 7 ? ? CA H HAO 7 ? ? 140.72 121.70 19.02 2.50 Y 
16 1 CA H HAO 7 ? ? C H HAO 7 ? ? N  H TYR 8 ? ? 149.12 117.20 31.92 2.20 Y 
# 
loop_
_pdbx_validate_main_chain_plane.id 
_pdbx_validate_main_chain_plane.PDB_model_num 
_pdbx_validate_main_chain_plane.auth_comp_id 
_pdbx_validate_main_chain_plane.auth_asym_id 
_pdbx_validate_main_chain_plane.auth_seq_id 
_pdbx_validate_main_chain_plane.PDB_ins_code 
_pdbx_validate_main_chain_plane.label_alt_id 
_pdbx_validate_main_chain_plane.improper_torsion_angle 
1 1 HAO B 7 ? ? -10.71 
2 1 HAO G 7 ? ? -10.32 
# 
loop_
_chem_comp_atom.comp_id 
_chem_comp_atom.atom_id 
_chem_comp_atom.type_symbol 
_chem_comp_atom.pdbx_aromatic_flag 
_chem_comp_atom.pdbx_stereo_config 
_chem_comp_atom.pdbx_ordinal 
ALA N    N  N N 1   
ALA CA   C  N S 2   
ALA C    C  N N 3   
ALA O    O  N N 4   
ALA CB   C  N N 5   
ALA OXT  O  N N 6   
ALA H    H  N N 7   
ALA H2   H  N N 8   
ALA HA   H  N N 9   
ALA HB1  H  N N 10  
ALA HB2  H  N N 11  
ALA HB3  H  N N 12  
ALA HXT  H  N N 13  
CL  CL   CL N N 14  
GOL C1   C  N N 15  
GOL O1   O  N N 16  
GOL C2   C  N N 17  
GOL O2   O  N N 18  
GOL C3   C  N N 19  
GOL O3   O  N N 20  
GOL H11  H  N N 21  
GOL H12  H  N N 22  
GOL HO1  H  N N 23  
GOL H2   H  N N 24  
GOL HO2  H  N N 25  
GOL H31  H  N N 26  
GOL H32  H  N N 27  
GOL HO3  H  N N 28  
HAO N    N  N N 29  
HAO N9   N  N N 30  
HAO C10  C  N N 31  
HAO O11  O  N N 32  
HAO CA   C  Y N 33  
HAO C13  C  Y N 34  
HAO C14  C  Y N 35  
HAO C15  C  N N 36  
HAO O15  O  N N 37  
HAO C17  C  Y N 38  
HAO C18  C  Y N 39  
HAO C19  C  Y N 40  
HAO N20  N  N N 41  
HAO C21  C  N N 42  
HAO O22  O  N N 43  
HAO C    C  N N 44  
HAO O    O  N N 45  
HAO H    H  N N 46  
HAO H13  H  N N 47  
HAO H15  H  N N 48  
HAO H15A H  N N 49  
HAO H15B H  N N 50  
HAO H17  H  N N 51  
HAO H18  H  N N 52  
HAO HN20 H  N N 53  
HAO OXT  O  N N 54  
HAO H2   H  N N 55  
HAO H10  H  N N 56  
HAO HXT  H  N N 57  
HOH O    O  N N 58  
HOH H1   H  N N 59  
HOH H2   H  N N 60  
ILE N    N  N N 61  
ILE CA   C  N S 62  
ILE C    C  N N 63  
ILE O    O  N N 64  
ILE CB   C  N S 65  
ILE CG1  C  N N 66  
ILE CG2  C  N N 67  
ILE CD1  C  N N 68  
ILE OXT  O  N N 69  
ILE H    H  N N 70  
ILE H2   H  N N 71  
ILE HA   H  N N 72  
ILE HB   H  N N 73  
ILE HG12 H  N N 74  
ILE HG13 H  N N 75  
ILE HG21 H  N N 76  
ILE HG22 H  N N 77  
ILE HG23 H  N N 78  
ILE HD11 H  N N 79  
ILE HD12 H  N N 80  
ILE HD13 H  N N 81  
ILE HXT  H  N N 82  
LEU N    N  N N 83  
LEU CA   C  N S 84  
LEU C    C  N N 85  
LEU O    O  N N 86  
LEU CB   C  N N 87  
LEU CG   C  N N 88  
LEU CD1  C  N N 89  
LEU CD2  C  N N 90  
LEU OXT  O  N N 91  
LEU H    H  N N 92  
LEU H2   H  N N 93  
LEU HA   H  N N 94  
LEU HB2  H  N N 95  
LEU HB3  H  N N 96  
LEU HG   H  N N 97  
LEU HD11 H  N N 98  
LEU HD12 H  N N 99  
LEU HD13 H  N N 100 
LEU HD21 H  N N 101 
LEU HD22 H  N N 102 
LEU HD23 H  N N 103 
LEU HXT  H  N N 104 
LYS N    N  N N 105 
LYS CA   C  N S 106 
LYS C    C  N N 107 
LYS O    O  N N 108 
LYS CB   C  N N 109 
LYS CG   C  N N 110 
LYS CD   C  N N 111 
LYS CE   C  N N 112 
LYS NZ   N  N N 113 
LYS OXT  O  N N 114 
LYS H    H  N N 115 
LYS H2   H  N N 116 
LYS HA   H  N N 117 
LYS HB2  H  N N 118 
LYS HB3  H  N N 119 
LYS HG2  H  N N 120 
LYS HG3  H  N N 121 
LYS HD2  H  N N 122 
LYS HD3  H  N N 123 
LYS HE2  H  N N 124 
LYS HE3  H  N N 125 
LYS HZ1  H  N N 126 
LYS HZ2  H  N N 127 
LYS HZ3  H  N N 128 
LYS HXT  H  N N 129 
ORN N    N  N N 130 
ORN CA   C  N S 131 
ORN CB   C  N N 132 
ORN CG   C  N N 133 
ORN CD   C  N N 134 
ORN NE   N  N N 135 
ORN C    C  N N 136 
ORN O    O  N N 137 
ORN OXT  O  N N 138 
ORN H    H  N N 139 
ORN H2   H  N N 140 
ORN HA   H  N N 141 
ORN HB2  H  N N 142 
ORN HB3  H  N N 143 
ORN HG2  H  N N 144 
ORN HG3  H  N N 145 
ORN HD2  H  N N 146 
ORN HD3  H  N N 147 
ORN HE1  H  N N 148 
ORN HE2  H  N N 149 
ORN HXT  H  N N 150 
PHE N    N  N N 151 
PHE CA   C  N S 152 
PHE C    C  N N 153 
PHE O    O  N N 154 
PHE CB   C  N N 155 
PHE CG   C  Y N 156 
PHE CD1  C  Y N 157 
PHE CD2  C  Y N 158 
PHE CE1  C  Y N 159 
PHE CE2  C  Y N 160 
PHE CZ   C  Y N 161 
PHE OXT  O  N N 162 
PHE H    H  N N 163 
PHE H2   H  N N 164 
PHE HA   H  N N 165 
PHE HB2  H  N N 166 
PHE HB3  H  N N 167 
PHE HD1  H  N N 168 
PHE HD2  H  N N 169 
PHE HE1  H  N N 170 
PHE HE2  H  N N 171 
PHE HZ   H  N N 172 
PHE HXT  H  N N 173 
TYR N    N  N N 174 
TYR CA   C  N S 175 
TYR C    C  N N 176 
TYR O    O  N N 177 
TYR CB   C  N N 178 
TYR CG   C  Y N 179 
TYR CD1  C  Y N 180 
TYR CD2  C  Y N 181 
TYR CE1  C  Y N 182 
TYR CE2  C  Y N 183 
TYR CZ   C  Y N 184 
TYR OH   O  N N 185 
TYR OXT  O  N N 186 
TYR H    H  N N 187 
TYR H2   H  N N 188 
TYR HA   H  N N 189 
TYR HB2  H  N N 190 
TYR HB3  H  N N 191 
TYR HD1  H  N N 192 
TYR HD2  H  N N 193 
TYR HE1  H  N N 194 
TYR HE2  H  N N 195 
TYR HH   H  N N 196 
TYR HXT  H  N N 197 
ZN  ZN   ZN N N 198 
# 
loop_
_chem_comp_bond.comp_id 
_chem_comp_bond.atom_id_1 
_chem_comp_bond.atom_id_2 
_chem_comp_bond.value_order 
_chem_comp_bond.pdbx_aromatic_flag 
_chem_comp_bond.pdbx_stereo_config 
_chem_comp_bond.pdbx_ordinal 
ALA N   CA   sing N N 1   
ALA N   H    sing N N 2   
ALA N   H2   sing N N 3   
ALA CA  C    sing N N 4   
ALA CA  CB   sing N N 5   
ALA CA  HA   sing N N 6   
ALA C   O    doub N N 7   
ALA C   OXT  sing N N 8   
ALA CB  HB1  sing N N 9   
ALA CB  HB2  sing N N 10  
ALA CB  HB3  sing N N 11  
ALA OXT HXT  sing N N 12  
GOL C1  O1   sing N N 13  
GOL C1  C2   sing N N 14  
GOL C1  H11  sing N N 15  
GOL C1  H12  sing N N 16  
GOL O1  HO1  sing N N 17  
GOL C2  O2   sing N N 18  
GOL C2  C3   sing N N 19  
GOL C2  H2   sing N N 20  
GOL O2  HO2  sing N N 21  
GOL C3  O3   sing N N 22  
GOL C3  H31  sing N N 23  
GOL C3  H32  sing N N 24  
GOL O3  HO3  sing N N 25  
HAO N   N9   sing N N 26  
HAO N   H    sing N N 27  
HAO C10 N9   sing N N 28  
HAO C10 CA   sing N N 29  
HAO O11 C10  doub N N 30  
HAO CA  C14  sing Y N 31  
HAO C13 CA   doub Y N 32  
HAO C13 C19  sing Y N 33  
HAO C13 H13  sing N N 34  
HAO C14 C17  doub Y N 35  
HAO C14 O15  sing N N 36  
HAO C15 H15  sing N N 37  
HAO C15 H15A sing N N 38  
HAO C15 H15B sing N N 39  
HAO O15 C15  sing N N 40  
HAO C17 H17  sing N N 41  
HAO C18 C17  sing Y N 42  
HAO C18 H18  sing N N 43  
HAO C19 C18  doub Y N 44  
HAO N20 C19  sing N N 45  
HAO N20 HN20 sing N N 46  
HAO C21 N20  sing N N 47  
HAO C21 O22  doub N N 48  
HAO C   C21  sing N N 49  
HAO C   OXT  sing N N 50  
HAO O   C    doub N N 51  
HAO N   H2   sing N N 52  
HAO N9  H10  sing N N 53  
HAO OXT HXT  sing N N 54  
HOH O   H1   sing N N 55  
HOH O   H2   sing N N 56  
ILE N   CA   sing N N 57  
ILE N   H    sing N N 58  
ILE N   H2   sing N N 59  
ILE CA  C    sing N N 60  
ILE CA  CB   sing N N 61  
ILE CA  HA   sing N N 62  
ILE C   O    doub N N 63  
ILE C   OXT  sing N N 64  
ILE CB  CG1  sing N N 65  
ILE CB  CG2  sing N N 66  
ILE CB  HB   sing N N 67  
ILE CG1 CD1  sing N N 68  
ILE CG1 HG12 sing N N 69  
ILE CG1 HG13 sing N N 70  
ILE CG2 HG21 sing N N 71  
ILE CG2 HG22 sing N N 72  
ILE CG2 HG23 sing N N 73  
ILE CD1 HD11 sing N N 74  
ILE CD1 HD12 sing N N 75  
ILE CD1 HD13 sing N N 76  
ILE OXT HXT  sing N N 77  
LEU N   CA   sing N N 78  
LEU N   H    sing N N 79  
LEU N   H2   sing N N 80  
LEU CA  C    sing N N 81  
LEU CA  CB   sing N N 82  
LEU CA  HA   sing N N 83  
LEU C   O    doub N N 84  
LEU C   OXT  sing N N 85  
LEU CB  CG   sing N N 86  
LEU CB  HB2  sing N N 87  
LEU CB  HB3  sing N N 88  
LEU CG  CD1  sing N N 89  
LEU CG  CD2  sing N N 90  
LEU CG  HG   sing N N 91  
LEU CD1 HD11 sing N N 92  
LEU CD1 HD12 sing N N 93  
LEU CD1 HD13 sing N N 94  
LEU CD2 HD21 sing N N 95  
LEU CD2 HD22 sing N N 96  
LEU CD2 HD23 sing N N 97  
LEU OXT HXT  sing N N 98  
LYS N   CA   sing N N 99  
LYS N   H    sing N N 100 
LYS N   H2   sing N N 101 
LYS CA  C    sing N N 102 
LYS CA  CB   sing N N 103 
LYS CA  HA   sing N N 104 
LYS C   O    doub N N 105 
LYS C   OXT  sing N N 106 
LYS CB  CG   sing N N 107 
LYS CB  HB2  sing N N 108 
LYS CB  HB3  sing N N 109 
LYS CG  CD   sing N N 110 
LYS CG  HG2  sing N N 111 
LYS CG  HG3  sing N N 112 
LYS CD  CE   sing N N 113 
LYS CD  HD2  sing N N 114 
LYS CD  HD3  sing N N 115 
LYS CE  NZ   sing N N 116 
LYS CE  HE2  sing N N 117 
LYS CE  HE3  sing N N 118 
LYS NZ  HZ1  sing N N 119 
LYS NZ  HZ2  sing N N 120 
LYS NZ  HZ3  sing N N 121 
LYS OXT HXT  sing N N 122 
ORN N   CA   sing N N 123 
ORN N   H    sing N N 124 
ORN N   H2   sing N N 125 
ORN CA  CB   sing N N 126 
ORN CA  C    sing N N 127 
ORN CA  HA   sing N N 128 
ORN CB  CG   sing N N 129 
ORN CB  HB2  sing N N 130 
ORN CB  HB3  sing N N 131 
ORN CG  CD   sing N N 132 
ORN CG  HG2  sing N N 133 
ORN CG  HG3  sing N N 134 
ORN CD  NE   sing N N 135 
ORN CD  HD2  sing N N 136 
ORN CD  HD3  sing N N 137 
ORN NE  HE1  sing N N 138 
ORN NE  HE2  sing N N 139 
ORN C   O    doub N N 140 
ORN C   OXT  sing N N 141 
ORN OXT HXT  sing N N 142 
PHE N   CA   sing N N 143 
PHE N   H    sing N N 144 
PHE N   H2   sing N N 145 
PHE CA  C    sing N N 146 
PHE CA  CB   sing N N 147 
PHE CA  HA   sing N N 148 
PHE C   O    doub N N 149 
PHE C   OXT  sing N N 150 
PHE CB  CG   sing N N 151 
PHE CB  HB2  sing N N 152 
PHE CB  HB3  sing N N 153 
PHE CG  CD1  doub Y N 154 
PHE CG  CD2  sing Y N 155 
PHE CD1 CE1  sing Y N 156 
PHE CD1 HD1  sing N N 157 
PHE CD2 CE2  doub Y N 158 
PHE CD2 HD2  sing N N 159 
PHE CE1 CZ   doub Y N 160 
PHE CE1 HE1  sing N N 161 
PHE CE2 CZ   sing Y N 162 
PHE CE2 HE2  sing N N 163 
PHE CZ  HZ   sing N N 164 
PHE OXT HXT  sing N N 165 
TYR N   CA   sing N N 166 
TYR N   H    sing N N 167 
TYR N   H2   sing N N 168 
TYR CA  C    sing N N 169 
TYR CA  CB   sing N N 170 
TYR CA  HA   sing N N 171 
TYR C   O    doub N N 172 
TYR C   OXT  sing N N 173 
TYR CB  CG   sing N N 174 
TYR CB  HB2  sing N N 175 
TYR CB  HB3  sing N N 176 
TYR CG  CD1  doub Y N 177 
TYR CG  CD2  sing Y N 178 
TYR CD1 CE1  sing Y N 179 
TYR CD1 HD1  sing N N 180 
TYR CD2 CE2  doub Y N 181 
TYR CD2 HD2  sing N N 182 
TYR CE1 CZ   doub Y N 183 
TYR CE1 HE1  sing N N 184 
TYR CE2 CZ   sing Y N 185 
TYR CE2 HE2  sing N N 186 
TYR CZ  OH   sing N N 187 
TYR OH  HH   sing N N 188 
TYR OXT HXT  sing N N 189 
# 
loop_
_pdbx_entity_nonpoly.entity_id 
_pdbx_entity_nonpoly.name 
_pdbx_entity_nonpoly.comp_id 
2 'ZINC ION'     ZN  
3 GLYCEROL       GOL 
4 'CHLORIDE ION' CL  
5 water          HOH 
# 
